data_5WOY
#
_entry.id   5WOY
#
_entity_poly.entity_id   1
_entity_poly.type   'polypeptide(L)'
_entity_poly.pdbx_seq_one_letter_code
;MLKGVAASPGIAIGKAFLYTKEKVTINVEKIEESKVEEEIAKFRKALEVTQEEIEKIKEKALKEFGKEKAEIFEAHLMLA
SDPELIEGVENMIKTELVTADNAVNKVIEQNASVMESLNDEYLKERAVDLRDVGNRIIENLLGVKSVNLSDLEEEVVVIA
RDLTPSDTATMKKEMVLGFATDVGGRTSHTAIMARSLEIPAVVGLGNVTSQVKAGDLVIVDGLEGIVIVNPDEKTVEDYK
SKKESYEK
;
_entity_poly.pdbx_strand_id   A
#
# COMPACT_ATOMS: atom_id res chain seq x y z
N MET A 1 17.96 18.94 7.48
CA MET A 1 16.92 18.03 7.94
C MET A 1 15.75 18.00 6.96
N LEU A 2 14.85 17.05 7.16
CA LEU A 2 13.64 16.95 6.33
C LEU A 2 12.44 17.52 7.05
N LYS A 3 11.59 18.23 6.31
CA LYS A 3 10.40 18.85 6.88
C LYS A 3 9.18 18.59 6.01
N GLY A 4 8.06 18.24 6.66
CA GLY A 4 6.82 17.94 5.94
C GLY A 4 5.61 18.14 6.83
N VAL A 5 4.65 17.22 6.74
CA VAL A 5 3.41 17.33 7.49
C VAL A 5 3.42 16.42 8.71
N ALA A 6 3.31 17.02 9.90
CA ALA A 6 3.25 16.25 11.13
C ALA A 6 1.95 15.44 11.23
N ALA A 7 1.99 14.23 10.67
CA ALA A 7 0.81 13.37 10.67
C ALA A 7 0.43 12.94 12.08
N SER A 8 1.44 12.71 12.91
CA SER A 8 1.22 12.37 14.31
C SER A 8 2.38 12.86 15.18
N PRO A 9 2.05 13.41 16.34
CA PRO A 9 3.06 13.97 17.24
C PRO A 9 3.80 12.87 17.98
N GLY A 10 4.97 13.20 18.51
CA GLY A 10 5.75 12.26 19.30
C GLY A 10 7.18 12.16 18.78
N ILE A 11 8.01 11.40 19.49
CA ILE A 11 9.39 11.18 19.08
C ILE A 11 9.72 9.71 18.97
N ALA A 12 10.20 9.30 17.80
CA ALA A 12 10.58 7.90 17.58
C ALA A 12 12.01 7.81 17.06
N ILE A 13 12.79 6.92 17.65
CA ILE A 13 14.20 6.77 17.31
C ILE A 13 14.55 5.32 17.03
N GLY A 14 15.16 5.08 15.87
CA GLY A 14 15.65 3.74 15.52
C GLY A 14 15.91 3.63 14.02
N LYS A 15 15.84 2.41 13.51
CA LYS A 15 16.18 2.14 12.11
C LYS A 15 15.09 2.62 11.17
N ALA A 16 15.46 2.92 9.94
CA ALA A 16 14.49 3.15 8.88
C ALA A 16 14.74 2.24 7.68
N PHE A 17 13.67 1.76 7.07
CA PHE A 17 13.78 0.90 5.90
C PHE A 17 13.04 1.50 4.71
N LEU A 18 13.65 1.38 3.53
CA LEU A 18 13.09 1.98 2.33
C LEU A 18 12.34 0.94 1.49
N TYR A 19 11.04 1.17 1.32
CA TYR A 19 10.21 0.28 0.50
C TYR A 19 10.62 0.35 -0.97
N THR A 20 10.94 -0.81 -1.53
CA THR A 20 11.25 -0.90 -2.96
C THR A 20 10.25 -1.80 -3.68
N LYS A 21 9.73 -1.31 -4.80
CA LYS A 21 8.73 -2.05 -5.56
C LYS A 21 9.14 -2.21 -7.02
N GLU A 22 9.09 -3.44 -7.51
CA GLU A 22 9.41 -3.72 -8.90
C GLU A 22 8.55 -2.91 -9.86
N LYS A 23 9.18 -2.33 -10.88
CA LYS A 23 8.46 -1.51 -11.84
C LYS A 23 7.32 -2.29 -12.48
N VAL A 24 6.13 -1.70 -12.46
CA VAL A 24 4.94 -2.36 -12.99
C VAL A 24 4.72 -2.01 -14.45
N THR A 25 5.24 -2.86 -15.34
CA THR A 25 5.03 -2.69 -16.77
C THR A 25 3.90 -3.57 -17.27
N ILE A 26 2.81 -2.93 -17.70
CA ILE A 26 1.60 -3.66 -18.08
C ILE A 26 1.54 -3.89 -19.59
N ASN A 27 1.36 -5.14 -19.98
CA ASN A 27 1.37 -5.50 -21.39
C ASN A 27 -0.05 -5.64 -21.94
N VAL A 28 -0.49 -4.64 -22.69
CA VAL A 28 -1.87 -4.60 -23.18
C VAL A 28 -1.91 -4.80 -24.70
N GLU A 29 -0.84 -5.39 -25.24
CA GLU A 29 -0.75 -5.61 -26.67
C GLU A 29 -1.69 -6.72 -27.13
N LYS A 30 -2.33 -6.51 -28.27
CA LYS A 30 -3.24 -7.51 -28.83
C LYS A 30 -2.49 -8.78 -29.21
N ILE A 31 -3.11 -9.92 -28.93
CA ILE A 31 -2.43 -11.20 -29.06
C ILE A 31 -3.12 -12.09 -30.09
N GLU A 32 -2.47 -13.20 -30.45
CA GLU A 32 -3.07 -14.19 -31.33
C GLU A 32 -4.25 -14.89 -30.66
N GLU A 33 -5.25 -15.25 -31.46
CA GLU A 33 -6.49 -15.80 -30.93
C GLU A 33 -6.24 -17.15 -30.25
N SER A 34 -5.13 -17.77 -30.60
CA SER A 34 -4.75 -19.05 -30.00
C SER A 34 -4.27 -18.88 -28.58
N LYS A 35 -3.97 -17.64 -28.20
CA LYS A 35 -3.43 -17.33 -26.89
C LYS A 35 -4.53 -16.86 -25.93
N VAL A 36 -5.77 -16.89 -26.40
CA VAL A 36 -6.90 -16.50 -25.58
C VAL A 36 -7.00 -17.36 -24.33
N GLU A 37 -6.98 -18.68 -24.53
CA GLU A 37 -7.06 -19.62 -23.42
C GLU A 37 -5.85 -19.50 -22.49
N GLU A 38 -4.70 -19.18 -23.08
CA GLU A 38 -3.48 -18.98 -22.30
C GLU A 38 -3.65 -17.85 -21.30
N GLU A 39 -4.17 -16.72 -21.76
CA GLU A 39 -4.34 -15.55 -20.90
C GLU A 39 -5.42 -15.80 -19.85
N ILE A 40 -6.47 -16.51 -20.25
CA ILE A 40 -7.53 -16.87 -19.32
C ILE A 40 -7.02 -17.77 -18.21
N ALA A 41 -6.22 -18.77 -18.58
CA ALA A 41 -5.60 -19.67 -17.61
C ALA A 41 -4.74 -18.90 -16.62
N LYS A 42 -3.91 -18.00 -17.14
CA LYS A 42 -3.05 -17.18 -16.29
C LYS A 42 -3.86 -16.26 -15.40
N PHE A 43 -4.95 -15.74 -15.94
CA PHE A 43 -5.86 -14.89 -15.17
C PHE A 43 -6.42 -15.63 -13.97
N ARG A 44 -6.91 -16.84 -14.21
CA ARG A 44 -7.48 -17.66 -13.14
C ARG A 44 -6.43 -18.03 -12.10
N LYS A 45 -5.21 -18.27 -12.56
CA LYS A 45 -4.09 -18.52 -11.67
C LYS A 45 -3.75 -17.29 -10.85
N ALA A 46 -3.80 -16.13 -11.49
CA ALA A 46 -3.54 -14.87 -10.80
C ALA A 46 -4.60 -14.59 -9.74
N LEU A 47 -5.83 -15.01 -10.02
CA LEU A 47 -6.92 -14.88 -9.06
C LEU A 47 -6.65 -15.70 -7.81
N GLU A 48 -6.12 -16.91 -8.00
CA GLU A 48 -5.73 -17.76 -6.88
C GLU A 48 -4.64 -17.10 -6.04
N VAL A 49 -3.66 -16.50 -6.71
CA VAL A 49 -2.61 -15.75 -6.03
C VAL A 49 -3.17 -14.50 -5.36
N THR A 50 -4.10 -13.84 -6.04
CA THR A 50 -4.74 -12.64 -5.50
C THR A 50 -5.52 -12.95 -4.24
N GLN A 51 -6.23 -14.07 -4.25
CA GLN A 51 -6.97 -14.52 -3.08
C GLN A 51 -6.04 -14.79 -1.90
N GLU A 52 -4.93 -15.45 -2.18
CA GLU A 52 -3.89 -15.67 -1.16
C GLU A 52 -3.36 -14.35 -0.63
N GLU A 53 -3.00 -13.45 -1.54
CA GLU A 53 -2.49 -12.14 -1.16
C GLU A 53 -3.45 -11.43 -0.21
N ILE A 54 -4.69 -11.28 -0.65
CA ILE A 54 -5.69 -10.53 0.13
C ILE A 54 -5.96 -11.21 1.46
N GLU A 55 -6.09 -12.52 1.44
CA GLU A 55 -6.37 -13.29 2.65
C GLU A 55 -5.29 -13.06 3.70
N LYS A 56 -4.03 -13.18 3.29
CA LYS A 56 -2.91 -13.01 4.21
C LYS A 56 -2.83 -11.58 4.71
N ILE A 57 -3.14 -10.63 3.84
CA ILE A 57 -3.24 -9.22 4.23
C ILE A 57 -4.34 -9.01 5.26
N LYS A 58 -5.50 -9.60 5.00
CA LYS A 58 -6.62 -9.50 5.93
C LYS A 58 -6.23 -10.00 7.33
N GLU A 59 -5.50 -11.11 7.38
CA GLU A 59 -5.03 -11.66 8.64
C GLU A 59 -4.22 -10.62 9.41
N LYS A 60 -3.22 -10.05 8.76
CA LYS A 60 -2.36 -9.05 9.38
C LYS A 60 -3.18 -7.84 9.84
N ALA A 61 -4.10 -7.40 8.98
CA ALA A 61 -4.96 -6.27 9.31
C ALA A 61 -5.85 -6.57 10.51
N LEU A 62 -6.42 -7.77 10.52
CA LEU A 62 -7.30 -8.18 11.60
C LEU A 62 -6.58 -8.21 12.94
N LYS A 63 -5.38 -8.77 12.94
CA LYS A 63 -4.64 -9.00 14.18
C LYS A 63 -4.05 -7.69 14.71
N GLU A 64 -3.70 -6.79 13.81
CA GLU A 64 -2.99 -5.58 14.17
C GLU A 64 -3.94 -4.41 14.33
N PHE A 65 -4.93 -4.33 13.44
CA PHE A 65 -5.81 -3.17 13.37
C PHE A 65 -7.24 -3.54 13.77
N GLY A 66 -7.65 -4.75 13.43
CA GLY A 66 -8.97 -5.24 13.79
C GLY A 66 -9.88 -5.34 12.57
N LYS A 67 -11.15 -5.62 12.82
CA LYS A 67 -12.11 -5.83 11.74
C LYS A 67 -12.28 -4.58 10.90
N GLU A 68 -12.03 -3.42 11.50
CA GLU A 68 -12.10 -2.15 10.79
C GLU A 68 -11.39 -2.24 9.44
N LYS A 69 -10.23 -2.87 9.43
CA LYS A 69 -9.44 -2.99 8.21
C LYS A 69 -9.67 -4.33 7.52
N ALA A 70 -9.89 -5.37 8.32
CA ALA A 70 -10.02 -6.72 7.80
C ALA A 70 -11.27 -6.85 6.92
N GLU A 71 -12.35 -6.20 7.34
CA GLU A 71 -13.60 -6.24 6.60
C GLU A 71 -13.45 -5.57 5.24
N ILE A 72 -12.61 -4.55 5.17
CA ILE A 72 -12.27 -3.91 3.91
C ILE A 72 -11.61 -4.89 2.95
N PHE A 73 -10.70 -5.70 3.48
CA PHE A 73 -9.97 -6.67 2.67
C PHE A 73 -10.85 -7.88 2.35
N GLU A 74 -11.83 -8.13 3.19
CA GLU A 74 -12.88 -9.11 2.88
C GLU A 74 -13.69 -8.68 1.67
N ALA A 75 -14.01 -7.40 1.60
CA ALA A 75 -14.64 -6.83 0.41
C ALA A 75 -13.76 -6.97 -0.81
N HIS A 76 -12.47 -6.71 -0.65
CA HIS A 76 -11.49 -6.89 -1.72
C HIS A 76 -11.47 -8.34 -2.19
N LEU A 77 -11.53 -9.27 -1.24
CA LEU A 77 -11.52 -10.69 -1.56
C LEU A 77 -12.75 -11.10 -2.36
N MET A 78 -13.91 -10.59 -1.94
CA MET A 78 -15.16 -10.88 -2.64
C MET A 78 -15.16 -10.30 -4.05
N LEU A 79 -14.54 -9.14 -4.20
CA LEU A 79 -14.37 -8.53 -5.52
C LEU A 79 -13.49 -9.39 -6.40
N ALA A 80 -12.37 -9.86 -5.85
CA ALA A 80 -11.46 -10.74 -6.58
C ALA A 80 -12.14 -12.05 -6.95
N SER A 81 -13.05 -12.50 -6.10
CA SER A 81 -13.72 -13.78 -6.30
C SER A 81 -15.05 -13.60 -7.02
N ASP A 82 -15.36 -12.35 -7.37
CA ASP A 82 -16.65 -12.02 -7.98
C ASP A 82 -16.78 -12.67 -9.35
N PRO A 83 -17.72 -13.61 -9.48
CA PRO A 83 -17.93 -14.31 -10.73
C PRO A 83 -18.16 -13.36 -11.88
N GLU A 84 -18.81 -12.23 -11.59
CA GLU A 84 -19.17 -11.25 -12.61
C GLU A 84 -17.93 -10.58 -13.18
N LEU A 85 -17.02 -10.20 -12.29
CA LEU A 85 -15.75 -9.58 -12.70
C LEU A 85 -14.84 -10.60 -13.37
N ILE A 86 -14.86 -11.83 -12.87
CA ILE A 86 -14.04 -12.90 -13.42
C ILE A 86 -14.42 -13.22 -14.85
N GLU A 87 -15.72 -13.46 -15.06
CA GLU A 87 -16.23 -13.80 -16.39
C GLU A 87 -16.11 -12.61 -17.34
N GLY A 88 -16.30 -11.41 -16.80
CA GLY A 88 -16.15 -10.19 -17.60
C GLY A 88 -14.77 -10.10 -18.23
N VAL A 89 -13.74 -10.37 -17.42
CA VAL A 89 -12.36 -10.32 -17.90
C VAL A 89 -12.11 -11.42 -18.94
N GLU A 90 -12.54 -12.63 -18.62
CA GLU A 90 -12.31 -13.77 -19.50
C GLU A 90 -12.99 -13.58 -20.85
N ASN A 91 -14.20 -13.02 -20.82
CA ASN A 91 -14.93 -12.71 -22.05
C ASN A 91 -14.25 -11.58 -22.82
N MET A 92 -13.68 -10.62 -22.09
CA MET A 92 -12.95 -9.53 -22.71
C MET A 92 -11.71 -10.03 -23.45
N ILE A 93 -11.03 -10.99 -22.83
CA ILE A 93 -9.86 -11.60 -23.45
C ILE A 93 -10.21 -12.23 -24.80
N LYS A 94 -11.24 -13.05 -24.80
CA LYS A 94 -11.64 -13.78 -26.01
C LYS A 94 -12.24 -12.83 -27.05
N THR A 95 -13.07 -11.90 -26.57
CA THR A 95 -13.82 -11.02 -27.46
C THR A 95 -12.89 -10.12 -28.27
N GLU A 96 -11.93 -9.51 -27.57
CA GLU A 96 -11.04 -8.54 -28.19
C GLU A 96 -9.70 -9.16 -28.55
N LEU A 97 -9.51 -10.42 -28.16
CA LEU A 97 -8.27 -11.13 -28.44
C LEU A 97 -7.07 -10.42 -27.83
N VAL A 98 -7.22 -10.00 -26.57
CA VAL A 98 -6.18 -9.22 -25.91
C VAL A 98 -5.64 -9.97 -24.68
N THR A 99 -4.69 -9.35 -23.99
CA THR A 99 -4.07 -9.96 -22.82
C THR A 99 -5.00 -9.88 -21.61
N ALA A 100 -4.70 -10.69 -20.60
CA ALA A 100 -5.39 -10.59 -19.32
C ALA A 100 -5.13 -9.25 -18.65
N ASP A 101 -3.92 -8.71 -18.85
CA ASP A 101 -3.59 -7.37 -18.39
C ASP A 101 -4.55 -6.35 -18.97
N ASN A 102 -4.69 -6.35 -20.30
CA ASN A 102 -5.61 -5.45 -20.98
C ASN A 102 -7.04 -5.66 -20.50
N ALA A 103 -7.47 -6.92 -20.45
CA ALA A 103 -8.84 -7.26 -20.11
C ALA A 103 -9.19 -6.76 -18.71
N VAL A 104 -8.35 -7.10 -17.73
CA VAL A 104 -8.58 -6.67 -16.36
C VAL A 104 -8.57 -5.16 -16.25
N ASN A 105 -7.59 -4.52 -16.89
CA ASN A 105 -7.49 -3.07 -16.86
C ASN A 105 -8.78 -2.41 -17.34
N LYS A 106 -9.30 -2.90 -18.46
CA LYS A 106 -10.46 -2.28 -19.10
C LYS A 106 -11.74 -2.56 -18.30
N VAL A 107 -11.94 -3.82 -17.93
CA VAL A 107 -13.13 -4.22 -17.20
C VAL A 107 -13.20 -3.54 -15.84
N ILE A 108 -12.09 -3.53 -15.12
CA ILE A 108 -12.03 -2.89 -13.82
C ILE A 108 -12.22 -1.39 -13.92
N GLU A 109 -11.57 -0.78 -14.90
CA GLU A 109 -11.69 0.65 -15.13
C GLU A 109 -13.12 1.03 -15.49
N GLN A 110 -13.74 0.25 -16.37
CA GLN A 110 -15.10 0.53 -16.83
C GLN A 110 -16.07 0.54 -15.66
N ASN A 111 -16.11 -0.56 -14.91
CA ASN A 111 -17.08 -0.71 -13.84
C ASN A 111 -16.85 0.32 -12.74
N ALA A 112 -15.58 0.62 -12.47
CA ALA A 112 -15.23 1.63 -11.48
C ALA A 112 -15.69 3.01 -11.92
N SER A 113 -15.50 3.32 -13.19
CA SER A 113 -15.84 4.63 -13.72
C SER A 113 -17.35 4.85 -13.71
N VAL A 114 -18.10 3.78 -13.85
CA VAL A 114 -19.56 3.84 -13.75
C VAL A 114 -19.98 4.24 -12.34
N MET A 115 -19.46 3.54 -11.34
CA MET A 115 -19.77 3.84 -9.95
C MET A 115 -19.36 5.27 -9.58
N GLU A 116 -18.27 5.73 -10.15
CA GLU A 116 -17.79 7.09 -9.92
C GLU A 116 -18.67 8.11 -10.62
N SER A 117 -19.11 7.75 -11.83
CA SER A 117 -19.91 8.67 -12.65
C SER A 117 -21.31 8.86 -12.05
N LEU A 118 -21.71 7.92 -11.21
CA LEU A 118 -23.00 8.02 -10.53
C LEU A 118 -22.98 9.11 -9.46
N ASN A 119 -21.79 9.61 -9.16
CA ASN A 119 -21.64 10.70 -8.21
C ASN A 119 -22.11 10.29 -6.82
N ASP A 120 -21.95 9.01 -6.49
CA ASP A 120 -22.24 8.52 -5.15
C ASP A 120 -20.95 8.24 -4.37
N GLU A 121 -20.72 9.04 -3.34
CA GLU A 121 -19.46 9.00 -2.61
C GLU A 121 -19.21 7.61 -2.02
N TYR A 122 -20.29 6.92 -1.68
CA TYR A 122 -20.20 5.54 -1.22
C TYR A 122 -19.65 4.63 -2.32
N LEU A 123 -20.23 4.72 -3.50
CA LEU A 123 -19.84 3.87 -4.63
C LEU A 123 -18.47 4.26 -5.15
N LYS A 124 -18.09 5.53 -4.94
CA LYS A 124 -16.74 5.98 -5.26
C LYS A 124 -15.70 5.27 -4.41
N GLU A 125 -15.98 5.17 -3.11
CA GLU A 125 -15.13 4.40 -2.20
C GLU A 125 -15.05 2.94 -2.64
N ARG A 126 -16.19 2.38 -3.04
CA ARG A 126 -16.23 1.01 -3.54
C ARG A 126 -15.49 0.88 -4.85
N ALA A 127 -15.54 1.93 -5.67
CA ALA A 127 -14.80 1.97 -6.92
C ALA A 127 -13.30 1.92 -6.68
N VAL A 128 -12.84 2.62 -5.65
CA VAL A 128 -11.44 2.56 -5.24
C VAL A 128 -11.06 1.15 -4.82
N ASP A 129 -11.93 0.50 -4.05
CA ASP A 129 -11.73 -0.90 -3.69
C ASP A 129 -11.59 -1.77 -4.93
N LEU A 130 -12.47 -1.57 -5.90
CA LEU A 130 -12.42 -2.31 -7.15
C LEU A 130 -11.12 -2.05 -7.91
N ARG A 131 -10.75 -0.77 -7.99
CA ARG A 131 -9.52 -0.38 -8.67
C ARG A 131 -8.30 -1.07 -8.06
N ASP A 132 -8.27 -1.11 -6.72
CA ASP A 132 -7.16 -1.71 -6.01
C ASP A 132 -7.02 -3.20 -6.35
N VAL A 133 -8.14 -3.91 -6.28
CA VAL A 133 -8.16 -5.34 -6.57
C VAL A 133 -7.68 -5.61 -7.99
N GLY A 134 -8.21 -4.85 -8.95
CA GLY A 134 -7.86 -5.01 -10.35
C GLY A 134 -6.36 -4.83 -10.57
N ASN A 135 -5.80 -3.78 -9.96
CA ASN A 135 -4.39 -3.48 -10.11
C ASN A 135 -3.52 -4.61 -9.57
N ARG A 136 -3.93 -5.16 -8.43
CA ARG A 136 -3.15 -6.21 -7.77
C ARG A 136 -3.20 -7.50 -8.57
N ILE A 137 -4.33 -7.74 -9.23
CA ILE A 137 -4.46 -8.88 -10.14
C ILE A 137 -3.48 -8.76 -11.30
N ILE A 138 -3.40 -7.57 -11.89
CA ILE A 138 -2.47 -7.31 -12.98
C ILE A 138 -1.03 -7.49 -12.51
N GLU A 139 -0.72 -6.98 -11.33
CA GLU A 139 0.61 -7.11 -10.75
C GLU A 139 0.97 -8.57 -10.52
N ASN A 140 -0.03 -9.37 -10.15
CA ASN A 140 0.16 -10.80 -9.92
C ASN A 140 0.35 -11.53 -11.25
N LEU A 141 -0.30 -11.03 -12.30
CA LEU A 141 -0.06 -11.52 -13.64
C LEU A 141 1.36 -11.18 -14.10
N LEU A 142 1.83 -10.00 -13.74
CA LEU A 142 3.16 -9.55 -14.13
C LEU A 142 4.24 -10.19 -13.26
N GLY A 143 3.86 -10.52 -12.02
CA GLY A 143 4.80 -11.09 -11.06
C GLY A 143 5.60 -10.00 -10.36
N VAL A 144 4.93 -8.89 -10.05
CA VAL A 144 5.60 -7.75 -9.42
C VAL A 144 5.95 -8.05 -7.98
N LYS A 145 7.24 -7.98 -7.66
CA LYS A 145 7.71 -8.22 -6.30
C LYS A 145 8.08 -6.91 -5.62
N SER A 146 8.17 -6.95 -4.29
CA SER A 146 8.55 -5.77 -3.51
C SER A 146 9.02 -6.17 -2.12
N VAL A 147 9.59 -5.21 -1.40
CA VAL A 147 10.16 -5.48 -0.08
C VAL A 147 9.05 -5.70 0.95
N ASN A 148 9.10 -6.85 1.61
CA ASN A 148 8.10 -7.19 2.62
C ASN A 148 8.43 -6.56 3.96
N LEU A 149 8.20 -5.26 4.07
CA LEU A 149 8.52 -4.52 5.30
C LEU A 149 7.64 -4.98 6.45
N SER A 150 6.45 -5.48 6.12
CA SER A 150 5.49 -5.91 7.13
C SER A 150 5.97 -7.15 7.87
N ASP A 151 6.97 -7.81 7.31
CA ASP A 151 7.49 -9.05 7.89
C ASP A 151 8.72 -8.78 8.75
N LEU A 152 9.04 -7.49 8.93
CA LEU A 152 10.12 -7.09 9.82
C LEU A 152 9.70 -7.20 11.28
N GLU A 153 10.62 -7.73 12.10
CA GLU A 153 10.33 -7.92 13.52
C GLU A 153 11.13 -6.95 14.38
N GLU A 154 11.21 -5.70 13.94
CA GLU A 154 11.89 -4.66 14.70
C GLU A 154 11.25 -3.30 14.47
N GLU A 155 11.21 -2.48 15.52
CA GLU A 155 10.72 -1.12 15.42
C GLU A 155 11.50 -0.33 14.39
N VAL A 156 10.90 -0.12 13.23
CA VAL A 156 11.54 0.61 12.14
C VAL A 156 10.64 1.69 11.58
N VAL A 157 11.24 2.70 10.96
CA VAL A 157 10.48 3.75 10.29
C VAL A 157 10.15 3.37 8.85
N VAL A 158 8.91 3.59 8.46
CA VAL A 158 8.44 3.20 7.13
C VAL A 158 8.71 4.29 6.11
N ILE A 159 9.72 4.07 5.27
CA ILE A 159 10.05 5.01 4.20
C ILE A 159 9.56 4.50 2.84
N ALA A 160 8.76 5.31 2.17
CA ALA A 160 8.21 4.94 0.87
C ALA A 160 7.80 6.16 0.07
N ARG A 161 7.74 6.01 -1.25
CA ARG A 161 7.36 7.10 -2.13
C ARG A 161 5.85 7.30 -2.14
N ASP A 162 5.10 6.20 -2.13
CA ASP A 162 3.64 6.25 -2.21
C ASP A 162 3.02 4.96 -1.69
N LEU A 163 2.35 5.07 -0.54
CA LEU A 163 1.65 3.93 0.03
C LEU A 163 0.15 4.21 0.15
N THR A 164 -0.65 3.15 0.09
CA THR A 164 -2.07 3.26 0.35
C THR A 164 -2.44 2.60 1.68
N PRO A 165 -3.61 2.95 2.20
CA PRO A 165 -4.11 2.34 3.44
C PRO A 165 -4.11 0.82 3.34
N SER A 166 -4.34 0.30 2.13
CA SER A 166 -4.39 -1.13 1.92
C SER A 166 -3.02 -1.78 2.07
N ASP A 167 -1.98 -0.95 1.96
CA ASP A 167 -0.60 -1.42 2.11
C ASP A 167 -0.10 -1.26 3.54
N THR A 168 -0.48 -0.15 4.16
CA THR A 168 0.00 0.18 5.50
C THR A 168 -0.72 -0.64 6.57
N ALA A 169 -1.87 -1.20 6.19
CA ALA A 169 -2.66 -2.01 7.11
C ALA A 169 -2.02 -3.39 7.31
N THR A 170 -0.92 -3.64 6.59
CA THR A 170 -0.16 -4.87 6.77
C THR A 170 0.90 -4.70 7.84
N MET A 171 1.23 -3.46 8.17
CA MET A 171 2.35 -3.17 9.05
C MET A 171 1.98 -3.40 10.51
N LYS A 172 2.84 -4.14 11.21
CA LYS A 172 2.59 -4.46 12.61
C LYS A 172 2.76 -3.23 13.50
N LYS A 173 1.76 -2.98 14.35
CA LYS A 173 1.76 -1.79 15.19
C LYS A 173 3.09 -1.62 15.91
N GLU A 174 3.56 -2.69 16.54
CA GLU A 174 4.68 -2.60 17.48
C GLU A 174 6.01 -2.62 16.74
N MET A 175 5.96 -2.78 15.43
CA MET A 175 7.16 -2.86 14.61
C MET A 175 7.31 -1.62 13.74
N VAL A 176 6.49 -0.61 14.00
CA VAL A 176 6.56 0.65 13.27
C VAL A 176 6.86 1.82 14.20
N LEU A 177 7.95 2.52 13.92
CA LEU A 177 8.28 3.74 14.65
C LEU A 177 7.47 4.93 14.16
N GLY A 178 7.22 4.96 12.85
CA GLY A 178 6.48 6.07 12.24
C GLY A 178 6.47 5.94 10.72
N PHE A 179 5.85 6.91 10.05
CA PHE A 179 5.74 6.89 8.60
C PHE A 179 6.32 8.17 7.99
N ALA A 180 6.94 8.02 6.83
CA ALA A 180 7.41 9.17 6.06
C ALA A 180 7.36 8.89 4.57
N THR A 181 6.78 9.82 3.82
CA THR A 181 6.48 9.60 2.41
C THR A 181 6.97 10.76 1.55
N ASP A 182 7.15 10.50 0.25
CA ASP A 182 7.45 11.55 -0.70
C ASP A 182 6.22 12.40 -0.99
N VAL A 183 5.05 11.78 -0.95
CA VAL A 183 3.82 12.43 -1.40
C VAL A 183 2.84 12.61 -0.24
N GLY A 184 1.86 13.47 -0.43
CA GLY A 184 0.82 13.68 0.57
C GLY A 184 -0.51 13.10 0.11
N GLY A 185 -0.45 12.12 -0.77
CA GLY A 185 -1.64 11.60 -1.42
C GLY A 185 -2.54 10.88 -0.41
N ARG A 186 -1.95 10.46 0.70
CA ARG A 186 -2.70 9.78 1.75
C ARG A 186 -2.38 10.35 3.11
N THR A 187 -2.07 11.65 3.15
CA THR A 187 -1.69 12.31 4.39
C THR A 187 -2.70 12.05 5.50
N SER A 188 -3.98 12.24 5.17
CA SER A 188 -5.04 12.17 6.17
C SER A 188 -5.17 10.77 6.74
N HIS A 189 -4.85 9.77 5.92
CA HIS A 189 -4.92 8.37 6.34
C HIS A 189 -3.75 8.01 7.23
N THR A 190 -2.58 8.52 6.90
CA THR A 190 -1.39 8.29 7.72
C THR A 190 -1.48 9.04 9.04
N ALA A 191 -2.21 10.16 9.03
CA ALA A 191 -2.46 10.91 10.26
C ALA A 191 -3.35 10.13 11.21
N ILE A 192 -4.49 9.66 10.71
CA ILE A 192 -5.42 8.88 11.52
C ILE A 192 -4.78 7.58 11.99
N MET A 193 -4.13 6.89 11.07
CA MET A 193 -3.53 5.59 11.36
C MET A 193 -2.45 5.72 12.43
N ALA A 194 -1.48 6.60 12.17
CA ALA A 194 -0.35 6.76 13.07
C ALA A 194 -0.80 7.11 14.49
N ARG A 195 -1.80 7.98 14.58
CA ARG A 195 -2.35 8.38 15.87
C ARG A 195 -2.99 7.20 16.59
N SER A 196 -3.71 6.38 15.83
CA SER A 196 -4.37 5.20 16.40
C SER A 196 -3.35 4.14 16.77
N LEU A 197 -2.18 4.19 16.15
CA LEU A 197 -1.10 3.27 16.47
C LEU A 197 -0.22 3.82 17.59
N GLU A 198 -0.54 5.02 18.04
CA GLU A 198 0.17 5.63 19.16
C GLU A 198 1.63 5.91 18.80
N ILE A 199 1.86 6.27 17.55
CA ILE A 199 3.20 6.57 17.07
C ILE A 199 3.23 7.89 16.29
N PRO A 200 4.39 8.53 16.26
CA PRO A 200 4.58 9.75 15.48
C PRO A 200 4.70 9.42 14.00
N ALA A 201 4.48 10.43 13.16
CA ALA A 201 4.66 10.29 11.72
C ALA A 201 4.76 11.64 11.04
N VAL A 202 5.67 11.74 10.07
CA VAL A 202 5.83 12.96 9.29
C VAL A 202 5.89 12.66 7.80
N VAL A 203 4.84 13.03 7.07
CA VAL A 203 4.65 12.58 5.70
C VAL A 203 4.67 13.76 4.74
N GLY A 204 4.82 13.46 3.45
CA GLY A 204 4.89 14.49 2.42
C GLY A 204 6.21 15.26 2.51
N LEU A 205 7.28 14.54 2.79
CA LEU A 205 8.60 15.15 2.91
C LEU A 205 9.14 15.58 1.55
N GLY A 206 8.84 14.80 0.53
CA GLY A 206 9.18 15.17 -0.84
C GLY A 206 10.12 14.14 -1.48
N ASN A 207 11.23 13.88 -0.82
CA ASN A 207 12.28 13.06 -1.38
C ASN A 207 12.95 12.19 -0.32
N VAL A 208 12.18 11.79 0.69
CA VAL A 208 12.69 11.02 1.80
C VAL A 208 13.27 9.68 1.32
N THR A 209 12.78 9.21 0.17
CA THR A 209 13.22 7.95 -0.38
C THR A 209 14.65 8.05 -0.91
N SER A 210 15.06 9.28 -1.23
CA SER A 210 16.41 9.52 -1.72
C SER A 210 17.36 9.91 -0.60
N GLN A 211 16.79 10.46 0.47
CA GLN A 211 17.61 10.97 1.58
C GLN A 211 17.75 9.92 2.68
N VAL A 212 16.80 9.00 2.74
CA VAL A 212 16.83 7.92 3.72
C VAL A 212 16.87 6.56 3.04
N LYS A 213 17.87 5.75 3.40
CA LYS A 213 18.00 4.41 2.85
C LYS A 213 17.85 3.35 3.93
N ALA A 214 17.63 2.11 3.52
CA ALA A 214 17.40 1.02 4.45
C ALA A 214 18.61 0.81 5.36
N GLY A 215 18.36 0.84 6.67
CA GLY A 215 19.42 0.58 7.65
C GLY A 215 19.89 1.88 8.31
N ASP A 216 19.47 3.00 7.75
CA ASP A 216 19.88 4.31 8.25
C ASP A 216 19.20 4.62 9.59
N LEU A 217 19.93 5.29 10.47
CA LEU A 217 19.35 5.80 11.71
C LEU A 217 18.52 7.05 11.46
N VAL A 218 17.26 7.00 11.88
CA VAL A 218 16.32 8.10 11.63
C VAL A 218 15.56 8.48 12.89
N ILE A 219 15.42 9.77 13.12
CA ILE A 219 14.58 10.27 14.20
C ILE A 219 13.32 10.95 13.65
N VAL A 220 12.17 10.48 14.10
CA VAL A 220 10.89 11.07 13.68
C VAL A 220 10.39 12.06 14.73
N ASP A 221 10.36 13.34 14.35
CA ASP A 221 9.90 14.39 15.26
C ASP A 221 8.55 14.94 14.82
N GLY A 222 7.48 14.38 15.37
CA GLY A 222 6.13 14.75 14.96
C GLY A 222 5.67 16.02 15.66
N LEU A 223 6.44 16.45 16.65
CA LEU A 223 6.13 17.68 17.38
C LEU A 223 6.52 18.91 16.57
N GLU A 224 7.66 18.83 15.89
CA GLU A 224 8.08 19.90 14.98
C GLU A 224 7.64 19.60 13.55
N GLY A 225 7.45 18.33 13.25
CA GLY A 225 7.06 17.91 11.90
C GLY A 225 8.27 17.76 11.00
N ILE A 226 9.36 17.22 11.56
CA ILE A 226 10.60 17.06 10.80
C ILE A 226 11.17 15.66 10.98
N VAL A 227 12.05 15.26 10.07
CA VAL A 227 12.72 13.97 10.15
C VAL A 227 14.22 14.12 9.98
N ILE A 228 14.98 13.47 10.87
CA ILE A 228 16.43 13.57 10.85
C ILE A 228 17.08 12.25 10.48
N VAL A 229 17.87 12.26 9.41
CA VAL A 229 18.58 11.07 8.98
C VAL A 229 20.08 11.19 9.27
N ASN A 230 20.65 10.13 9.81
CA ASN A 230 22.02 10.17 10.33
C ASN A 230 22.20 11.29 11.34
N PRO A 231 21.46 11.21 12.44
CA PRO A 231 21.58 12.20 13.51
C PRO A 231 23.00 12.26 14.05
N ASP A 232 23.42 13.45 14.45
CA ASP A 232 24.66 13.62 15.18
C ASP A 232 24.56 13.02 16.58
N GLU A 233 25.71 12.70 17.17
CA GLU A 233 25.75 12.10 18.50
C GLU A 233 24.92 12.91 19.49
N LYS A 234 25.14 14.23 19.51
CA LYS A 234 24.39 15.12 20.37
C LYS A 234 22.90 15.05 20.06
N THR A 235 22.56 15.08 18.78
CA THR A 235 21.17 15.05 18.35
C THR A 235 20.45 13.81 18.88
N VAL A 236 21.13 12.67 18.82
CA VAL A 236 20.58 11.42 19.33
C VAL A 236 20.25 11.54 20.81
N GLU A 237 21.20 12.05 21.59
CA GLU A 237 21.05 12.13 23.03
C GLU A 237 20.00 13.18 23.42
N ASP A 238 19.94 14.25 22.64
CA ASP A 238 18.92 15.29 22.86
C ASP A 238 17.52 14.74 22.69
N TYR A 239 17.28 14.08 21.57
CA TYR A 239 15.97 13.50 21.28
C TYR A 239 15.71 12.27 22.14
N LYS A 240 16.79 11.60 22.55
CA LYS A 240 16.69 10.48 23.49
C LYS A 240 16.03 10.90 24.79
N SER A 241 16.53 11.97 25.38
CA SER A 241 16.00 12.46 26.65
C SER A 241 14.61 13.05 26.48
N LYS A 242 14.37 13.67 25.33
CA LYS A 242 13.06 14.23 25.01
C LYS A 242 12.04 13.12 24.78
N LYS A 243 12.45 12.09 24.05
CA LYS A 243 11.59 10.93 23.82
C LYS A 243 11.07 10.36 25.13
N GLU A 244 11.97 10.13 26.07
CA GLU A 244 11.60 9.57 27.37
C GLU A 244 10.76 10.56 28.17
N SER A 245 11.08 11.84 28.03
CA SER A 245 10.34 12.89 28.74
C SER A 245 8.86 12.86 28.38
N TYR A 246 8.57 12.60 27.10
CA TYR A 246 7.20 12.58 26.61
C TYR A 246 6.60 11.18 26.73
N GLU A 247 7.45 10.17 26.59
CA GLU A 247 6.99 8.78 26.59
C GLU A 247 6.68 8.31 28.01
N LYS A 248 7.60 8.57 28.93
CA LYS A 248 7.46 8.11 30.31
C LYS A 248 6.51 9.02 31.09
N MET A 1 16.82 19.42 5.80
CA MET A 1 16.22 18.09 5.93
C MET A 1 15.07 17.90 4.96
N LEU A 2 14.47 16.72 4.98
CA LEU A 2 13.37 16.41 4.07
C LEU A 2 12.05 16.99 4.56
N LYS A 3 11.84 18.27 4.28
CA LYS A 3 10.61 18.95 4.66
C LYS A 3 9.47 18.62 3.70
N GLY A 4 8.30 18.32 4.24
CA GLY A 4 7.15 17.97 3.43
C GLY A 4 5.85 18.24 4.17
N VAL A 5 4.88 17.34 4.01
CA VAL A 5 3.56 17.53 4.60
C VAL A 5 3.39 16.66 5.85
N ALA A 6 3.25 17.31 7.00
CA ALA A 6 3.12 16.60 8.27
C ALA A 6 1.68 16.12 8.48
N ALA A 7 1.54 14.86 8.88
CA ALA A 7 0.23 14.30 9.19
C ALA A 7 -0.15 14.54 10.63
N SER A 8 0.85 14.56 11.51
CA SER A 8 0.61 14.74 12.94
C SER A 8 1.90 15.08 13.67
N PRO A 9 1.82 16.04 14.59
CA PRO A 9 2.97 16.41 15.41
C PRO A 9 3.53 15.20 16.16
N GLY A 10 4.85 15.18 16.32
CA GLY A 10 5.51 14.08 17.00
C GLY A 10 6.88 13.79 16.39
N ILE A 11 7.64 12.91 17.02
CA ILE A 11 8.94 12.49 16.52
C ILE A 11 9.09 10.98 16.56
N ALA A 12 9.32 10.38 15.39
CA ALA A 12 9.58 8.95 15.30
C ALA A 12 11.05 8.66 15.08
N ILE A 13 11.63 7.84 15.94
CA ILE A 13 13.05 7.51 15.85
C ILE A 13 13.26 6.00 15.82
N GLY A 14 13.77 5.50 14.71
CA GLY A 14 14.01 4.07 14.55
C GLY A 14 14.76 3.78 13.25
N LYS A 15 14.64 2.55 12.77
CA LYS A 15 15.34 2.13 11.56
C LYS A 15 14.44 2.27 10.33
N ALA A 16 15.06 2.27 9.16
CA ALA A 16 14.32 2.49 7.91
C ALA A 16 13.71 1.20 7.39
N PHE A 17 12.43 1.26 7.02
CA PHE A 17 11.78 0.16 6.31
C PHE A 17 11.25 0.61 4.97
N LEU A 18 12.00 0.34 3.90
CA LEU A 18 11.69 0.86 2.59
C LEU A 18 11.04 -0.20 1.71
N TYR A 19 9.96 0.17 1.05
CA TYR A 19 9.39 -0.66 -0.02
C TYR A 19 9.04 0.19 -1.24
N THR A 20 9.74 -0.07 -2.34
CA THR A 20 9.58 0.73 -3.56
C THR A 20 8.79 -0.04 -4.61
N LYS A 21 8.45 0.65 -5.70
CA LYS A 21 7.72 0.03 -6.80
C LYS A 21 7.98 0.76 -8.11
N GLU A 22 8.29 0.00 -9.16
CA GLU A 22 8.56 0.58 -10.47
C GLU A 22 7.44 0.25 -11.45
N LYS A 23 7.31 1.06 -12.49
CA LYS A 23 6.28 0.86 -13.50
C LYS A 23 6.75 -0.14 -14.56
N VAL A 24 5.92 -1.15 -14.81
CA VAL A 24 6.22 -2.16 -15.83
C VAL A 24 5.44 -1.90 -17.11
N THR A 25 6.13 -1.94 -18.24
CA THR A 25 5.50 -1.71 -19.53
C THR A 25 4.44 -2.77 -19.83
N ILE A 26 3.25 -2.32 -20.20
CA ILE A 26 2.16 -3.23 -20.53
C ILE A 26 1.74 -3.08 -21.99
N ASN A 27 1.58 -4.21 -22.67
CA ASN A 27 1.09 -4.22 -24.04
C ASN A 27 -0.41 -3.94 -24.08
N VAL A 28 -0.77 -2.72 -24.47
CA VAL A 28 -2.17 -2.28 -24.46
C VAL A 28 -2.72 -2.15 -25.87
N GLU A 29 -2.08 -2.82 -26.81
CA GLU A 29 -2.51 -2.79 -28.21
C GLU A 29 -3.26 -4.06 -28.58
N LYS A 30 -2.55 -4.98 -29.23
CA LYS A 30 -3.14 -6.25 -29.64
C LYS A 30 -2.18 -7.41 -29.42
N ILE A 31 -2.73 -8.58 -29.14
CA ILE A 31 -1.93 -9.80 -29.05
C ILE A 31 -2.45 -10.86 -30.02
N GLU A 32 -1.64 -11.89 -30.25
CA GLU A 32 -2.04 -13.01 -31.10
C GLU A 32 -3.28 -13.69 -30.54
N GLU A 33 -4.20 -14.03 -31.44
CA GLU A 33 -5.48 -14.62 -31.04
C GLU A 33 -5.26 -15.86 -30.18
N SER A 34 -4.25 -16.64 -30.51
CA SER A 34 -3.98 -17.88 -29.81
C SER A 34 -3.50 -17.63 -28.38
N LYS A 35 -3.11 -16.39 -28.11
CA LYS A 35 -2.57 -16.02 -26.80
C LYS A 35 -3.67 -15.49 -25.90
N VAL A 36 -4.89 -15.45 -26.41
CA VAL A 36 -6.06 -15.05 -25.62
C VAL A 36 -6.25 -15.98 -24.43
N GLU A 37 -6.27 -17.28 -24.70
CA GLU A 37 -6.43 -18.28 -23.65
C GLU A 37 -5.23 -18.28 -22.70
N GLU A 38 -4.05 -17.99 -23.24
CA GLU A 38 -2.85 -17.87 -22.43
C GLU A 38 -3.01 -16.78 -21.37
N GLU A 39 -3.45 -15.60 -21.79
CA GLU A 39 -3.57 -14.47 -20.89
C GLU A 39 -4.71 -14.68 -19.90
N ILE A 40 -5.77 -15.34 -20.35
CA ILE A 40 -6.87 -15.74 -19.47
C ILE A 40 -6.39 -16.69 -18.39
N ALA A 41 -5.57 -17.66 -18.79
CA ALA A 41 -4.97 -18.58 -17.83
C ALA A 41 -4.11 -17.86 -16.81
N LYS A 42 -3.37 -16.85 -17.28
CA LYS A 42 -2.57 -16.01 -16.40
C LYS A 42 -3.45 -15.29 -15.38
N PHE A 43 -4.56 -14.73 -15.86
CA PHE A 43 -5.49 -14.03 -14.98
C PHE A 43 -6.04 -14.96 -13.91
N ARG A 44 -6.55 -16.12 -14.34
CA ARG A 44 -7.16 -17.07 -13.42
C ARG A 44 -6.15 -17.58 -12.42
N LYS A 45 -4.95 -17.87 -12.88
CA LYS A 45 -3.87 -18.32 -12.00
C LYS A 45 -3.54 -17.27 -10.94
N ALA A 46 -3.24 -16.06 -11.40
CA ALA A 46 -2.90 -14.97 -10.48
C ALA A 46 -4.06 -14.62 -9.57
N LEU A 47 -5.28 -14.77 -10.09
CA LEU A 47 -6.47 -14.48 -9.31
C LEU A 47 -6.63 -15.48 -8.16
N GLU A 48 -6.47 -16.76 -8.47
CA GLU A 48 -6.54 -17.81 -7.46
C GLU A 48 -5.49 -17.60 -6.38
N VAL A 49 -4.30 -17.21 -6.78
CA VAL A 49 -3.25 -16.83 -5.83
C VAL A 49 -3.67 -15.61 -5.02
N THR A 50 -4.24 -14.61 -5.68
CA THR A 50 -4.74 -13.43 -5.00
C THR A 50 -5.78 -13.79 -3.96
N GLN A 51 -6.70 -14.67 -4.34
CA GLN A 51 -7.75 -15.12 -3.42
C GLN A 51 -7.15 -15.81 -2.20
N GLU A 52 -6.21 -16.73 -2.44
CA GLU A 52 -5.54 -17.43 -1.36
C GLU A 52 -4.84 -16.46 -0.41
N GLU A 53 -4.09 -15.52 -0.99
CA GLU A 53 -3.34 -14.55 -0.20
C GLU A 53 -4.26 -13.75 0.70
N ILE A 54 -5.34 -13.23 0.12
CA ILE A 54 -6.27 -12.39 0.87
C ILE A 54 -6.97 -13.17 1.96
N GLU A 55 -7.41 -14.39 1.64
CA GLU A 55 -8.10 -15.24 2.59
C GLU A 55 -7.23 -15.53 3.80
N LYS A 56 -5.99 -15.97 3.55
CA LYS A 56 -5.09 -16.38 4.61
C LYS A 56 -4.69 -15.19 5.48
N ILE A 57 -4.34 -14.08 4.84
CA ILE A 57 -3.91 -12.89 5.55
C ILE A 57 -5.07 -12.24 6.31
N LYS A 58 -6.28 -12.46 5.81
CA LYS A 58 -7.48 -12.02 6.52
C LYS A 58 -7.57 -12.65 7.90
N GLU A 59 -7.42 -13.97 7.96
CA GLU A 59 -7.43 -14.69 9.22
C GLU A 59 -6.34 -14.19 10.15
N LYS A 60 -5.13 -14.04 9.62
CA LYS A 60 -4.00 -13.54 10.39
C LYS A 60 -4.29 -12.17 10.98
N ALA A 61 -4.78 -11.26 10.13
CA ALA A 61 -5.14 -9.92 10.58
C ALA A 61 -6.26 -9.96 11.60
N LEU A 62 -7.22 -10.84 11.39
CA LEU A 62 -8.33 -11.02 12.33
C LEU A 62 -7.81 -11.34 13.73
N LYS A 63 -6.88 -12.26 13.81
CA LYS A 63 -6.38 -12.73 15.11
C LYS A 63 -5.34 -11.78 15.68
N GLU A 64 -4.55 -11.17 14.80
CA GLU A 64 -3.45 -10.31 15.22
C GLU A 64 -3.96 -8.92 15.61
N PHE A 65 -4.88 -8.39 14.82
CA PHE A 65 -5.30 -6.99 14.95
C PHE A 65 -6.76 -6.88 15.31
N GLY A 66 -7.57 -7.82 14.79
CA GLY A 66 -9.00 -7.84 15.09
C GLY A 66 -9.82 -7.87 13.81
N LYS A 67 -11.12 -8.14 13.95
CA LYS A 67 -12.00 -8.31 12.80
C LYS A 67 -12.12 -7.02 12.02
N GLU A 68 -11.85 -5.90 12.67
CA GLU A 68 -11.91 -4.60 12.03
C GLU A 68 -10.93 -4.50 10.86
N LYS A 69 -9.77 -5.11 11.03
CA LYS A 69 -8.75 -5.12 9.98
C LYS A 69 -8.99 -6.26 9.00
N ALA A 70 -9.57 -7.35 9.49
CA ALA A 70 -9.96 -8.46 8.63
C ALA A 70 -11.07 -8.05 7.67
N GLU A 71 -11.95 -7.15 8.13
CA GLU A 71 -13.05 -6.66 7.31
C GLU A 71 -12.54 -6.10 5.99
N ILE A 72 -11.38 -5.46 6.04
CA ILE A 72 -10.74 -4.94 4.83
C ILE A 72 -10.49 -6.04 3.82
N PHE A 73 -9.94 -7.16 4.29
CA PHE A 73 -9.63 -8.28 3.42
C PHE A 73 -10.88 -9.06 3.05
N GLU A 74 -11.88 -9.02 3.93
CA GLU A 74 -13.16 -9.65 3.67
C GLU A 74 -13.82 -9.07 2.42
N ALA A 75 -13.87 -7.74 2.34
CA ALA A 75 -14.40 -7.06 1.16
C ALA A 75 -13.55 -7.37 -0.07
N HIS A 76 -12.24 -7.37 0.11
CA HIS A 76 -11.31 -7.61 -1.00
C HIS A 76 -11.39 -9.05 -1.48
N LEU A 77 -11.66 -9.97 -0.56
CA LEU A 77 -11.79 -11.37 -0.90
C LEU A 77 -13.04 -11.61 -1.75
N MET A 78 -14.14 -10.99 -1.36
CA MET A 78 -15.40 -11.09 -2.11
C MET A 78 -15.23 -10.50 -3.51
N LEU A 79 -14.53 -9.37 -3.60
CA LEU A 79 -14.21 -8.77 -4.88
C LEU A 79 -13.35 -9.69 -5.73
N ALA A 80 -12.39 -10.35 -5.09
CA ALA A 80 -11.53 -11.31 -5.78
C ALA A 80 -12.34 -12.50 -6.29
N SER A 81 -13.43 -12.81 -5.59
CA SER A 81 -14.29 -13.93 -5.96
C SER A 81 -15.40 -13.48 -6.89
N ASP A 82 -15.44 -12.19 -7.20
CA ASP A 82 -16.52 -11.61 -7.98
C ASP A 82 -16.51 -12.13 -9.41
N PRO A 83 -17.56 -12.86 -9.78
CA PRO A 83 -17.65 -13.47 -11.10
C PRO A 83 -17.91 -12.43 -12.18
N GLU A 84 -18.37 -11.25 -11.77
CA GLU A 84 -18.59 -10.15 -12.69
C GLU A 84 -17.26 -9.57 -13.18
N LEU A 85 -16.31 -9.43 -12.25
CA LEU A 85 -14.97 -8.99 -12.60
C LEU A 85 -14.23 -10.05 -13.41
N ILE A 86 -14.43 -11.31 -13.04
CA ILE A 86 -13.83 -12.42 -13.78
C ILE A 86 -14.33 -12.44 -15.22
N GLU A 87 -15.64 -12.35 -15.39
CA GLU A 87 -16.24 -12.35 -16.73
C GLU A 87 -15.75 -11.16 -17.55
N GLY A 88 -15.71 -10.00 -16.92
CA GLY A 88 -15.32 -8.76 -17.61
C GLY A 88 -13.90 -8.86 -18.14
N VAL A 89 -12.97 -9.25 -17.28
CA VAL A 89 -11.55 -9.28 -17.62
C VAL A 89 -11.29 -10.28 -18.74
N GLU A 90 -11.86 -11.48 -18.61
CA GLU A 90 -11.63 -12.55 -19.57
C GLU A 90 -12.20 -12.20 -20.93
N ASN A 91 -13.36 -11.55 -20.93
CA ASN A 91 -13.99 -11.10 -22.16
C ASN A 91 -13.21 -9.95 -22.78
N MET A 92 -12.60 -9.12 -21.94
CA MET A 92 -11.75 -8.03 -22.39
C MET A 92 -10.52 -8.57 -23.11
N ILE A 93 -9.91 -9.61 -22.54
CA ILE A 93 -8.75 -10.25 -23.15
C ILE A 93 -9.08 -10.76 -24.55
N LYS A 94 -10.20 -11.47 -24.67
CA LYS A 94 -10.59 -12.09 -25.93
C LYS A 94 -11.08 -11.04 -26.93
N THR A 95 -11.94 -10.14 -26.46
CA THR A 95 -12.63 -9.21 -27.34
C THR A 95 -11.65 -8.21 -27.96
N GLU A 96 -10.80 -7.63 -27.14
CA GLU A 96 -9.89 -6.58 -27.58
C GLU A 96 -8.52 -7.14 -27.92
N LEU A 97 -8.32 -8.41 -27.61
CA LEU A 97 -7.02 -9.05 -27.79
C LEU A 97 -5.94 -8.32 -27.00
N VAL A 98 -6.07 -8.33 -25.68
CA VAL A 98 -5.13 -7.64 -24.81
C VAL A 98 -4.56 -8.56 -23.74
N THR A 99 -3.53 -8.09 -23.04
CA THR A 99 -2.91 -8.88 -21.98
C THR A 99 -3.76 -8.90 -20.73
N ALA A 100 -3.48 -9.86 -19.85
CA ALA A 100 -4.15 -9.93 -18.56
C ALA A 100 -3.92 -8.66 -17.74
N ASP A 101 -2.70 -8.13 -17.83
CA ASP A 101 -2.36 -6.89 -17.14
C ASP A 101 -3.26 -5.75 -17.60
N ASN A 102 -3.40 -5.60 -18.92
CA ASN A 102 -4.23 -4.55 -19.49
C ASN A 102 -5.69 -4.77 -19.16
N ALA A 103 -6.16 -6.01 -19.32
CA ALA A 103 -7.56 -6.33 -19.13
C ALA A 103 -8.01 -6.03 -17.70
N VAL A 104 -7.22 -6.48 -16.72
CA VAL A 104 -7.52 -6.25 -15.32
C VAL A 104 -7.51 -4.75 -15.01
N ASN A 105 -6.47 -4.06 -15.45
CA ASN A 105 -6.36 -2.63 -15.23
C ASN A 105 -7.54 -1.88 -15.84
N LYS A 106 -7.95 -2.31 -17.03
CA LYS A 106 -9.02 -1.63 -17.76
C LYS A 106 -10.36 -1.83 -17.06
N VAL A 107 -10.69 -3.07 -16.74
CA VAL A 107 -11.98 -3.41 -16.15
C VAL A 107 -12.11 -2.82 -14.75
N ILE A 108 -11.05 -2.95 -13.96
CA ILE A 108 -11.04 -2.40 -12.61
C ILE A 108 -11.19 -0.88 -12.63
N GLU A 109 -10.46 -0.23 -13.53
CA GLU A 109 -10.53 1.22 -13.68
C GLU A 109 -11.91 1.65 -14.17
N GLN A 110 -12.44 0.90 -15.14
CA GLN A 110 -13.75 1.21 -15.71
C GLN A 110 -14.83 1.20 -14.64
N ASN A 111 -14.94 0.09 -13.92
CA ASN A 111 -16.00 -0.09 -12.93
C ASN A 111 -15.84 0.87 -11.77
N ALA A 112 -14.59 1.09 -11.35
CA ALA A 112 -14.30 2.01 -10.26
C ALA A 112 -14.68 3.44 -10.62
N SER A 113 -14.33 3.84 -11.84
CA SER A 113 -14.59 5.21 -12.28
C SER A 113 -16.09 5.50 -12.39
N VAL A 114 -16.85 4.47 -12.72
CA VAL A 114 -18.31 4.58 -12.73
C VAL A 114 -18.86 4.77 -11.33
N MET A 115 -18.45 3.90 -10.41
CA MET A 115 -18.88 3.98 -9.02
C MET A 115 -18.54 5.34 -8.42
N GLU A 116 -17.38 5.87 -8.78
CA GLU A 116 -16.95 7.18 -8.31
C GLU A 116 -17.74 8.30 -8.97
N SER A 117 -18.04 8.13 -10.26
CA SER A 117 -18.73 9.16 -11.02
C SER A 117 -20.19 9.29 -10.58
N LEU A 118 -20.70 8.26 -9.90
CA LEU A 118 -22.05 8.29 -9.36
C LEU A 118 -22.15 9.26 -8.19
N ASN A 119 -21.00 9.72 -7.70
CA ASN A 119 -20.97 10.71 -6.64
C ASN A 119 -21.57 10.17 -5.36
N ASP A 120 -21.43 8.86 -5.14
CA ASP A 120 -21.83 8.24 -3.89
C ASP A 120 -20.63 7.90 -3.03
N GLU A 121 -20.50 8.58 -1.90
CA GLU A 121 -19.30 8.45 -1.06
C GLU A 121 -19.10 7.02 -0.60
N TYR A 122 -20.20 6.30 -0.43
CA TYR A 122 -20.14 4.88 -0.12
C TYR A 122 -19.48 4.08 -1.24
N LEU A 123 -19.96 4.30 -2.46
CA LEU A 123 -19.45 3.58 -3.62
C LEU A 123 -18.03 4.01 -3.95
N LYS A 124 -17.68 5.23 -3.59
CA LYS A 124 -16.31 5.71 -3.72
C LYS A 124 -15.37 4.92 -2.81
N GLU A 125 -15.78 4.73 -1.57
CA GLU A 125 -15.02 3.89 -0.64
C GLU A 125 -14.86 2.47 -1.17
N ARG A 126 -15.96 1.93 -1.71
CA ARG A 126 -15.94 0.59 -2.28
C ARG A 126 -15.11 0.55 -3.56
N ALA A 127 -15.13 1.66 -4.30
CA ALA A 127 -14.33 1.78 -5.51
C ALA A 127 -12.84 1.72 -5.19
N VAL A 128 -12.45 2.30 -4.06
CA VAL A 128 -11.08 2.19 -3.57
C VAL A 128 -10.72 0.73 -3.31
N ASP A 129 -11.61 0.00 -2.66
CA ASP A 129 -11.44 -1.44 -2.45
C ASP A 129 -11.27 -2.17 -3.77
N LEU A 130 -12.10 -1.82 -4.75
CA LEU A 130 -12.01 -2.40 -6.08
C LEU A 130 -10.65 -2.12 -6.72
N ARG A 131 -10.20 -0.88 -6.62
CA ARG A 131 -8.90 -0.48 -7.14
C ARG A 131 -7.78 -1.26 -6.45
N ASP A 132 -7.90 -1.44 -5.14
CA ASP A 132 -6.90 -2.15 -4.37
C ASP A 132 -6.76 -3.60 -4.84
N VAL A 133 -7.90 -4.27 -4.99
CA VAL A 133 -7.91 -5.66 -5.43
C VAL A 133 -7.31 -5.80 -6.84
N GLY A 134 -7.71 -4.90 -7.73
CA GLY A 134 -7.19 -4.90 -9.09
C GLY A 134 -5.66 -4.80 -9.10
N ASN A 135 -5.14 -3.90 -8.27
CA ASN A 135 -3.69 -3.70 -8.18
C ASN A 135 -2.99 -4.96 -7.69
N ARG A 136 -3.61 -5.63 -6.73
CA ARG A 136 -3.04 -6.84 -6.16
C ARG A 136 -3.01 -7.98 -7.18
N ILE A 137 -4.04 -8.04 -8.01
CA ILE A 137 -4.07 -8.98 -9.12
C ILE A 137 -2.96 -8.71 -10.11
N ILE A 138 -2.78 -7.44 -10.46
CA ILE A 138 -1.72 -7.03 -11.38
C ILE A 138 -0.35 -7.38 -10.82
N GLU A 139 -0.17 -7.16 -9.52
CA GLU A 139 1.08 -7.52 -8.86
C GLU A 139 1.41 -8.99 -9.05
N ASN A 140 0.42 -9.85 -8.84
CA ASN A 140 0.62 -11.29 -8.94
C ASN A 140 0.80 -11.72 -10.39
N LEU A 141 0.20 -10.97 -11.30
CA LEU A 141 0.44 -11.17 -12.74
C LEU A 141 1.87 -10.81 -13.11
N LEU A 142 2.38 -9.74 -12.52
CA LEU A 142 3.74 -9.28 -12.79
C LEU A 142 4.75 -10.10 -12.00
N GLY A 143 4.32 -10.64 -10.87
CA GLY A 143 5.19 -11.40 -9.99
C GLY A 143 5.90 -10.50 -8.99
N VAL A 144 5.23 -9.42 -8.61
CA VAL A 144 5.80 -8.46 -7.66
C VAL A 144 5.77 -8.99 -6.24
N LYS A 145 6.92 -9.00 -5.59
CA LYS A 145 7.03 -9.45 -4.20
C LYS A 145 6.90 -8.29 -3.24
N SER A 146 6.63 -8.61 -1.97
CA SER A 146 6.48 -7.58 -0.94
C SER A 146 6.93 -8.10 0.42
N VAL A 147 7.16 -7.18 1.35
CA VAL A 147 7.58 -7.54 2.69
C VAL A 147 6.57 -7.07 3.74
N ASN A 148 6.20 -7.97 4.63
CA ASN A 148 5.21 -7.67 5.66
C ASN A 148 5.85 -6.96 6.85
N LEU A 149 5.47 -5.71 7.06
CA LEU A 149 6.01 -4.91 8.16
C LEU A 149 5.57 -5.46 9.50
N SER A 150 4.46 -6.18 9.51
CA SER A 150 3.91 -6.75 10.74
C SER A 150 4.75 -7.92 11.23
N ASP A 151 5.63 -8.41 10.37
CA ASP A 151 6.48 -9.54 10.70
C ASP A 151 7.86 -9.08 11.13
N LEU A 152 8.03 -7.77 11.28
CA LEU A 152 9.30 -7.21 11.74
C LEU A 152 9.49 -7.40 13.23
N GLU A 153 10.75 -7.55 13.64
CA GLU A 153 11.07 -7.78 15.04
C GLU A 153 11.43 -6.48 15.75
N GLU A 154 11.82 -5.48 14.98
CA GLU A 154 12.29 -4.22 15.54
C GLU A 154 11.42 -3.06 15.06
N GLU A 155 11.41 -1.99 15.84
CA GLU A 155 10.59 -0.81 15.53
C GLU A 155 11.23 0.00 14.40
N VAL A 156 10.43 0.33 13.39
CA VAL A 156 10.94 1.01 12.20
C VAL A 156 9.99 2.10 11.76
N VAL A 157 10.47 2.96 10.84
CA VAL A 157 9.58 3.87 10.12
C VAL A 157 9.24 3.31 8.74
N VAL A 158 7.96 3.23 8.44
CA VAL A 158 7.48 2.60 7.22
C VAL A 158 7.46 3.59 6.06
N ILE A 159 8.32 3.35 5.07
CA ILE A 159 8.40 4.22 3.89
C ILE A 159 8.14 3.43 2.62
N ALA A 160 7.08 3.79 1.91
CA ALA A 160 6.67 3.07 0.70
C ALA A 160 6.06 4.01 -0.32
N ARG A 161 6.26 3.71 -1.60
CA ARG A 161 5.65 4.47 -2.67
C ARG A 161 4.17 4.14 -2.82
N ASP A 162 3.81 2.89 -2.54
CA ASP A 162 2.44 2.43 -2.68
C ASP A 162 1.94 1.80 -1.38
N LEU A 163 1.26 2.59 -0.56
CA LEU A 163 0.76 2.11 0.72
C LEU A 163 -0.76 2.12 0.75
N THR A 164 -1.36 0.93 0.72
CA THR A 164 -2.79 0.78 0.47
C THR A 164 -3.52 0.33 1.73
N PRO A 165 -4.85 0.49 1.73
CA PRO A 165 -5.68 0.01 2.82
C PRO A 165 -5.44 -1.47 3.10
N SER A 166 -5.10 -2.21 2.05
CA SER A 166 -4.80 -3.63 2.18
C SER A 166 -3.49 -3.85 2.93
N ASP A 167 -2.69 -2.79 3.04
CA ASP A 167 -1.52 -2.81 3.90
C ASP A 167 -1.85 -2.30 5.29
N THR A 168 -2.81 -1.39 5.37
CA THR A 168 -3.32 -0.92 6.65
C THR A 168 -3.91 -2.07 7.46
N ALA A 169 -4.57 -2.99 6.78
CA ALA A 169 -5.11 -4.17 7.43
C ALA A 169 -4.02 -4.97 8.12
N THR A 170 -2.81 -4.89 7.60
CA THR A 170 -1.66 -5.54 8.21
C THR A 170 -0.71 -4.54 8.83
N MET A 171 -1.27 -3.48 9.42
CA MET A 171 -0.46 -2.44 10.04
C MET A 171 -0.27 -2.70 11.53
N LYS A 172 0.93 -3.14 11.90
CA LYS A 172 1.24 -3.43 13.29
C LYS A 172 1.82 -2.20 13.99
N LYS A 173 0.99 -1.50 14.74
CA LYS A 173 1.37 -0.21 15.32
C LYS A 173 2.52 -0.39 16.31
N GLU A 174 2.71 -1.61 16.78
CA GLU A 174 3.83 -1.92 17.67
C GLU A 174 5.16 -1.76 16.95
N MET A 175 5.17 -2.06 15.67
CA MET A 175 6.38 -1.93 14.85
C MET A 175 6.45 -0.56 14.19
N VAL A 176 5.30 -0.03 13.81
CA VAL A 176 5.23 1.23 13.08
C VAL A 176 5.50 2.41 14.00
N LEU A 177 6.50 3.20 13.66
CA LEU A 177 6.81 4.42 14.40
C LEU A 177 6.30 5.66 13.67
N GLY A 178 6.19 5.56 12.35
CA GLY A 178 5.76 6.67 11.53
C GLY A 178 5.71 6.30 10.06
N PHE A 179 5.29 7.24 9.22
CA PHE A 179 5.20 7.01 7.79
C PHE A 179 5.86 8.13 7.00
N ALA A 180 6.35 7.80 5.81
CA ALA A 180 6.76 8.82 4.85
C ALA A 180 6.73 8.27 3.43
N THR A 181 6.52 9.16 2.46
CA THR A 181 6.43 8.77 1.06
C THR A 181 6.70 9.94 0.13
N ASP A 182 6.56 9.71 -1.17
CA ASP A 182 6.91 10.73 -2.17
C ASP A 182 5.71 11.08 -3.03
N VAL A 183 4.97 10.06 -3.45
CA VAL A 183 3.87 10.25 -4.39
C VAL A 183 3.08 8.97 -4.58
N GLY A 184 1.76 9.09 -4.63
CA GLY A 184 0.89 7.96 -4.92
C GLY A 184 -0.59 8.34 -4.80
N GLY A 185 -1.46 7.40 -5.10
CA GLY A 185 -2.90 7.63 -5.01
C GLY A 185 -3.44 7.22 -3.65
N ARG A 186 -2.54 7.01 -2.70
CA ARG A 186 -2.93 6.67 -1.33
C ARG A 186 -2.19 7.53 -0.32
N THR A 187 -1.81 8.74 -0.74
CA THR A 187 -1.03 9.63 0.10
C THR A 187 -1.84 10.13 1.28
N SER A 188 -3.07 10.56 1.02
CA SER A 188 -3.97 11.01 2.08
C SER A 188 -4.33 9.88 3.02
N HIS A 189 -4.37 8.66 2.49
CA HIS A 189 -4.58 7.47 3.30
C HIS A 189 -3.41 7.25 4.26
N THR A 190 -2.19 7.37 3.74
CA THR A 190 -1.01 7.27 4.55
C THR A 190 -1.07 8.23 5.73
N ALA A 191 -1.48 9.46 5.47
CA ALA A 191 -1.64 10.47 6.51
C ALA A 191 -2.67 10.03 7.56
N ILE A 192 -3.78 9.47 7.09
CA ILE A 192 -4.80 8.95 7.97
C ILE A 192 -4.27 7.84 8.85
N MET A 193 -3.50 6.94 8.25
CA MET A 193 -2.91 5.82 8.99
C MET A 193 -2.08 6.32 10.17
N ALA A 194 -1.22 7.31 9.91
CA ALA A 194 -0.41 7.91 10.95
C ALA A 194 -1.28 8.52 12.04
N ARG A 195 -2.27 9.30 11.63
CA ARG A 195 -3.14 10.00 12.58
C ARG A 195 -3.93 9.02 13.43
N SER A 196 -4.29 7.89 12.84
CA SER A 196 -5.10 6.89 13.52
C SER A 196 -4.33 6.23 14.65
N LEU A 197 -3.01 6.32 14.59
CA LEU A 197 -2.15 5.70 15.59
C LEU A 197 -1.52 6.75 16.50
N GLU A 198 -1.86 8.02 16.26
CA GLU A 198 -1.24 9.13 16.97
C GLU A 198 0.27 9.13 16.78
N ILE A 199 0.71 8.96 15.54
CA ILE A 199 2.13 8.98 15.22
C ILE A 199 2.43 9.97 14.11
N PRO A 200 3.68 10.42 14.04
CA PRO A 200 4.08 11.43 13.07
C PRO A 200 4.28 10.81 11.68
N ALA A 201 4.12 11.62 10.65
CA ALA A 201 4.39 11.19 9.28
C ALA A 201 4.58 12.38 8.35
N VAL A 202 5.48 12.22 7.39
CA VAL A 202 5.75 13.29 6.42
C VAL A 202 5.69 12.76 4.99
N VAL A 203 4.76 13.30 4.21
CA VAL A 203 4.49 12.78 2.88
C VAL A 203 4.70 13.84 1.81
N GLY A 204 4.82 13.42 0.56
CA GLY A 204 4.98 14.34 -0.55
C GLY A 204 6.39 14.91 -0.59
N LEU A 205 7.37 14.11 -0.17
CA LEU A 205 8.76 14.56 -0.08
C LEU A 205 9.43 14.52 -1.45
N GLY A 206 9.30 13.40 -2.14
CA GLY A 206 9.73 13.31 -3.53
C GLY A 206 11.07 12.60 -3.65
N ASN A 207 11.74 12.42 -2.51
CA ASN A 207 13.12 11.95 -2.50
C ASN A 207 13.30 10.82 -1.49
N VAL A 208 12.32 10.65 -0.61
CA VAL A 208 12.53 9.91 0.63
C VAL A 208 12.78 8.43 0.36
N THR A 209 12.22 7.93 -0.74
CA THR A 209 12.34 6.52 -1.09
C THR A 209 13.69 6.24 -1.75
N SER A 210 14.40 7.32 -2.11
CA SER A 210 15.74 7.18 -2.65
C SER A 210 16.79 7.59 -1.63
N GLN A 211 16.43 8.52 -0.75
CA GLN A 211 17.35 9.02 0.26
C GLN A 211 17.43 8.07 1.46
N VAL A 212 16.31 7.43 1.78
CA VAL A 212 16.24 6.49 2.89
C VAL A 212 16.09 5.07 2.40
N LYS A 213 17.05 4.22 2.76
CA LYS A 213 17.02 2.82 2.33
C LYS A 213 16.85 1.88 3.52
N ALA A 214 16.26 0.72 3.28
CA ALA A 214 15.99 -0.23 4.35
C ALA A 214 17.27 -0.61 5.09
N GLY A 215 17.23 -0.46 6.41
CA GLY A 215 18.39 -0.77 7.24
C GLY A 215 19.09 0.50 7.72
N ASP A 216 18.77 1.62 7.07
CA ASP A 216 19.31 2.92 7.46
C ASP A 216 18.65 3.42 8.74
N LEU A 217 19.14 4.56 9.23
CA LEU A 217 18.48 5.26 10.32
C LEU A 217 17.64 6.42 9.80
N VAL A 218 16.46 6.60 10.39
CA VAL A 218 15.53 7.63 9.93
C VAL A 218 14.75 8.21 11.11
N ILE A 219 14.65 9.54 11.14
CA ILE A 219 13.80 10.22 12.11
C ILE A 219 12.72 11.04 11.43
N VAL A 220 11.47 10.82 11.82
CA VAL A 220 10.34 11.58 11.28
C VAL A 220 9.84 12.61 12.28
N ASP A 221 10.33 13.83 12.16
CA ASP A 221 9.91 14.92 13.02
C ASP A 221 8.63 15.57 12.51
N GLY A 222 7.49 14.96 12.83
CA GLY A 222 6.21 15.42 12.30
C GLY A 222 5.83 16.77 12.89
N LEU A 223 6.34 17.06 14.08
CA LEU A 223 6.12 18.35 14.71
C LEU A 223 6.64 19.49 13.85
N GLU A 224 7.88 19.35 13.38
CA GLU A 224 8.46 20.30 12.45
C GLU A 224 7.96 20.07 11.03
N GLY A 225 7.84 18.80 10.66
CA GLY A 225 7.40 18.43 9.32
C GLY A 225 8.58 18.02 8.44
N ILE A 226 9.60 17.43 9.06
CA ILE A 226 10.82 17.08 8.34
C ILE A 226 11.23 15.64 8.64
N VAL A 227 11.99 15.04 7.73
CA VAL A 227 12.57 13.72 7.95
C VAL A 227 14.09 13.77 7.85
N ILE A 228 14.75 13.12 8.80
CA ILE A 228 16.21 13.16 8.88
C ILE A 228 16.83 11.83 8.45
N VAL A 229 17.77 11.90 7.52
CA VAL A 229 18.36 10.71 6.93
C VAL A 229 19.70 10.37 7.57
N ASN A 230 19.77 9.21 8.21
CA ASN A 230 21.00 8.75 8.82
C ASN A 230 21.58 9.79 9.77
N PRO A 231 20.84 10.10 10.82
CA PRO A 231 21.27 11.06 11.83
C PRO A 231 22.43 10.50 12.65
N ASP A 232 23.34 11.38 13.07
CA ASP A 232 24.41 11.00 13.97
C ASP A 232 23.87 10.73 15.37
N GLU A 233 24.68 10.04 16.19
CA GLU A 233 24.28 9.71 17.55
C GLU A 233 23.79 10.95 18.30
N LYS A 234 24.54 12.04 18.18
CA LYS A 234 24.15 13.29 18.82
C LYS A 234 22.83 13.81 18.28
N THR A 235 22.67 13.74 16.96
CA THR A 235 21.43 14.19 16.32
C THR A 235 20.23 13.41 16.83
N VAL A 236 20.40 12.10 16.95
CA VAL A 236 19.35 11.23 17.49
C VAL A 236 18.97 11.65 18.91
N GLU A 237 19.99 11.87 19.74
CA GLU A 237 19.77 12.24 21.13
C GLU A 237 19.07 13.59 21.24
N ASP A 238 19.41 14.50 20.33
CA ASP A 238 18.77 15.80 20.27
C ASP A 238 17.26 15.68 20.04
N TYR A 239 16.89 14.84 19.09
CA TYR A 239 15.49 14.64 18.74
C TYR A 239 14.78 13.82 19.81
N LYS A 240 15.53 12.95 20.49
CA LYS A 240 15.01 12.21 21.63
C LYS A 240 14.59 13.15 22.75
N SER A 241 15.45 14.11 23.07
CA SER A 241 15.17 15.08 24.10
C SER A 241 14.07 16.05 23.67
N LYS A 242 14.02 16.34 22.37
CA LYS A 242 12.94 17.13 21.81
C LYS A 242 11.60 16.41 21.92
N LYS A 243 11.62 15.10 21.64
CA LYS A 243 10.43 14.28 21.77
C LYS A 243 9.93 14.28 23.21
N GLU A 244 10.86 14.23 24.16
CA GLU A 244 10.52 14.30 25.57
C GLU A 244 9.83 15.62 25.91
N SER A 245 10.36 16.71 25.38
CA SER A 245 9.80 18.04 25.62
C SER A 245 8.47 18.20 24.89
N TYR A 246 8.30 17.47 23.79
CA TYR A 246 7.02 17.42 23.09
C TYR A 246 5.95 16.75 23.95
N GLU A 247 6.29 15.58 24.49
CA GLU A 247 5.35 14.83 25.31
C GLU A 247 5.03 15.56 26.62
N LYS A 248 6.06 16.19 27.19
CA LYS A 248 5.89 16.95 28.42
C LYS A 248 5.56 16.04 29.60
N MET A 1 17.63 19.41 7.65
CA MET A 1 16.75 18.29 7.96
C MET A 1 15.59 18.21 6.98
N LEU A 2 14.82 17.14 7.08
CA LEU A 2 13.66 16.94 6.21
C LEU A 2 12.38 17.38 6.88
N LYS A 3 11.82 18.49 6.41
CA LYS A 3 10.63 19.07 7.03
C LYS A 3 9.38 18.78 6.21
N GLY A 4 8.29 18.45 6.91
CA GLY A 4 7.03 18.15 6.25
C GLY A 4 5.85 18.43 7.17
N VAL A 5 4.86 17.54 7.15
CA VAL A 5 3.63 17.74 7.91
C VAL A 5 3.61 16.86 9.15
N ALA A 6 3.50 17.49 10.32
CA ALA A 6 3.41 16.77 11.58
C ALA A 6 2.10 16.01 11.68
N ALA A 7 2.07 14.79 11.17
CA ALA A 7 0.90 13.93 11.27
C ALA A 7 0.66 13.47 12.70
N SER A 8 1.76 13.29 13.45
CA SER A 8 1.66 12.98 14.87
C SER A 8 2.86 13.56 15.63
N PRO A 9 2.59 14.16 16.78
CA PRO A 9 3.63 14.79 17.58
C PRO A 9 4.45 13.74 18.33
N GLY A 10 5.61 14.15 18.82
CA GLY A 10 6.47 13.27 19.60
C GLY A 10 7.85 13.17 18.98
N ILE A 11 8.64 12.20 19.46
CA ILE A 11 9.96 11.95 18.90
C ILE A 11 10.44 10.54 19.22
N ALA A 12 11.16 9.94 18.27
CA ALA A 12 11.64 8.57 18.43
C ALA A 12 12.88 8.31 17.59
N ILE A 13 13.69 7.35 18.01
CA ILE A 13 14.89 6.98 17.29
C ILE A 13 14.88 5.51 16.90
N GLY A 14 15.10 5.23 15.62
CA GLY A 14 15.04 3.86 15.10
C GLY A 14 15.87 3.71 13.84
N LYS A 15 15.84 2.52 13.26
CA LYS A 15 16.56 2.26 12.01
C LYS A 15 15.73 2.66 10.80
N ALA A 16 16.40 3.05 9.72
CA ALA A 16 15.73 3.40 8.48
C ALA A 16 15.57 2.18 7.58
N PHE A 17 14.32 1.73 7.43
CA PHE A 17 14.00 0.69 6.46
C PHE A 17 13.17 1.24 5.30
N LEU A 18 13.70 1.12 4.10
CA LEU A 18 13.07 1.71 2.92
C LEU A 18 12.16 0.71 2.22
N TYR A 19 10.85 0.96 2.33
CA TYR A 19 9.86 0.11 1.66
C TYR A 19 10.01 0.18 0.15
N THR A 20 10.50 -0.90 -0.45
CA THR A 20 10.58 -1.01 -1.89
C THR A 20 9.33 -1.66 -2.48
N LYS A 21 8.60 -0.91 -3.29
CA LYS A 21 7.41 -1.43 -3.95
C LYS A 21 7.54 -1.35 -5.46
N GLU A 22 7.70 -2.50 -6.10
CA GLU A 22 7.90 -2.57 -7.54
C GLU A 22 6.75 -1.91 -8.29
N LYS A 23 7.07 -1.17 -9.34
CA LYS A 23 6.07 -0.42 -10.09
C LYS A 23 5.26 -1.34 -11.00
N VAL A 24 4.09 -0.86 -11.41
CA VAL A 24 3.19 -1.66 -12.24
C VAL A 24 3.15 -1.14 -13.67
N THR A 25 3.56 -1.98 -14.61
CA THR A 25 3.52 -1.62 -16.02
C THR A 25 2.61 -2.56 -16.81
N ILE A 26 1.56 -2.00 -17.40
CA ILE A 26 0.56 -2.79 -18.10
C ILE A 26 1.12 -3.36 -19.41
N ASN A 27 1.03 -4.67 -19.57
CA ASN A 27 1.50 -5.33 -20.78
C ASN A 27 0.49 -5.17 -21.91
N VAL A 28 0.90 -4.46 -22.97
CA VAL A 28 0.02 -4.20 -24.10
C VAL A 28 0.52 -4.88 -25.36
N GLU A 29 1.32 -5.93 -25.17
CA GLU A 29 1.89 -6.66 -26.30
C GLU A 29 0.82 -7.42 -27.05
N LYS A 30 0.87 -7.37 -28.38
CA LYS A 30 -0.06 -8.11 -29.23
C LYS A 30 0.05 -9.61 -28.98
N ILE A 31 -1.09 -10.24 -28.74
CA ILE A 31 -1.12 -11.67 -28.40
C ILE A 31 -1.55 -12.51 -29.59
N GLU A 32 -0.75 -13.52 -29.91
CA GLU A 32 -1.12 -14.49 -30.93
C GLU A 32 -2.43 -15.19 -30.57
N GLU A 33 -3.29 -15.35 -31.57
CA GLU A 33 -4.61 -15.93 -31.34
C GLU A 33 -4.53 -17.19 -30.51
N SER A 34 -3.58 -18.06 -30.84
CA SER A 34 -3.45 -19.34 -30.16
C SER A 34 -3.01 -19.17 -28.72
N LYS A 35 -2.42 -18.02 -28.42
CA LYS A 35 -1.87 -17.76 -27.10
C LYS A 35 -2.83 -16.91 -26.27
N VAL A 36 -3.98 -16.59 -26.84
CA VAL A 36 -4.97 -15.77 -26.16
C VAL A 36 -5.60 -16.52 -24.99
N GLU A 37 -5.83 -17.81 -25.19
CA GLU A 37 -6.39 -18.65 -24.14
C GLU A 37 -5.39 -18.90 -23.03
N GLU A 38 -4.10 -18.74 -23.34
CA GLU A 38 -3.05 -18.77 -22.33
C GLU A 38 -3.13 -17.55 -21.42
N GLU A 39 -3.52 -16.41 -21.99
CA GLU A 39 -3.75 -15.20 -21.21
C GLU A 39 -4.93 -15.37 -20.28
N ILE A 40 -5.94 -16.10 -20.72
CA ILE A 40 -7.07 -16.47 -19.87
C ILE A 40 -6.61 -17.32 -18.69
N ALA A 41 -5.76 -18.31 -18.97
CA ALA A 41 -5.19 -19.15 -17.93
C ALA A 41 -4.40 -18.32 -16.93
N LYS A 42 -3.64 -17.35 -17.44
CA LYS A 42 -2.88 -16.44 -16.59
C LYS A 42 -3.80 -15.71 -15.61
N PHE A 43 -4.89 -15.17 -16.12
CA PHE A 43 -5.85 -14.44 -15.31
C PHE A 43 -6.41 -15.33 -14.20
N ARG A 44 -6.86 -16.52 -14.57
CA ARG A 44 -7.50 -17.43 -13.62
C ARG A 44 -6.56 -17.78 -12.48
N LYS A 45 -5.29 -18.03 -12.82
CA LYS A 45 -4.30 -18.43 -11.82
C LYS A 45 -3.82 -17.24 -11.01
N ALA A 46 -3.68 -16.10 -11.68
CA ALA A 46 -3.29 -14.85 -11.00
C ALA A 46 -4.37 -14.40 -10.03
N LEU A 47 -5.62 -14.57 -10.43
CA LEU A 47 -6.75 -14.21 -9.58
C LEU A 47 -6.84 -15.15 -8.37
N GLU A 48 -6.63 -16.44 -8.61
CA GLU A 48 -6.53 -17.42 -7.52
C GLU A 48 -5.54 -16.96 -6.46
N VAL A 49 -4.35 -16.58 -6.90
CA VAL A 49 -3.33 -16.05 -5.99
C VAL A 49 -3.79 -14.73 -5.36
N THR A 50 -4.34 -13.85 -6.20
CA THR A 50 -4.83 -12.57 -5.73
C THR A 50 -5.79 -12.73 -4.56
N GLN A 51 -6.77 -13.61 -4.73
CA GLN A 51 -7.78 -13.85 -3.70
C GLN A 51 -7.14 -14.35 -2.42
N GLU A 52 -6.19 -15.27 -2.55
CA GLU A 52 -5.47 -15.80 -1.40
C GLU A 52 -4.73 -14.69 -0.66
N GLU A 53 -4.06 -13.84 -1.41
CA GLU A 53 -3.24 -12.77 -0.83
C GLU A 53 -4.12 -11.72 -0.16
N ILE A 54 -5.29 -11.48 -0.74
CA ILE A 54 -6.29 -10.59 -0.14
C ILE A 54 -6.73 -11.10 1.22
N GLU A 55 -6.95 -12.42 1.31
CA GLU A 55 -7.31 -13.05 2.58
C GLU A 55 -6.20 -12.86 3.61
N LYS A 56 -4.95 -12.99 3.18
CA LYS A 56 -3.81 -12.75 4.04
C LYS A 56 -3.79 -11.31 4.53
N ILE A 57 -4.05 -10.37 3.63
CA ILE A 57 -4.12 -8.96 3.98
C ILE A 57 -5.24 -8.70 4.98
N LYS A 58 -6.41 -9.25 4.70
CA LYS A 58 -7.57 -9.09 5.58
C LYS A 58 -7.25 -9.57 6.99
N GLU A 59 -6.66 -10.76 7.10
CA GLU A 59 -6.29 -11.32 8.39
C GLU A 59 -5.40 -10.36 9.17
N LYS A 60 -4.33 -9.89 8.53
CA LYS A 60 -3.38 -9.00 9.18
C LYS A 60 -3.99 -7.64 9.45
N ALA A 61 -4.91 -7.22 8.59
CA ALA A 61 -5.65 -5.98 8.79
C ALA A 61 -6.44 -6.01 10.09
N LEU A 62 -7.06 -7.15 10.37
CA LEU A 62 -7.76 -7.36 11.63
C LEU A 62 -6.80 -7.30 12.81
N LYS A 63 -5.68 -7.99 12.70
CA LYS A 63 -4.71 -8.08 13.78
C LYS A 63 -4.10 -6.71 14.07
N GLU A 64 -3.83 -5.96 13.02
CA GLU A 64 -3.14 -4.67 13.16
C GLU A 64 -4.12 -3.56 13.52
N PHE A 65 -5.35 -3.66 13.01
CA PHE A 65 -6.35 -2.63 13.23
C PHE A 65 -7.61 -3.22 13.87
N GLY A 66 -8.21 -4.18 13.19
CA GLY A 66 -9.47 -4.77 13.64
C GLY A 66 -10.47 -4.89 12.49
N LYS A 67 -11.71 -5.18 12.83
CA LYS A 67 -12.75 -5.39 11.83
C LYS A 67 -12.95 -4.15 10.97
N GLU A 68 -12.66 -2.99 11.54
CA GLU A 68 -12.72 -1.73 10.80
C GLU A 68 -12.10 -1.87 9.42
N LYS A 69 -10.95 -2.52 9.36
CA LYS A 69 -10.22 -2.67 8.11
C LYS A 69 -10.51 -4.02 7.45
N ALA A 70 -10.70 -5.05 8.29
CA ALA A 70 -10.91 -6.39 7.79
C ALA A 70 -12.21 -6.50 6.99
N GLU A 71 -13.24 -5.81 7.46
CA GLU A 71 -14.52 -5.81 6.78
C GLU A 71 -14.42 -5.14 5.41
N ILE A 72 -13.53 -4.15 5.31
CA ILE A 72 -13.25 -3.52 4.03
C ILE A 72 -12.60 -4.52 3.07
N PHE A 73 -11.64 -5.30 3.58
CA PHE A 73 -10.93 -6.28 2.76
C PHE A 73 -11.80 -7.51 2.52
N GLU A 74 -12.81 -7.70 3.36
CA GLU A 74 -13.83 -8.71 3.11
C GLU A 74 -14.61 -8.41 1.84
N ALA A 75 -15.07 -7.17 1.71
CA ALA A 75 -15.72 -6.73 0.49
C ALA A 75 -14.74 -6.68 -0.68
N HIS A 76 -13.50 -6.32 -0.39
CA HIS A 76 -12.44 -6.34 -1.39
C HIS A 76 -12.30 -7.72 -2.01
N LEU A 77 -12.26 -8.75 -1.15
CA LEU A 77 -12.19 -10.13 -1.62
C LEU A 77 -13.45 -10.51 -2.39
N MET A 78 -14.61 -10.14 -1.85
CA MET A 78 -15.87 -10.39 -2.53
C MET A 78 -15.83 -9.91 -3.97
N LEU A 79 -15.35 -8.69 -4.18
CA LEU A 79 -15.23 -8.13 -5.52
C LEU A 79 -14.27 -8.94 -6.37
N ALA A 80 -13.18 -9.39 -5.77
CA ALA A 80 -12.21 -10.23 -6.45
C ALA A 80 -12.81 -11.58 -6.82
N SER A 81 -13.81 -12.00 -6.06
CA SER A 81 -14.47 -13.29 -6.29
C SER A 81 -15.70 -13.12 -7.15
N ASP A 82 -15.94 -11.89 -7.62
CA ASP A 82 -17.14 -11.58 -8.39
C ASP A 82 -17.17 -12.37 -9.69
N PRO A 83 -18.18 -13.23 -9.83
CA PRO A 83 -18.33 -14.05 -11.03
C PRO A 83 -18.35 -13.18 -12.28
N GLU A 84 -18.90 -11.97 -12.15
CA GLU A 84 -19.02 -11.06 -13.28
C GLU A 84 -17.65 -10.56 -13.71
N LEU A 85 -16.77 -10.35 -12.75
CA LEU A 85 -15.37 -10.02 -13.04
C LEU A 85 -14.65 -11.20 -13.68
N ILE A 86 -14.82 -12.38 -13.11
CA ILE A 86 -14.17 -13.58 -13.61
C ILE A 86 -14.51 -13.82 -15.08
N GLU A 87 -15.80 -13.95 -15.37
CA GLU A 87 -16.25 -14.24 -16.73
C GLU A 87 -16.04 -13.04 -17.65
N GLY A 88 -16.21 -11.84 -17.09
CA GLY A 88 -16.07 -10.62 -17.87
C GLY A 88 -14.68 -10.51 -18.49
N VAL A 89 -13.66 -10.74 -17.68
CA VAL A 89 -12.27 -10.62 -18.13
C VAL A 89 -11.93 -11.73 -19.11
N GLU A 90 -12.34 -12.95 -18.79
CA GLU A 90 -12.08 -14.11 -19.65
C GLU A 90 -12.68 -13.91 -21.04
N ASN A 91 -13.90 -13.39 -21.08
CA ASN A 91 -14.56 -13.10 -22.34
C ASN A 91 -13.88 -11.94 -23.06
N MET A 92 -13.43 -10.97 -22.30
CA MET A 92 -12.72 -9.82 -22.86
C MET A 92 -11.44 -10.25 -23.55
N ILE A 93 -10.71 -11.15 -22.91
CA ILE A 93 -9.45 -11.65 -23.46
C ILE A 93 -9.69 -12.38 -24.79
N LYS A 94 -10.65 -13.31 -24.77
CA LYS A 94 -10.93 -14.13 -25.95
C LYS A 94 -11.50 -13.28 -27.08
N THR A 95 -12.40 -12.36 -26.72
CA THR A 95 -13.11 -11.56 -27.72
C THR A 95 -12.15 -10.62 -28.45
N GLU A 96 -11.32 -9.93 -27.70
CA GLU A 96 -10.43 -8.91 -28.26
C GLU A 96 -9.08 -9.50 -28.65
N LEU A 97 -8.79 -10.69 -28.13
CA LEU A 97 -7.52 -11.34 -28.40
C LEU A 97 -6.37 -10.56 -27.80
N VAL A 98 -6.54 -10.08 -26.56
CA VAL A 98 -5.59 -9.16 -25.95
C VAL A 98 -4.99 -9.76 -24.69
N THR A 99 -4.14 -8.98 -24.02
CA THR A 99 -3.49 -9.44 -22.80
C THR A 99 -4.47 -9.51 -21.64
N ALA A 100 -4.15 -10.33 -20.65
CA ALA A 100 -4.92 -10.38 -19.41
C ALA A 100 -4.90 -9.05 -18.69
N ASP A 101 -3.78 -8.35 -18.77
CA ASP A 101 -3.63 -7.04 -18.16
C ASP A 101 -4.67 -6.06 -18.69
N ASN A 102 -4.77 -5.97 -20.01
CA ASN A 102 -5.69 -5.05 -20.66
C ASN A 102 -7.14 -5.42 -20.35
N ALA A 103 -7.43 -6.72 -20.39
CA ALA A 103 -8.79 -7.20 -20.15
C ALA A 103 -9.25 -6.84 -18.75
N VAL A 104 -8.41 -7.10 -17.76
CA VAL A 104 -8.73 -6.76 -16.38
C VAL A 104 -8.92 -5.26 -16.22
N ASN A 105 -8.02 -4.49 -16.81
CA ASN A 105 -8.09 -3.02 -16.73
C ASN A 105 -9.43 -2.52 -17.25
N LYS A 106 -9.84 -3.03 -18.41
CA LYS A 106 -11.06 -2.56 -19.06
C LYS A 106 -12.30 -2.95 -18.26
N VAL A 107 -12.37 -4.23 -17.88
CA VAL A 107 -13.54 -4.75 -17.18
C VAL A 107 -13.71 -4.07 -15.83
N ILE A 108 -12.62 -3.94 -15.10
CA ILE A 108 -12.63 -3.24 -13.82
C ILE A 108 -13.08 -1.79 -13.99
N GLU A 109 -12.56 -1.14 -15.01
CA GLU A 109 -12.90 0.26 -15.28
C GLU A 109 -14.38 0.41 -15.63
N GLN A 110 -14.88 -0.49 -16.46
CA GLN A 110 -16.27 -0.45 -16.90
C GLN A 110 -17.22 -0.65 -15.73
N ASN A 111 -16.93 -1.64 -14.90
CA ASN A 111 -17.79 -1.96 -13.76
C ASN A 111 -17.73 -0.86 -12.71
N ALA A 112 -16.54 -0.38 -12.42
CA ALA A 112 -16.35 0.70 -11.46
C ALA A 112 -17.01 1.99 -11.94
N SER A 113 -16.88 2.26 -13.24
CA SER A 113 -17.46 3.46 -13.83
C SER A 113 -18.98 3.50 -13.62
N VAL A 114 -19.63 2.38 -13.89
CA VAL A 114 -21.07 2.27 -13.68
C VAL A 114 -21.44 2.49 -12.22
N MET A 115 -20.75 1.78 -11.33
CA MET A 115 -21.02 1.88 -9.90
C MET A 115 -20.86 3.31 -9.41
N GLU A 116 -19.85 4.00 -9.94
CA GLU A 116 -19.60 5.40 -9.58
C GLU A 116 -20.67 6.31 -10.19
N SER A 117 -21.07 6.00 -11.42
CA SER A 117 -22.01 6.85 -12.15
C SER A 117 -23.41 6.78 -11.54
N LEU A 118 -23.66 5.72 -10.77
CA LEU A 118 -24.93 5.57 -10.07
C LEU A 118 -25.06 6.59 -8.95
N ASN A 119 -23.94 7.20 -8.57
CA ASN A 119 -23.94 8.22 -7.54
C ASN A 119 -24.39 7.65 -6.20
N ASP A 120 -24.07 6.38 -5.97
CA ASP A 120 -24.35 5.74 -4.69
C ASP A 120 -23.10 5.67 -3.82
N GLU A 121 -23.08 6.46 -2.76
CA GLU A 121 -21.92 6.53 -1.88
C GLU A 121 -21.34 5.16 -1.61
N TYR A 122 -22.21 4.19 -1.33
CA TYR A 122 -21.78 2.84 -1.02
C TYR A 122 -21.04 2.21 -2.20
N LEU A 123 -21.69 2.20 -3.36
CA LEU A 123 -21.14 1.54 -4.54
C LEU A 123 -19.91 2.28 -5.05
N LYS A 124 -19.90 3.59 -4.87
CA LYS A 124 -18.74 4.40 -5.23
C LYS A 124 -17.52 4.02 -4.41
N GLU A 125 -17.72 3.88 -3.10
CA GLU A 125 -16.65 3.39 -2.22
C GLU A 125 -16.19 2.00 -2.61
N ARG A 126 -17.14 1.13 -2.92
CA ARG A 126 -16.83 -0.23 -3.34
C ARG A 126 -16.18 -0.25 -4.72
N ALA A 127 -16.55 0.72 -5.56
CA ALA A 127 -15.94 0.86 -6.88
C ALA A 127 -14.45 1.17 -6.77
N VAL A 128 -14.10 1.98 -5.77
CA VAL A 128 -12.69 2.24 -5.47
C VAL A 128 -11.97 0.96 -5.08
N ASP A 129 -12.61 0.16 -4.24
CA ASP A 129 -12.09 -1.17 -3.90
C ASP A 129 -11.95 -2.04 -5.13
N LEU A 130 -12.95 -1.98 -6.00
CA LEU A 130 -12.93 -2.75 -7.25
C LEU A 130 -11.74 -2.34 -8.13
N ARG A 131 -11.49 -1.04 -8.20
CA ARG A 131 -10.32 -0.53 -8.91
C ARG A 131 -9.03 -1.08 -8.31
N ASP A 132 -9.00 -1.20 -6.99
CA ASP A 132 -7.86 -1.79 -6.30
C ASP A 132 -7.70 -3.27 -6.65
N VAL A 133 -8.83 -3.97 -6.70
CA VAL A 133 -8.84 -5.38 -7.09
C VAL A 133 -8.17 -5.57 -8.44
N GLY A 134 -8.53 -4.72 -9.40
CA GLY A 134 -7.93 -4.78 -10.73
C GLY A 134 -6.41 -4.64 -10.67
N ASN A 135 -5.95 -3.67 -9.87
CA ASN A 135 -4.52 -3.43 -9.72
C ASN A 135 -3.82 -4.65 -9.14
N ARG A 136 -4.43 -5.27 -8.14
CA ARG A 136 -3.86 -6.44 -7.49
C ARG A 136 -3.71 -7.59 -8.47
N ILE A 137 -4.72 -7.78 -9.32
CA ILE A 137 -4.69 -8.84 -10.32
C ILE A 137 -3.58 -8.62 -11.32
N ILE A 138 -3.48 -7.41 -11.84
CA ILE A 138 -2.45 -7.06 -12.82
C ILE A 138 -1.06 -7.25 -12.24
N GLU A 139 -0.89 -6.87 -10.98
CA GLU A 139 0.38 -7.06 -10.29
C GLU A 139 0.82 -8.52 -10.31
N ASN A 140 -0.12 -9.41 -10.00
CA ASN A 140 0.18 -10.84 -9.94
C ASN A 140 0.41 -11.41 -11.33
N LEU A 141 -0.24 -10.82 -12.32
CA LEU A 141 0.01 -11.17 -13.72
C LEU A 141 1.41 -10.77 -14.15
N LEU A 142 1.87 -9.63 -13.65
CA LEU A 142 3.20 -9.13 -14.00
C LEU A 142 4.28 -9.76 -13.13
N GLY A 143 3.93 -10.07 -11.90
CA GLY A 143 4.89 -10.56 -10.92
C GLY A 143 5.45 -9.42 -10.07
N VAL A 144 4.63 -8.42 -9.83
CA VAL A 144 5.04 -7.26 -9.04
C VAL A 144 5.15 -7.63 -7.56
N LYS A 145 6.33 -7.40 -6.99
CA LYS A 145 6.60 -7.74 -5.60
C LYS A 145 7.02 -6.53 -4.79
N SER A 146 6.95 -6.66 -3.47
CA SER A 146 7.39 -5.58 -2.58
C SER A 146 7.85 -6.15 -1.24
N VAL A 147 8.54 -5.32 -0.46
CA VAL A 147 9.09 -5.74 0.81
C VAL A 147 8.00 -5.99 1.84
N ASN A 148 8.05 -7.16 2.49
CA ASN A 148 7.06 -7.51 3.50
C ASN A 148 7.31 -6.77 4.81
N LEU A 149 6.44 -5.82 5.13
CA LEU A 149 6.69 -4.90 6.22
C LEU A 149 6.22 -5.49 7.55
N SER A 150 5.62 -6.67 7.48
CA SER A 150 5.20 -7.39 8.68
C SER A 150 6.29 -8.31 9.18
N ASP A 151 7.42 -8.33 8.48
CA ASP A 151 8.60 -9.08 8.92
C ASP A 151 9.55 -8.20 9.71
N LEU A 152 9.14 -6.96 9.97
CA LEU A 152 9.95 -6.03 10.74
C LEU A 152 9.94 -6.39 12.22
N GLU A 153 10.73 -7.39 12.59
CA GLU A 153 10.76 -7.88 13.95
C GLU A 153 11.39 -6.86 14.89
N GLU A 154 12.32 -6.08 14.37
CA GLU A 154 12.98 -5.03 15.15
C GLU A 154 12.21 -3.73 15.09
N GLU A 155 12.34 -2.92 16.14
CA GLU A 155 11.68 -1.62 16.19
C GLU A 155 12.37 -0.62 15.28
N VAL A 156 11.67 -0.20 14.23
CA VAL A 156 12.27 0.59 13.16
C VAL A 156 11.35 1.72 12.73
N VAL A 157 11.87 2.63 11.91
CA VAL A 157 11.07 3.70 11.33
C VAL A 157 10.72 3.39 9.88
N VAL A 158 9.45 3.60 9.53
CA VAL A 158 8.96 3.24 8.20
C VAL A 158 9.25 4.34 7.19
N ILE A 159 10.12 4.04 6.23
CA ILE A 159 10.36 4.94 5.11
C ILE A 159 9.67 4.45 3.84
N ALA A 160 8.72 5.22 3.35
CA ALA A 160 7.86 4.79 2.25
C ALA A 160 7.45 5.96 1.37
N ARG A 161 7.11 5.67 0.13
CA ARG A 161 6.61 6.68 -0.79
C ARG A 161 5.09 6.69 -0.84
N ASP A 162 4.48 5.58 -0.44
CA ASP A 162 3.03 5.46 -0.44
C ASP A 162 2.58 4.30 0.45
N LEU A 163 1.94 4.64 1.57
CA LEU A 163 1.37 3.64 2.46
C LEU A 163 -0.12 3.45 2.20
N THR A 164 -0.45 2.42 1.41
CA THR A 164 -1.84 2.09 1.14
C THR A 164 -2.43 1.27 2.28
N PRO A 165 -3.76 1.16 2.29
CA PRO A 165 -4.44 0.34 3.28
C PRO A 165 -3.84 -1.05 3.36
N SER A 166 -3.44 -1.59 2.22
CA SER A 166 -2.89 -2.93 2.15
C SER A 166 -1.45 -2.96 2.66
N ASP A 167 -0.74 -1.84 2.47
CA ASP A 167 0.61 -1.70 2.98
C ASP A 167 0.62 -1.59 4.50
N THR A 168 -0.40 -0.94 5.04
CA THR A 168 -0.52 -0.77 6.49
C THR A 168 -1.09 -2.02 7.14
N ALA A 169 -1.91 -2.75 6.39
CA ALA A 169 -2.44 -4.03 6.86
C ALA A 169 -1.34 -5.06 6.99
N THR A 170 -0.45 -5.11 6.01
CA THR A 170 0.67 -6.04 6.02
C THR A 170 1.93 -5.38 6.57
N MET A 171 1.77 -4.63 7.65
CA MET A 171 2.90 -4.00 8.32
C MET A 171 2.79 -4.14 9.83
N LYS A 172 3.88 -4.54 10.47
CA LYS A 172 3.88 -4.80 11.90
C LYS A 172 3.93 -3.51 12.70
N LYS A 173 2.75 -2.96 13.00
CA LYS A 173 2.67 -1.70 13.73
C LYS A 173 3.42 -1.77 15.05
N GLU A 174 3.41 -2.95 15.67
CA GLU A 174 4.07 -3.14 16.95
C GLU A 174 5.49 -2.59 16.93
N MET A 175 6.17 -2.76 15.81
CA MET A 175 7.59 -2.46 15.71
C MET A 175 7.83 -1.24 14.84
N VAL A 176 6.89 -0.31 14.87
CA VAL A 176 7.06 0.99 14.20
C VAL A 176 7.29 2.10 15.21
N LEU A 177 8.39 2.82 15.07
CA LEU A 177 8.76 3.87 16.02
C LEU A 177 8.40 5.24 15.48
N GLY A 178 8.04 5.30 14.19
CA GLY A 178 7.64 6.55 13.57
C GLY A 178 7.41 6.37 12.07
N PHE A 179 6.85 7.39 11.44
CA PHE A 179 6.60 7.36 10.00
C PHE A 179 7.30 8.51 9.29
N ALA A 180 7.84 8.22 8.11
CA ALA A 180 8.34 9.28 7.22
C ALA A 180 8.06 8.94 5.76
N THR A 181 7.12 9.67 5.16
CA THR A 181 6.64 9.34 3.83
C THR A 181 6.91 10.47 2.85
N ASP A 182 7.01 10.13 1.57
CA ASP A 182 7.13 11.13 0.52
C ASP A 182 5.88 12.00 0.42
N VAL A 183 4.73 11.36 0.52
CA VAL A 183 3.46 12.02 0.23
C VAL A 183 2.66 12.28 1.50
N GLY A 184 1.76 13.26 1.44
CA GLY A 184 0.86 13.53 2.56
C GLY A 184 -0.54 13.01 2.27
N GLY A 185 -0.69 12.33 1.14
CA GLY A 185 -1.98 11.78 0.74
C GLY A 185 -2.39 10.62 1.64
N ARG A 186 -1.42 10.07 2.36
CA ARG A 186 -1.68 8.97 3.28
C ARG A 186 -1.55 9.43 4.73
N THR A 187 -1.72 10.73 4.95
CA THR A 187 -1.65 11.30 6.29
C THR A 187 -2.53 10.52 7.26
N SER A 188 -3.76 10.21 6.84
CA SER A 188 -4.72 9.54 7.70
C SER A 188 -4.18 8.18 8.16
N HIS A 189 -3.59 7.43 7.24
CA HIS A 189 -3.00 6.14 7.56
C HIS A 189 -1.98 6.27 8.69
N THR A 190 -1.07 7.22 8.54
CA THR A 190 0.00 7.40 9.52
C THR A 190 -0.54 8.00 10.82
N ALA A 191 -1.58 8.81 10.70
CA ALA A 191 -2.21 9.42 11.87
C ALA A 191 -2.93 8.38 12.72
N ILE A 192 -3.66 7.49 12.06
CA ILE A 192 -4.36 6.41 12.75
C ILE A 192 -3.40 5.48 13.46
N MET A 193 -2.37 5.04 12.74
CA MET A 193 -1.38 4.13 13.30
C MET A 193 -0.60 4.79 14.43
N ALA A 194 -0.15 6.02 14.19
CA ALA A 194 0.64 6.75 15.16
C ALA A 194 -0.15 7.01 16.44
N ARG A 195 -1.44 7.28 16.28
CA ARG A 195 -2.32 7.49 17.42
C ARG A 195 -2.35 6.26 18.34
N SER A 196 -2.47 5.09 17.74
CA SER A 196 -2.59 3.84 18.49
C SER A 196 -1.24 3.39 19.02
N LEU A 197 -0.17 3.83 18.35
CA LEU A 197 1.19 3.45 18.73
C LEU A 197 1.82 4.50 19.61
N GLU A 198 1.23 5.69 19.64
CA GLU A 198 1.78 6.81 20.39
C GLU A 198 3.17 7.18 19.88
N ILE A 199 3.30 7.34 18.57
CA ILE A 199 4.58 7.64 17.96
C ILE A 199 4.49 8.86 17.05
N PRO A 200 5.64 9.46 16.76
CA PRO A 200 5.71 10.60 15.85
C PRO A 200 5.49 10.17 14.41
N ALA A 201 4.92 11.07 13.61
CA ALA A 201 4.71 10.79 12.19
C ALA A 201 4.84 12.06 11.36
N VAL A 202 5.70 12.01 10.34
CA VAL A 202 5.88 13.15 9.45
C VAL A 202 5.67 12.75 7.99
N VAL A 203 4.76 13.44 7.32
CA VAL A 203 4.37 13.08 5.96
C VAL A 203 4.54 14.26 5.01
N GLY A 204 4.64 13.97 3.73
CA GLY A 204 4.79 15.00 2.71
C GLY A 204 6.21 15.55 2.70
N LEU A 205 7.19 14.67 2.87
CA LEU A 205 8.60 15.07 2.87
C LEU A 205 9.12 15.25 1.45
N GLY A 206 8.37 14.74 0.48
CA GLY A 206 8.69 14.96 -0.93
C GLY A 206 9.47 13.79 -1.50
N ASN A 207 10.64 13.52 -0.92
CA ASN A 207 11.55 12.52 -1.45
C ASN A 207 12.40 11.90 -0.35
N VAL A 208 11.77 11.57 0.76
CA VAL A 208 12.47 10.93 1.87
C VAL A 208 13.02 9.58 1.47
N THR A 209 12.43 8.97 0.44
CA THR A 209 12.87 7.68 -0.06
C THR A 209 14.17 7.80 -0.86
N SER A 210 14.50 9.03 -1.24
CA SER A 210 15.76 9.31 -1.92
C SER A 210 16.81 9.82 -0.95
N GLN A 211 16.37 10.44 0.12
CA GLN A 211 17.27 11.00 1.12
C GLN A 211 17.56 9.99 2.22
N VAL A 212 16.66 9.04 2.40
CA VAL A 212 16.81 8.01 3.43
C VAL A 212 16.77 6.61 2.80
N LYS A 213 17.83 5.84 3.03
CA LYS A 213 17.93 4.51 2.44
C LYS A 213 17.94 3.44 3.51
N ALA A 214 17.63 2.21 3.11
CA ALA A 214 17.60 1.08 4.04
C ALA A 214 18.97 0.85 4.67
N GLY A 215 19.01 0.82 6.00
CA GLY A 215 20.25 0.58 6.72
C GLY A 215 20.74 1.85 7.40
N ASP A 216 20.21 2.99 6.97
CA ASP A 216 20.59 4.28 7.54
C ASP A 216 20.00 4.44 8.94
N LEU A 217 20.54 5.40 9.68
CA LEU A 217 19.94 5.80 10.96
C LEU A 217 19.05 7.03 10.80
N VAL A 218 17.84 6.94 11.31
CA VAL A 218 16.85 7.99 11.12
C VAL A 218 16.20 8.38 12.45
N ILE A 219 16.04 9.68 12.67
CA ILE A 219 15.34 10.18 13.84
C ILE A 219 14.17 11.06 13.45
N VAL A 220 12.98 10.74 13.96
CA VAL A 220 11.76 11.43 13.57
C VAL A 220 11.25 12.32 14.70
N ASP A 221 11.29 13.63 14.47
CA ASP A 221 10.72 14.59 15.41
C ASP A 221 9.33 15.03 14.96
N GLY A 222 8.31 14.33 15.41
CA GLY A 222 6.95 14.55 14.94
C GLY A 222 6.40 15.88 15.42
N LEU A 223 6.80 16.27 16.63
CA LEU A 223 6.35 17.52 17.22
C LEU A 223 6.69 18.71 16.32
N GLU A 224 7.94 18.78 15.89
CA GLU A 224 8.39 19.85 15.01
C GLU A 224 8.07 19.53 13.56
N GLY A 225 7.99 18.24 13.25
CA GLY A 225 7.68 17.81 11.89
C GLY A 225 8.93 17.76 11.03
N ILE A 226 10.03 17.33 11.63
CA ILE A 226 11.32 17.31 10.93
C ILE A 226 12.04 15.99 11.16
N VAL A 227 12.83 15.58 10.16
CA VAL A 227 13.52 14.29 10.22
C VAL A 227 14.98 14.43 9.83
N ILE A 228 15.85 13.78 10.60
CA ILE A 228 17.28 13.74 10.26
C ILE A 228 17.72 12.32 9.95
N VAL A 229 18.59 12.20 8.94
CA VAL A 229 19.12 10.90 8.55
C VAL A 229 20.65 10.90 8.60
N ASN A 230 21.22 9.80 9.10
CA ASN A 230 22.65 9.72 9.33
C ASN A 230 23.14 10.85 10.22
N PRO A 231 22.49 11.01 11.38
CA PRO A 231 22.89 12.02 12.35
C PRO A 231 24.20 11.64 13.03
N ASP A 232 24.92 12.63 13.52
CA ASP A 232 26.18 12.39 14.21
C ASP A 232 25.97 12.16 15.70
N GLU A 233 27.05 11.98 16.44
CA GLU A 233 26.98 11.57 17.84
C GLU A 233 26.13 12.54 18.65
N LYS A 234 26.48 13.83 18.58
CA LYS A 234 25.77 14.85 19.34
C LYS A 234 24.29 14.90 18.96
N THR A 235 24.02 14.90 17.66
CA THR A 235 22.65 14.96 17.17
C THR A 235 21.79 13.85 17.75
N VAL A 236 22.33 12.64 17.74
CA VAL A 236 21.63 11.48 18.28
C VAL A 236 21.36 11.65 19.77
N GLU A 237 22.38 12.08 20.51
CA GLU A 237 22.29 12.19 21.96
C GLU A 237 21.33 13.30 22.36
N ASP A 238 21.31 14.38 21.58
CA ASP A 238 20.38 15.47 21.80
C ASP A 238 18.94 15.01 21.64
N TYR A 239 18.68 14.27 20.57
CA TYR A 239 17.35 13.73 20.31
C TYR A 239 17.04 12.55 21.22
N LYS A 240 18.09 11.86 21.66
CA LYS A 240 17.94 10.77 22.61
C LYS A 240 17.40 11.27 23.94
N SER A 241 17.93 12.40 24.40
CA SER A 241 17.42 13.06 25.60
C SER A 241 15.94 13.41 25.44
N LYS A 242 15.57 13.91 24.27
CA LYS A 242 14.18 14.21 23.96
C LYS A 242 13.35 12.95 23.84
N LYS A 243 13.96 11.90 23.30
CA LYS A 243 13.28 10.61 23.18
C LYS A 243 12.86 10.08 24.54
N GLU A 244 13.79 10.08 25.49
CA GLU A 244 13.50 9.64 26.84
C GLU A 244 12.48 10.54 27.52
N SER A 245 12.62 11.85 27.30
CA SER A 245 11.69 12.82 27.83
C SER A 245 10.28 12.56 27.33
N TYR A 246 10.16 12.21 26.05
CA TYR A 246 8.88 11.88 25.45
C TYR A 246 8.32 10.58 26.03
N GLU A 247 9.14 9.53 26.01
CA GLU A 247 8.68 8.19 26.34
C GLU A 247 8.43 8.04 27.84
N LYS A 248 9.32 8.61 28.64
CA LYS A 248 9.23 8.50 30.09
C LYS A 248 8.22 9.48 30.66
N MET A 1 15.39 20.25 7.79
CA MET A 1 14.70 19.02 8.13
C MET A 1 13.56 18.73 7.15
N LEU A 2 12.95 17.55 7.29
CA LEU A 2 11.82 17.18 6.45
C LEU A 2 10.50 17.44 7.15
N LYS A 3 9.65 18.24 6.53
CA LYS A 3 8.36 18.59 7.11
C LYS A 3 7.22 17.91 6.37
N GLY A 4 6.26 17.38 7.11
CA GLY A 4 5.11 16.70 6.52
C GLY A 4 3.96 16.59 7.53
N VAL A 5 3.28 15.46 7.52
CA VAL A 5 2.09 15.27 8.33
C VAL A 5 2.37 14.40 9.54
N ALA A 6 2.29 14.99 10.72
CA ALA A 6 2.50 14.27 11.97
C ALA A 6 1.38 13.25 12.22
N ALA A 7 1.56 12.05 11.68
CA ALA A 7 0.60 10.98 11.88
C ALA A 7 0.52 10.56 13.33
N SER A 8 1.66 10.63 14.02
CA SER A 8 1.71 10.33 15.45
C SER A 8 2.79 11.16 16.15
N PRO A 9 2.45 11.71 17.31
CA PRO A 9 3.36 12.56 18.06
C PRO A 9 4.41 11.72 18.78
N GLY A 10 5.49 12.36 19.19
CA GLY A 10 6.51 11.70 20.01
C GLY A 10 7.89 11.84 19.38
N ILE A 11 8.91 11.31 20.06
CA ILE A 11 10.26 11.31 19.53
C ILE A 11 10.84 9.90 19.49
N ALA A 12 11.39 9.53 18.34
CA ALA A 12 12.02 8.21 18.18
C ALA A 12 13.29 8.32 17.36
N ILE A 13 14.32 7.56 17.77
CA ILE A 13 15.58 7.53 17.06
C ILE A 13 15.91 6.12 16.58
N GLY A 14 16.15 5.98 15.28
CA GLY A 14 16.45 4.67 14.70
C GLY A 14 17.18 4.83 13.37
N LYS A 15 17.06 3.81 12.52
CA LYS A 15 17.72 3.82 11.22
C LYS A 15 16.70 3.93 10.09
N ALA A 16 17.19 3.96 8.86
CA ALA A 16 16.33 4.05 7.69
C ALA A 16 16.05 2.66 7.11
N PHE A 17 14.78 2.38 6.85
CA PHE A 17 14.39 1.17 6.13
C PHE A 17 13.61 1.52 4.87
N LEU A 18 14.29 1.55 3.73
CA LEU A 18 13.71 2.06 2.51
C LEU A 18 12.91 0.99 1.78
N TYR A 19 11.62 1.23 1.62
CA TYR A 19 10.77 0.33 0.84
C TYR A 19 10.56 0.86 -0.58
N THR A 20 11.13 0.17 -1.55
CA THR A 20 10.86 0.48 -2.96
C THR A 20 9.92 -0.55 -3.57
N LYS A 21 9.42 -0.23 -4.77
CA LYS A 21 8.45 -1.09 -5.43
C LYS A 21 8.71 -1.16 -6.93
N GLU A 22 8.71 -2.37 -7.47
CA GLU A 22 8.91 -2.57 -8.91
C GLU A 22 7.81 -1.90 -9.71
N LYS A 23 8.20 -1.16 -10.74
CA LYS A 23 7.24 -0.49 -11.60
C LYS A 23 6.32 -1.48 -12.29
N VAL A 24 5.01 -1.21 -12.25
CA VAL A 24 4.03 -2.11 -12.82
C VAL A 24 3.86 -1.84 -14.32
N THR A 25 4.50 -2.68 -15.14
CA THR A 25 4.41 -2.55 -16.58
C THR A 25 3.37 -3.50 -17.16
N ILE A 26 2.30 -2.94 -17.72
CA ILE A 26 1.20 -3.73 -18.26
C ILE A 26 1.36 -3.93 -19.76
N ASN A 27 1.33 -5.18 -20.20
CA ASN A 27 1.46 -5.50 -21.62
C ASN A 27 0.14 -5.31 -22.34
N VAL A 28 0.12 -4.36 -23.29
CA VAL A 28 -1.11 -3.99 -23.98
C VAL A 28 -1.11 -4.53 -25.41
N GLU A 29 -0.32 -5.56 -25.65
CA GLU A 29 -0.24 -6.17 -26.98
C GLU A 29 -1.37 -7.15 -27.20
N LYS A 30 -1.69 -7.42 -28.47
CA LYS A 30 -2.69 -8.40 -28.83
C LYS A 30 -2.11 -9.81 -28.86
N ILE A 31 -2.98 -10.81 -28.77
CA ILE A 31 -2.54 -12.20 -28.71
C ILE A 31 -3.17 -13.02 -29.83
N GLU A 32 -2.62 -14.20 -30.08
CA GLU A 32 -3.22 -15.15 -31.01
C GLU A 32 -4.48 -15.77 -30.42
N GLU A 33 -5.45 -16.06 -31.27
CA GLU A 33 -6.72 -16.63 -30.84
C GLU A 33 -6.49 -17.86 -29.97
N SER A 34 -5.50 -18.67 -30.33
CA SER A 34 -5.22 -19.92 -29.62
C SER A 34 -4.66 -19.65 -28.24
N LYS A 35 -4.20 -18.42 -28.01
CA LYS A 35 -3.55 -18.06 -26.76
C LYS A 35 -4.55 -17.43 -25.79
N VAL A 36 -5.80 -17.30 -26.23
CA VAL A 36 -6.85 -16.74 -25.40
C VAL A 36 -7.02 -17.54 -24.12
N GLU A 37 -7.07 -18.87 -24.24
CA GLU A 37 -7.24 -19.75 -23.10
C GLU A 37 -6.04 -19.68 -22.17
N GLU A 38 -4.87 -19.46 -22.75
CA GLU A 38 -3.63 -19.36 -21.97
C GLU A 38 -3.64 -18.13 -21.08
N GLU A 39 -4.10 -17.01 -21.61
CA GLU A 39 -4.19 -15.77 -20.86
C GLU A 39 -5.28 -15.85 -19.79
N ILE A 40 -6.38 -16.51 -20.13
CA ILE A 40 -7.46 -16.74 -19.17
C ILE A 40 -6.99 -17.62 -18.03
N ALA A 41 -6.24 -18.68 -18.35
CA ALA A 41 -5.69 -19.57 -17.34
C ALA A 41 -4.82 -18.81 -16.34
N LYS A 42 -3.93 -17.99 -16.87
CA LYS A 42 -3.04 -17.18 -16.02
C LYS A 42 -3.84 -16.18 -15.19
N PHE A 43 -4.87 -15.61 -15.80
CA PHE A 43 -5.77 -14.71 -15.09
C PHE A 43 -6.42 -15.40 -13.89
N ARG A 44 -6.94 -16.60 -14.12
CA ARG A 44 -7.60 -17.37 -13.07
C ARG A 44 -6.61 -17.75 -11.98
N LYS A 45 -5.38 -18.04 -12.37
CA LYS A 45 -4.31 -18.32 -11.42
C LYS A 45 -4.03 -17.10 -10.54
N ALA A 46 -4.01 -15.92 -11.16
CA ALA A 46 -3.82 -14.68 -10.41
C ALA A 46 -4.94 -14.46 -9.42
N LEU A 47 -6.16 -14.82 -9.81
CA LEU A 47 -7.32 -14.71 -8.92
C LEU A 47 -7.15 -15.57 -7.68
N GLU A 48 -6.63 -16.78 -7.87
CA GLU A 48 -6.40 -17.70 -6.76
C GLU A 48 -5.39 -17.13 -5.78
N VAL A 49 -4.37 -16.46 -6.30
CA VAL A 49 -3.36 -15.82 -5.46
C VAL A 49 -3.97 -14.71 -4.61
N THR A 50 -4.79 -13.87 -5.23
CA THR A 50 -5.43 -12.76 -4.53
C THR A 50 -6.47 -13.26 -3.55
N GLN A 51 -7.08 -14.41 -3.86
CA GLN A 51 -8.02 -15.05 -2.95
C GLN A 51 -7.34 -15.41 -1.63
N GLU A 52 -6.20 -16.08 -1.71
CA GLU A 52 -5.42 -16.42 -0.53
C GLU A 52 -4.99 -15.18 0.23
N GLU A 53 -4.42 -14.22 -0.49
CA GLU A 53 -3.91 -13.01 0.12
C GLU A 53 -5.00 -12.26 0.88
N ILE A 54 -6.09 -11.96 0.19
CA ILE A 54 -7.17 -11.15 0.77
C ILE A 54 -7.76 -11.82 1.99
N GLU A 55 -7.95 -13.14 1.91
CA GLU A 55 -8.48 -13.91 3.02
C GLU A 55 -7.60 -13.78 4.25
N LYS A 56 -6.31 -14.03 4.08
CA LYS A 56 -5.36 -13.97 5.18
C LYS A 56 -5.19 -12.55 5.69
N ILE A 57 -5.20 -11.59 4.78
CA ILE A 57 -5.12 -10.18 5.14
C ILE A 57 -6.35 -9.74 5.92
N LYS A 58 -7.51 -10.21 5.49
CA LYS A 58 -8.76 -9.93 6.20
C LYS A 58 -8.63 -10.29 7.68
N GLU A 59 -8.14 -11.47 7.96
CA GLU A 59 -7.94 -11.92 9.33
C GLU A 59 -7.08 -10.93 10.12
N LYS A 60 -5.92 -10.60 9.56
CA LYS A 60 -5.00 -9.67 10.21
C LYS A 60 -5.64 -8.30 10.40
N ALA A 61 -6.39 -7.86 9.39
CA ALA A 61 -7.05 -6.57 9.45
C ALA A 61 -8.07 -6.52 10.59
N LEU A 62 -8.82 -7.60 10.75
CA LEU A 62 -9.75 -7.73 11.87
C LEU A 62 -9.03 -7.59 13.20
N LYS A 63 -7.90 -8.29 13.34
CA LYS A 63 -7.19 -8.36 14.62
C LYS A 63 -6.41 -7.08 14.88
N GLU A 64 -5.99 -6.41 13.81
CA GLU A 64 -5.14 -5.24 13.93
C GLU A 64 -5.97 -3.96 14.00
N PHE A 65 -6.98 -3.87 13.15
CA PHE A 65 -7.71 -2.63 12.95
C PHE A 65 -9.17 -2.76 13.36
N GLY A 66 -9.72 -3.96 13.18
CA GLY A 66 -11.09 -4.24 13.61
C GLY A 66 -11.90 -4.85 12.47
N LYS A 67 -13.04 -5.45 12.82
CA LYS A 67 -13.88 -6.13 11.85
C LYS A 67 -14.28 -5.18 10.71
N GLU A 68 -14.46 -3.92 11.05
CA GLU A 68 -14.78 -2.89 10.04
C GLU A 68 -13.86 -3.02 8.84
N LYS A 69 -12.58 -3.20 9.09
CA LYS A 69 -11.58 -3.28 8.02
C LYS A 69 -11.64 -4.64 7.34
N ALA A 70 -11.92 -5.68 8.12
CA ALA A 70 -12.10 -7.03 7.57
C ALA A 70 -13.26 -7.07 6.59
N GLU A 71 -14.32 -6.33 6.90
CA GLU A 71 -15.48 -6.24 6.02
C GLU A 71 -15.12 -5.58 4.69
N ILE A 72 -14.23 -4.60 4.75
CA ILE A 72 -13.70 -3.97 3.54
C ILE A 72 -12.98 -4.99 2.67
N PHE A 73 -12.18 -5.84 3.31
CA PHE A 73 -11.41 -6.85 2.60
C PHE A 73 -12.30 -8.01 2.16
N GLU A 74 -13.41 -8.20 2.88
CA GLU A 74 -14.45 -9.12 2.44
C GLU A 74 -15.09 -8.67 1.14
N ALA A 75 -15.32 -7.36 1.03
CA ALA A 75 -15.78 -6.76 -0.21
C ALA A 75 -14.75 -6.95 -1.33
N HIS A 76 -13.47 -6.76 -0.98
CA HIS A 76 -12.39 -6.99 -1.92
C HIS A 76 -12.38 -8.43 -2.42
N LEU A 77 -12.63 -9.37 -1.51
CA LEU A 77 -12.66 -10.78 -1.85
C LEU A 77 -13.82 -11.10 -2.79
N MET A 78 -14.99 -10.54 -2.50
CA MET A 78 -16.16 -10.74 -3.33
C MET A 78 -15.97 -10.13 -4.72
N LEU A 79 -15.29 -8.99 -4.76
CA LEU A 79 -14.93 -8.36 -6.03
C LEU A 79 -13.96 -9.22 -6.82
N ALA A 80 -12.94 -9.72 -6.13
CA ALA A 80 -11.95 -10.59 -6.75
C ALA A 80 -12.59 -11.86 -7.31
N SER A 81 -13.59 -12.37 -6.60
CA SER A 81 -14.26 -13.60 -6.99
C SER A 81 -15.62 -13.31 -7.61
N ASP A 82 -15.81 -12.08 -8.08
CA ASP A 82 -17.05 -11.69 -8.75
C ASP A 82 -17.14 -12.32 -10.14
N PRO A 83 -18.12 -13.21 -10.32
CA PRO A 83 -18.30 -13.90 -11.59
C PRO A 83 -18.41 -12.91 -12.74
N GLU A 84 -19.01 -11.76 -12.47
CA GLU A 84 -19.24 -10.76 -13.51
C GLU A 84 -17.93 -10.12 -13.97
N LEU A 85 -17.07 -9.80 -13.00
CA LEU A 85 -15.77 -9.21 -13.30
C LEU A 85 -14.83 -10.24 -13.92
N ILE A 86 -14.92 -11.47 -13.44
CA ILE A 86 -14.09 -12.56 -13.96
C ILE A 86 -14.41 -12.85 -15.42
N GLU A 87 -15.69 -13.05 -15.71
CA GLU A 87 -16.12 -13.33 -17.08
C GLU A 87 -15.95 -12.12 -17.97
N GLY A 88 -16.06 -10.93 -17.39
CA GLY A 88 -15.82 -9.69 -18.10
C GLY A 88 -14.40 -9.66 -18.68
N VAL A 89 -13.43 -10.00 -17.84
CA VAL A 89 -12.04 -10.07 -18.29
C VAL A 89 -11.84 -11.17 -19.31
N GLU A 90 -12.43 -12.33 -19.06
CA GLU A 90 -12.32 -13.46 -19.97
C GLU A 90 -12.87 -13.11 -21.35
N ASN A 91 -14.01 -12.45 -21.37
CA ASN A 91 -14.63 -12.04 -22.63
C ASN A 91 -13.79 -10.95 -23.32
N MET A 92 -13.19 -10.09 -22.51
CA MET A 92 -12.31 -9.05 -23.03
C MET A 92 -11.09 -9.65 -23.72
N ILE A 93 -10.50 -10.67 -23.09
CA ILE A 93 -9.35 -11.36 -23.66
C ILE A 93 -9.68 -11.96 -25.01
N LYS A 94 -10.81 -12.67 -25.08
CA LYS A 94 -11.19 -13.38 -26.30
C LYS A 94 -11.68 -12.42 -27.36
N THR A 95 -12.54 -11.48 -26.97
CA THR A 95 -13.21 -10.61 -27.92
C THR A 95 -12.22 -9.73 -28.67
N GLU A 96 -11.32 -9.09 -27.92
CA GLU A 96 -10.36 -8.16 -28.49
C GLU A 96 -9.05 -8.87 -28.83
N LEU A 97 -8.90 -10.09 -28.34
CA LEU A 97 -7.66 -10.84 -28.50
C LEU A 97 -6.48 -10.08 -27.88
N VAL A 98 -6.52 -9.92 -26.56
CA VAL A 98 -5.49 -9.16 -25.86
C VAL A 98 -4.96 -9.93 -24.65
N THR A 99 -3.83 -9.48 -24.12
CA THR A 99 -3.26 -10.10 -22.93
C THR A 99 -4.15 -9.90 -21.71
N ALA A 100 -4.03 -10.80 -20.74
CA ALA A 100 -4.93 -10.80 -19.59
C ALA A 100 -4.78 -9.53 -18.76
N ASP A 101 -3.54 -9.10 -18.57
CA ASP A 101 -3.25 -7.95 -17.73
C ASP A 101 -3.88 -6.68 -18.29
N ASN A 102 -3.88 -6.57 -19.61
CA ASN A 102 -4.58 -5.47 -20.28
C ASN A 102 -6.08 -5.59 -20.10
N ALA A 103 -6.60 -6.80 -20.25
CA ALA A 103 -8.04 -7.03 -20.10
C ALA A 103 -8.52 -6.66 -18.70
N VAL A 104 -7.75 -7.07 -17.70
CA VAL A 104 -8.08 -6.74 -16.31
C VAL A 104 -8.05 -5.23 -16.09
N ASN A 105 -7.00 -4.58 -16.58
CA ASN A 105 -6.85 -3.14 -16.44
C ASN A 105 -8.06 -2.41 -17.01
N LYS A 106 -8.48 -2.81 -18.21
CA LYS A 106 -9.57 -2.12 -18.90
C LYS A 106 -10.90 -2.37 -18.21
N VAL A 107 -11.22 -3.63 -17.96
CA VAL A 107 -12.50 -4.00 -17.38
C VAL A 107 -12.69 -3.37 -16.01
N ILE A 108 -11.66 -3.46 -15.17
CA ILE A 108 -11.73 -2.97 -13.80
C ILE A 108 -11.81 -1.45 -13.77
N GLU A 109 -10.93 -0.80 -14.54
CA GLU A 109 -10.86 0.65 -14.56
C GLU A 109 -12.10 1.27 -15.17
N GLN A 110 -12.60 0.63 -16.23
CA GLN A 110 -13.82 1.10 -16.89
C GLN A 110 -14.98 1.16 -15.92
N ASN A 111 -15.26 0.04 -15.26
CA ASN A 111 -16.37 -0.05 -14.33
C ASN A 111 -16.21 0.91 -13.16
N ALA A 112 -14.97 1.05 -12.69
CA ALA A 112 -14.65 1.96 -11.60
C ALA A 112 -14.94 3.41 -12.01
N SER A 113 -14.53 3.76 -13.22
CA SER A 113 -14.67 5.13 -13.70
C SER A 113 -16.15 5.50 -13.88
N VAL A 114 -16.96 4.51 -14.21
CA VAL A 114 -18.41 4.70 -14.30
C VAL A 114 -19.01 5.02 -12.95
N MET A 115 -18.66 4.22 -11.95
CA MET A 115 -19.14 4.43 -10.58
C MET A 115 -18.76 5.81 -10.07
N GLU A 116 -17.56 6.25 -10.43
CA GLU A 116 -17.07 7.57 -10.02
C GLU A 116 -17.75 8.68 -10.81
N SER A 117 -18.06 8.39 -12.08
CA SER A 117 -18.69 9.37 -12.94
C SER A 117 -20.13 9.64 -12.53
N LEU A 118 -20.69 8.73 -11.74
CA LEU A 118 -22.03 8.91 -11.19
C LEU A 118 -22.06 10.00 -10.13
N ASN A 119 -20.87 10.45 -9.72
CA ASN A 119 -20.76 11.55 -8.78
C ASN A 119 -21.36 11.19 -7.43
N ASP A 120 -21.25 9.91 -7.07
CA ASP A 120 -21.65 9.46 -5.73
C ASP A 120 -20.45 9.10 -4.89
N GLU A 121 -20.22 9.89 -3.83
CA GLU A 121 -19.01 9.76 -3.03
C GLU A 121 -18.87 8.37 -2.45
N TYR A 122 -20.01 7.73 -2.17
CA TYR A 122 -20.03 6.35 -1.72
C TYR A 122 -19.47 5.41 -2.79
N LEU A 123 -20.01 5.54 -4.00
CA LEU A 123 -19.62 4.66 -5.11
C LEU A 123 -18.19 4.96 -5.56
N LYS A 124 -17.74 6.18 -5.33
CA LYS A 124 -16.36 6.57 -5.61
C LYS A 124 -15.39 5.76 -4.76
N GLU A 125 -15.66 5.67 -3.46
CA GLU A 125 -14.85 4.87 -2.56
C GLU A 125 -14.93 3.39 -2.91
N ARG A 126 -16.13 2.93 -3.28
CA ARG A 126 -16.32 1.56 -3.73
C ARG A 126 -15.60 1.30 -5.05
N ALA A 127 -15.53 2.32 -5.89
CA ALA A 127 -14.79 2.23 -7.14
C ALA A 127 -13.29 2.09 -6.89
N VAL A 128 -12.80 2.77 -5.86
CA VAL A 128 -11.42 2.61 -5.41
C VAL A 128 -11.16 1.19 -4.94
N ASP A 129 -12.09 0.64 -4.18
CA ASP A 129 -12.03 -0.76 -3.77
C ASP A 129 -11.91 -1.68 -4.97
N LEU A 130 -12.76 -1.45 -5.97
CA LEU A 130 -12.71 -2.21 -7.21
C LEU A 130 -11.37 -2.05 -7.91
N ARG A 131 -10.92 -0.80 -8.05
CA ARG A 131 -9.65 -0.51 -8.70
C ARG A 131 -8.50 -1.23 -8.02
N ASP A 132 -8.48 -1.18 -6.68
CA ASP A 132 -7.41 -1.79 -5.91
C ASP A 132 -7.34 -3.30 -6.15
N VAL A 133 -8.49 -3.94 -6.18
CA VAL A 133 -8.57 -5.37 -6.43
C VAL A 133 -7.95 -5.72 -7.79
N GLY A 134 -8.35 -4.98 -8.81
CA GLY A 134 -7.84 -5.22 -10.16
C GLY A 134 -6.33 -4.98 -10.22
N ASN A 135 -5.88 -3.93 -9.54
CA ASN A 135 -4.47 -3.58 -9.52
C ASN A 135 -3.62 -4.71 -8.97
N ARG A 136 -4.08 -5.32 -7.89
CA ARG A 136 -3.34 -6.39 -7.23
C ARG A 136 -3.34 -7.66 -8.08
N ILE A 137 -4.45 -7.92 -8.75
CA ILE A 137 -4.54 -9.01 -9.71
C ILE A 137 -3.49 -8.85 -10.81
N ILE A 138 -3.36 -7.64 -11.33
CA ILE A 138 -2.36 -7.35 -12.35
C ILE A 138 -0.94 -7.52 -11.81
N GLU A 139 -0.71 -7.02 -10.60
CA GLU A 139 0.59 -7.10 -9.98
C GLU A 139 1.04 -8.56 -9.80
N ASN A 140 0.12 -9.37 -9.28
CA ASN A 140 0.41 -10.79 -9.06
C ASN A 140 0.51 -11.54 -10.37
N LEU A 141 -0.27 -11.11 -11.36
CA LEU A 141 -0.22 -11.71 -12.69
C LEU A 141 1.12 -11.41 -13.36
N LEU A 142 1.55 -10.16 -13.29
CA LEU A 142 2.82 -9.75 -13.89
C LEU A 142 4.01 -10.30 -13.11
N GLY A 143 3.84 -10.40 -11.79
CA GLY A 143 4.93 -10.83 -10.91
C GLY A 143 5.69 -9.64 -10.34
N VAL A 144 4.96 -8.56 -10.07
CA VAL A 144 5.57 -7.35 -9.54
C VAL A 144 6.06 -7.54 -8.12
N LYS A 145 7.34 -7.30 -7.89
CA LYS A 145 7.95 -7.55 -6.59
C LYS A 145 8.26 -6.23 -5.88
N SER A 146 8.50 -6.32 -4.57
CA SER A 146 8.90 -5.15 -3.80
C SER A 146 9.61 -5.57 -2.51
N VAL A 147 10.06 -4.58 -1.74
CA VAL A 147 10.76 -4.84 -0.49
C VAL A 147 9.83 -5.49 0.53
N ASN A 148 10.25 -6.64 1.05
CA ASN A 148 9.44 -7.38 2.01
C ASN A 148 9.58 -6.82 3.42
N LEU A 149 8.55 -6.12 3.87
CA LEU A 149 8.60 -5.40 5.14
C LEU A 149 8.70 -6.38 6.31
N SER A 150 8.19 -7.58 6.11
CA SER A 150 8.09 -8.56 7.19
C SER A 150 9.44 -9.20 7.48
N ASP A 151 10.41 -8.93 6.61
CA ASP A 151 11.76 -9.45 6.80
C ASP A 151 12.58 -8.52 7.70
N LEU A 152 11.99 -7.41 8.10
CA LEU A 152 12.63 -6.48 9.02
C LEU A 152 12.70 -7.06 10.43
N GLU A 153 13.92 -7.19 10.93
CA GLU A 153 14.14 -7.74 12.27
C GLU A 153 14.91 -6.77 13.15
N GLU A 154 14.72 -5.47 12.90
CA GLU A 154 15.39 -4.43 13.67
C GLU A 154 14.50 -3.20 13.82
N GLU A 155 14.48 -2.64 15.02
CA GLU A 155 13.61 -1.51 15.33
C GLU A 155 14.12 -0.23 14.68
N VAL A 156 13.53 0.12 13.53
CA VAL A 156 14.01 1.25 12.75
C VAL A 156 12.85 2.06 12.20
N VAL A 157 13.16 3.20 11.60
CA VAL A 157 12.15 4.02 10.93
C VAL A 157 11.98 3.61 9.48
N VAL A 158 10.74 3.34 9.09
CA VAL A 158 10.44 2.81 7.76
C VAL A 158 10.05 3.93 6.80
N ILE A 159 10.75 4.01 5.68
CA ILE A 159 10.43 4.99 4.64
C ILE A 159 10.00 4.31 3.35
N ALA A 160 8.72 4.46 3.00
CA ALA A 160 8.12 3.70 1.91
C ALA A 160 7.74 4.62 0.76
N ARG A 161 7.90 4.12 -0.46
CA ARG A 161 7.41 4.82 -1.65
C ARG A 161 5.99 4.41 -1.98
N ASP A 162 5.48 3.41 -1.27
CA ASP A 162 4.11 2.96 -1.44
C ASP A 162 3.70 1.99 -0.35
N LEU A 163 2.40 1.95 -0.04
CA LEU A 163 1.88 1.06 0.98
C LEU A 163 0.36 1.11 1.03
N THR A 164 -0.27 -0.03 0.78
CA THR A 164 -1.72 -0.12 0.77
C THR A 164 -2.25 -0.70 2.08
N PRO A 165 -3.53 -0.47 2.35
CA PRO A 165 -4.18 -1.05 3.52
C PRO A 165 -3.96 -2.55 3.59
N SER A 166 -3.93 -3.20 2.43
CA SER A 166 -3.75 -4.65 2.36
C SER A 166 -2.36 -5.05 2.84
N ASP A 167 -1.43 -4.10 2.83
CA ASP A 167 -0.08 -4.35 3.30
C ASP A 167 0.06 -4.02 4.78
N THR A 168 -0.66 -3.00 5.23
CA THR A 168 -0.56 -2.53 6.60
C THR A 168 -1.01 -3.61 7.58
N ALA A 169 -1.98 -4.41 7.16
CA ALA A 169 -2.49 -5.49 8.00
C ALA A 169 -1.40 -6.51 8.33
N THR A 170 -0.45 -6.67 7.40
CA THR A 170 0.57 -7.69 7.54
C THR A 170 1.95 -7.06 7.72
N MET A 171 1.97 -5.77 8.02
CA MET A 171 3.22 -5.04 8.20
C MET A 171 3.85 -5.34 9.55
N LYS A 172 5.14 -5.64 9.55
CA LYS A 172 5.87 -5.93 10.78
C LYS A 172 5.99 -4.68 11.64
N LYS A 173 4.89 -4.31 12.29
CA LYS A 173 4.83 -3.06 13.05
C LYS A 173 5.75 -3.11 14.25
N GLU A 174 6.08 -4.32 14.70
CA GLU A 174 6.86 -4.51 15.92
C GLU A 174 8.25 -3.91 15.78
N MET A 175 8.72 -3.79 14.53
CA MET A 175 10.06 -3.28 14.27
C MET A 175 10.00 -1.88 13.68
N VAL A 176 8.90 -1.17 13.95
CA VAL A 176 8.72 0.17 13.42
C VAL A 176 8.79 1.21 14.53
N LEU A 177 9.79 2.09 14.46
CA LEU A 177 9.90 3.21 15.37
C LEU A 177 9.36 4.48 14.74
N GLY A 178 8.99 4.40 13.47
CA GLY A 178 8.44 5.54 12.75
C GLY A 178 8.15 5.20 11.30
N PHE A 179 7.45 6.09 10.61
CA PHE A 179 7.00 5.82 9.24
C PHE A 179 6.90 7.12 8.44
N ALA A 180 7.46 7.10 7.24
CA ALA A 180 7.38 8.25 6.34
C ALA A 180 7.19 7.82 4.90
N THR A 181 6.52 8.65 4.11
CA THR A 181 6.21 8.33 2.72
C THR A 181 6.45 9.53 1.82
N ASP A 182 6.51 9.28 0.51
CA ASP A 182 6.40 10.35 -0.47
C ASP A 182 5.03 10.36 -1.14
N VAL A 183 4.12 9.53 -0.63
CA VAL A 183 2.78 9.42 -1.19
C VAL A 183 1.79 8.91 -0.15
N GLY A 184 0.52 9.26 -0.32
CA GLY A 184 -0.54 8.74 0.52
C GLY A 184 -1.55 9.82 0.88
N GLY A 185 -2.81 9.43 0.98
CA GLY A 185 -3.87 10.35 1.40
C GLY A 185 -4.30 10.08 2.83
N ARG A 186 -5.08 9.03 3.03
CA ARG A 186 -5.53 8.64 4.36
C ARG A 186 -4.40 8.03 5.18
N THR A 187 -4.37 8.36 6.46
CA THR A 187 -3.30 7.88 7.33
C THR A 187 -3.86 7.13 8.53
N SER A 188 -5.06 6.57 8.35
CA SER A 188 -5.77 5.93 9.45
C SER A 188 -4.97 4.76 10.03
N HIS A 189 -4.66 3.79 9.19
CA HIS A 189 -3.95 2.59 9.62
C HIS A 189 -2.59 2.94 10.20
N THR A 190 -1.92 3.91 9.59
CA THR A 190 -0.63 4.38 10.07
C THR A 190 -0.72 4.88 11.50
N ALA A 191 -1.73 5.71 11.76
CA ALA A 191 -1.94 6.27 13.09
C ALA A 191 -2.31 5.18 14.10
N ILE A 192 -3.14 4.24 13.66
CA ILE A 192 -3.57 3.15 14.51
C ILE A 192 -2.41 2.29 14.96
N MET A 193 -1.57 1.90 14.01
CA MET A 193 -0.39 1.10 14.29
C MET A 193 0.58 1.84 15.20
N ALA A 194 0.81 3.11 14.89
CA ALA A 194 1.69 3.96 15.68
C ALA A 194 1.18 4.09 17.12
N ARG A 195 -0.14 4.18 17.26
CA ARG A 195 -0.77 4.27 18.57
C ARG A 195 -0.47 3.03 19.40
N SER A 196 -0.63 1.86 18.78
CA SER A 196 -0.40 0.60 19.47
C SER A 196 1.08 0.38 19.74
N LEU A 197 1.92 1.01 18.94
CA LEU A 197 3.37 0.95 19.14
C LEU A 197 3.82 2.02 20.13
N GLU A 198 3.01 3.08 20.26
CA GLU A 198 3.42 4.26 21.02
C GLU A 198 4.66 4.90 20.41
N ILE A 199 4.64 5.08 19.09
CA ILE A 199 5.75 5.70 18.38
C ILE A 199 5.26 6.82 17.46
N PRO A 200 6.15 7.76 17.16
CA PRO A 200 5.81 8.88 16.29
C PRO A 200 5.86 8.48 14.83
N ALA A 201 5.23 9.27 13.98
CA ALA A 201 5.28 9.05 12.54
C ALA A 201 4.95 10.33 11.77
N VAL A 202 5.78 10.65 10.78
CA VAL A 202 5.55 11.81 9.94
C VAL A 202 5.60 11.43 8.46
N VAL A 203 4.46 11.53 7.80
CA VAL A 203 4.31 11.00 6.44
C VAL A 203 4.03 12.13 5.44
N GLY A 204 4.09 11.79 4.16
CA GLY A 204 3.86 12.78 3.10
C GLY A 204 5.01 13.77 3.03
N LEU A 205 6.23 13.29 3.23
CA LEU A 205 7.41 14.14 3.22
C LEU A 205 7.86 14.45 1.79
N GLY A 206 7.55 13.54 0.87
CA GLY A 206 7.78 13.78 -0.55
C GLY A 206 9.20 13.41 -0.94
N ASN A 207 10.17 14.13 -0.37
CA ASN A 207 11.56 14.01 -0.77
C ASN A 207 12.29 12.98 0.09
N VAL A 208 11.60 12.48 1.12
CA VAL A 208 12.23 11.61 2.11
C VAL A 208 12.77 10.34 1.44
N THR A 209 12.13 9.93 0.35
CA THR A 209 12.50 8.70 -0.33
C THR A 209 13.73 8.89 -1.21
N SER A 210 14.09 10.15 -1.44
CA SER A 210 15.30 10.47 -2.18
C SER A 210 16.42 10.91 -1.24
N GLN A 211 16.03 11.50 -0.12
CA GLN A 211 16.99 12.06 0.82
C GLN A 211 17.38 11.04 1.89
N VAL A 212 16.50 10.07 2.12
CA VAL A 212 16.76 9.02 3.09
C VAL A 212 16.86 7.65 2.42
N LYS A 213 18.00 7.00 2.57
CA LYS A 213 18.21 5.66 2.02
C LYS A 213 18.46 4.64 3.12
N ALA A 214 18.20 3.38 2.82
CA ALA A 214 18.33 2.31 3.81
C ALA A 214 19.73 2.30 4.42
N GLY A 215 19.78 2.32 5.75
CA GLY A 215 21.06 2.32 6.46
C GLY A 215 21.34 3.68 7.09
N ASP A 216 20.68 4.71 6.57
CA ASP A 216 20.83 6.06 7.10
C ASP A 216 20.21 6.19 8.49
N LEU A 217 20.58 7.23 9.20
CA LEU A 217 20.02 7.51 10.52
C LEU A 217 18.83 8.46 10.43
N VAL A 218 17.75 8.11 11.13
CA VAL A 218 16.51 8.88 11.06
C VAL A 218 15.95 9.15 12.45
N ILE A 219 15.65 10.41 12.72
CA ILE A 219 14.90 10.78 13.91
C ILE A 219 13.53 11.35 13.55
N VAL A 220 12.49 10.78 14.16
CA VAL A 220 11.13 11.22 13.90
C VAL A 220 10.57 12.03 15.07
N ASP A 221 10.23 13.28 14.81
CA ASP A 221 9.64 14.14 15.83
C ASP A 221 8.22 14.54 15.45
N GLY A 222 7.24 13.82 15.99
CA GLY A 222 5.85 13.99 15.59
C GLY A 222 5.23 15.24 16.22
N LEU A 223 5.80 15.66 17.35
CA LEU A 223 5.33 16.85 18.05
C LEU A 223 5.59 18.10 17.23
N GLU A 224 6.74 18.15 16.57
CA GLU A 224 7.05 19.23 15.63
C GLU A 224 6.58 18.88 14.22
N GLY A 225 6.54 17.59 13.92
CA GLY A 225 6.14 17.12 12.59
C GLY A 225 7.30 17.15 11.62
N ILE A 226 8.50 16.84 12.12
CA ILE A 226 9.71 16.92 11.33
C ILE A 226 10.52 15.63 11.41
N VAL A 227 11.37 15.41 10.41
CA VAL A 227 12.28 14.27 10.42
C VAL A 227 13.72 14.73 10.18
N ILE A 228 14.64 14.20 10.97
CA ILE A 228 16.05 14.56 10.85
C ILE A 228 16.85 13.46 10.15
N VAL A 229 17.60 13.84 9.13
CA VAL A 229 18.32 12.88 8.31
C VAL A 229 19.81 12.89 8.64
N ASN A 230 20.33 11.74 9.05
CA ASN A 230 21.75 11.60 9.34
C ASN A 230 22.21 12.64 10.36
N PRO A 231 21.58 12.64 11.53
CA PRO A 231 21.97 13.53 12.61
C PRO A 231 23.33 13.15 13.19
N ASP A 232 24.00 14.12 13.80
CA ASP A 232 25.26 13.86 14.49
C ASP A 232 25.02 13.41 15.93
N GLU A 233 26.10 13.19 16.65
CA GLU A 233 26.02 12.61 18.00
C GLU A 233 25.23 13.53 18.93
N LYS A 234 25.50 14.82 18.85
CA LYS A 234 24.82 15.80 19.70
C LYS A 234 23.33 15.84 19.43
N THR A 235 22.97 15.83 18.14
CA THR A 235 21.57 15.88 17.75
C THR A 235 20.81 14.66 18.26
N VAL A 236 21.42 13.48 18.12
CA VAL A 236 20.82 12.25 18.61
C VAL A 236 20.58 12.30 20.11
N GLU A 237 21.58 12.79 20.84
CA GLU A 237 21.50 12.87 22.30
C GLU A 237 20.44 13.88 22.73
N ASP A 238 20.31 14.96 21.97
CA ASP A 238 19.30 15.97 22.24
C ASP A 238 17.90 15.37 22.12
N TYR A 239 17.64 14.68 21.03
CA TYR A 239 16.34 14.05 20.80
C TYR A 239 16.15 12.84 21.70
N LYS A 240 17.25 12.21 22.08
CA LYS A 240 17.23 11.12 23.05
C LYS A 240 16.63 11.58 24.38
N SER A 241 17.08 12.73 24.85
CA SER A 241 16.58 13.30 26.09
C SER A 241 15.13 13.76 25.94
N LYS A 242 14.77 14.20 24.73
CA LYS A 242 13.39 14.54 24.42
C LYS A 242 12.49 13.32 24.43
N LYS A 243 12.98 12.23 23.86
CA LYS A 243 12.26 10.96 23.89
C LYS A 243 11.99 10.51 25.33
N GLU A 244 13.02 10.62 26.17
CA GLU A 244 12.88 10.29 27.59
C GLU A 244 11.81 11.15 28.25
N SER A 245 11.90 12.46 28.05
CA SER A 245 10.99 13.40 28.70
C SER A 245 9.57 13.25 28.15
N TYR A 246 9.46 12.78 26.91
CA TYR A 246 8.17 12.46 26.32
C TYR A 246 7.52 11.27 27.00
N GLU A 247 8.29 10.20 27.16
CA GLU A 247 7.78 8.97 27.76
C GLU A 247 7.48 9.15 29.23
N LYS A 248 8.34 9.91 29.92
CA LYS A 248 8.20 10.13 31.35
C LYS A 248 7.26 11.29 31.64
N MET A 1 16.74 19.27 6.56
CA MET A 1 15.81 18.21 6.88
C MET A 1 14.68 18.14 5.85
N LEU A 2 13.87 17.09 5.93
CA LEU A 2 12.74 16.92 5.02
C LEU A 2 11.45 17.40 5.66
N LYS A 3 11.04 18.62 5.31
CA LYS A 3 9.86 19.23 5.93
C LYS A 3 8.59 18.85 5.18
N GLY A 4 7.58 18.42 5.93
CA GLY A 4 6.31 18.02 5.34
C GLY A 4 5.14 18.47 6.20
N VAL A 5 4.04 17.72 6.15
CA VAL A 5 2.85 18.05 6.89
C VAL A 5 2.73 17.21 8.16
N ALA A 6 2.72 17.88 9.30
CA ALA A 6 2.60 17.20 10.59
C ALA A 6 1.23 16.58 10.76
N ALA A 7 1.08 15.35 10.29
CA ALA A 7 -0.18 14.61 10.45
C ALA A 7 -0.35 14.14 11.89
N SER A 8 0.77 13.86 12.55
CA SER A 8 0.75 13.52 13.98
C SER A 8 2.03 13.98 14.66
N PRO A 9 1.88 14.62 15.81
CA PRO A 9 3.01 15.19 16.53
C PRO A 9 3.82 14.11 17.24
N GLY A 10 5.04 14.46 17.63
CA GLY A 10 5.90 13.52 18.34
C GLY A 10 7.23 13.33 17.62
N ILE A 11 8.09 12.50 18.19
CA ILE A 11 9.37 12.16 17.56
C ILE A 11 9.59 10.66 17.53
N ALA A 12 9.77 10.11 16.34
CA ALA A 12 10.01 8.68 16.17
C ALA A 12 11.42 8.42 15.65
N ILE A 13 12.11 7.48 16.28
CA ILE A 13 13.46 7.12 15.88
C ILE A 13 13.57 5.63 15.57
N GLY A 14 13.93 5.31 14.33
CA GLY A 14 14.01 3.91 13.90
C GLY A 14 14.80 3.79 12.60
N LYS A 15 14.64 2.67 11.92
CA LYS A 15 15.41 2.38 10.72
C LYS A 15 14.60 2.67 9.46
N ALA A 16 15.31 2.91 8.36
CA ALA A 16 14.67 3.13 7.07
C ALA A 16 14.17 1.83 6.46
N PHE A 17 12.90 1.52 6.68
CA PHE A 17 12.24 0.44 5.97
C PHE A 17 11.28 0.97 4.92
N LEU A 18 11.68 0.88 3.65
CA LEU A 18 10.87 1.40 2.56
C LEU A 18 10.10 0.29 1.86
N TYR A 19 8.85 0.58 1.50
CA TYR A 19 8.03 -0.36 0.75
C TYR A 19 8.29 -0.25 -0.74
N THR A 20 9.13 -1.15 -1.25
CA THR A 20 9.48 -1.14 -2.67
C THR A 20 9.11 -2.46 -3.34
N LYS A 21 8.56 -2.38 -4.54
CA LYS A 21 8.14 -3.57 -5.28
C LYS A 21 8.82 -3.64 -6.63
N GLU A 22 8.85 -4.84 -7.21
CA GLU A 22 9.50 -5.05 -8.50
C GLU A 22 8.75 -4.36 -9.62
N LYS A 23 9.50 -3.76 -10.55
CA LYS A 23 8.91 -3.13 -11.72
C LYS A 23 9.03 -4.02 -12.95
N VAL A 24 7.89 -4.46 -13.47
CA VAL A 24 7.88 -5.35 -14.63
C VAL A 24 7.08 -4.74 -15.78
N THR A 25 7.71 -4.68 -16.95
CA THR A 25 7.07 -4.12 -18.13
C THR A 25 5.94 -5.02 -18.63
N ILE A 26 4.79 -4.42 -18.93
CA ILE A 26 3.66 -5.16 -19.47
C ILE A 26 3.77 -5.32 -20.98
N ASN A 27 3.67 -6.56 -21.45
CA ASN A 27 3.71 -6.84 -22.88
C ASN A 27 2.36 -6.56 -23.53
N VAL A 28 2.32 -5.55 -24.39
CA VAL A 28 1.08 -5.13 -25.04
C VAL A 28 0.94 -5.75 -26.42
N GLU A 29 1.73 -6.78 -26.68
CA GLU A 29 1.64 -7.51 -27.94
C GLU A 29 0.24 -8.05 -28.16
N LYS A 30 -0.29 -7.87 -29.37
CA LYS A 30 -1.60 -8.38 -29.72
C LYS A 30 -1.69 -9.88 -29.53
N ILE A 31 -2.73 -10.32 -28.82
CA ILE A 31 -2.86 -11.73 -28.46
C ILE A 31 -3.55 -12.52 -29.55
N GLU A 32 -2.91 -13.59 -30.01
CA GLU A 32 -3.51 -14.48 -30.99
C GLU A 32 -4.75 -15.16 -30.44
N GLU A 33 -5.74 -15.39 -31.30
CA GLU A 33 -7.03 -15.94 -30.88
C GLU A 33 -6.84 -17.23 -30.10
N SER A 34 -5.84 -18.02 -30.49
CA SER A 34 -5.54 -19.28 -29.81
C SER A 34 -4.84 -19.03 -28.48
N LYS A 35 -4.23 -17.87 -28.34
CA LYS A 35 -3.51 -17.52 -27.12
C LYS A 35 -4.40 -16.77 -26.15
N VAL A 36 -5.58 -16.39 -26.61
CA VAL A 36 -6.58 -15.76 -25.74
C VAL A 36 -6.88 -16.64 -24.53
N GLU A 37 -7.04 -17.94 -24.76
CA GLU A 37 -7.33 -18.88 -23.69
C GLU A 37 -6.18 -18.96 -22.71
N GLU A 38 -4.96 -18.79 -23.21
CA GLU A 38 -3.78 -18.81 -22.37
C GLU A 38 -3.74 -17.61 -21.44
N GLU A 39 -4.11 -16.45 -21.95
CA GLU A 39 -4.16 -15.23 -21.15
C GLU A 39 -5.28 -15.30 -20.13
N ILE A 40 -6.40 -15.90 -20.51
CA ILE A 40 -7.49 -16.15 -19.59
C ILE A 40 -7.06 -17.11 -18.47
N ALA A 41 -6.34 -18.15 -18.84
CA ALA A 41 -5.79 -19.09 -17.86
C ALA A 41 -4.86 -18.38 -16.88
N LYS A 42 -4.01 -17.50 -17.40
CA LYS A 42 -3.13 -16.70 -16.56
C LYS A 42 -3.93 -15.87 -15.57
N PHE A 43 -4.99 -15.23 -16.04
CA PHE A 43 -5.85 -14.41 -15.19
C PHE A 43 -6.46 -15.25 -14.07
N ARG A 44 -7.01 -16.40 -14.42
CA ARG A 44 -7.66 -17.27 -13.45
C ARG A 44 -6.66 -17.79 -12.44
N LYS A 45 -5.45 -18.08 -12.88
CA LYS A 45 -4.37 -18.47 -11.99
C LYS A 45 -4.00 -17.33 -11.05
N ALA A 46 -3.97 -16.11 -11.57
CA ALA A 46 -3.70 -14.92 -10.77
C ALA A 46 -4.78 -14.72 -9.71
N LEU A 47 -6.01 -15.05 -10.05
CA LEU A 47 -7.12 -14.97 -9.11
C LEU A 47 -6.91 -15.94 -7.94
N GLU A 48 -6.45 -17.15 -8.24
CA GLU A 48 -6.17 -18.14 -7.22
C GLU A 48 -5.11 -17.65 -6.24
N VAL A 49 -4.04 -17.07 -6.79
CA VAL A 49 -2.97 -16.51 -5.96
C VAL A 49 -3.45 -15.28 -5.21
N THR A 50 -4.17 -14.41 -5.91
CA THR A 50 -4.67 -13.18 -5.31
C THR A 50 -5.58 -13.46 -4.12
N GLN A 51 -6.54 -14.36 -4.32
CA GLN A 51 -7.48 -14.73 -3.27
C GLN A 51 -6.76 -15.36 -2.08
N GLU A 52 -5.79 -16.22 -2.37
CA GLU A 52 -4.98 -16.85 -1.33
C GLU A 52 -4.28 -15.79 -0.49
N GLU A 53 -3.62 -14.85 -1.15
CA GLU A 53 -2.89 -13.80 -0.47
C GLU A 53 -3.81 -12.97 0.41
N ILE A 54 -4.96 -12.58 -0.13
CA ILE A 54 -5.91 -11.76 0.59
C ILE A 54 -6.37 -12.44 1.87
N GLU A 55 -6.68 -13.73 1.76
CA GLU A 55 -7.19 -14.49 2.90
C GLU A 55 -6.13 -14.63 3.99
N LYS A 56 -4.92 -14.97 3.58
CA LYS A 56 -3.82 -15.19 4.52
C LYS A 56 -3.42 -13.88 5.20
N ILE A 57 -3.37 -12.80 4.42
CA ILE A 57 -3.07 -11.48 4.96
C ILE A 57 -4.21 -10.98 5.84
N LYS A 58 -5.44 -11.21 5.40
CA LYS A 58 -6.61 -10.87 6.20
C LYS A 58 -6.50 -11.42 7.62
N GLU A 59 -6.13 -12.68 7.73
CA GLU A 59 -5.91 -13.31 9.03
C GLU A 59 -4.93 -12.50 9.86
N LYS A 60 -3.79 -12.14 9.27
CA LYS A 60 -2.78 -11.35 9.96
C LYS A 60 -3.33 -9.99 10.37
N ALA A 61 -4.08 -9.37 9.47
CA ALA A 61 -4.67 -8.07 9.74
C ALA A 61 -5.60 -8.12 10.93
N LEU A 62 -6.36 -9.21 11.04
CA LEU A 62 -7.22 -9.44 12.20
C LEU A 62 -6.40 -9.56 13.47
N LYS A 63 -5.32 -10.33 13.42
CA LYS A 63 -4.47 -10.57 14.57
C LYS A 63 -3.77 -9.29 15.01
N GLU A 64 -3.49 -8.42 14.05
CA GLU A 64 -2.76 -7.18 14.33
C GLU A 64 -3.68 -6.10 14.87
N PHE A 65 -4.76 -5.83 14.14
CA PHE A 65 -5.60 -4.68 14.43
C PHE A 65 -7.02 -5.11 14.80
N GLY A 66 -7.48 -6.19 14.18
CA GLY A 66 -8.80 -6.74 14.47
C GLY A 66 -9.65 -6.84 13.21
N LYS A 67 -10.94 -7.11 13.39
CA LYS A 67 -11.82 -7.41 12.27
C LYS A 67 -12.01 -6.20 11.37
N GLU A 68 -11.72 -5.02 11.91
CA GLU A 68 -11.79 -3.78 11.14
C GLU A 68 -10.94 -3.87 9.88
N LYS A 69 -9.67 -4.21 10.06
CA LYS A 69 -8.74 -4.29 8.94
C LYS A 69 -8.94 -5.57 8.15
N ALA A 70 -9.41 -6.62 8.82
CA ALA A 70 -9.77 -7.86 8.16
C ALA A 70 -10.97 -7.68 7.24
N GLU A 71 -11.89 -6.80 7.65
CA GLU A 71 -13.07 -6.51 6.85
C GLU A 71 -12.70 -5.83 5.54
N ILE A 72 -11.66 -5.00 5.57
CA ILE A 72 -11.11 -4.41 4.36
C ILE A 72 -10.70 -5.49 3.36
N PHE A 73 -9.99 -6.50 3.85
CA PHE A 73 -9.52 -7.58 2.99
C PHE A 73 -10.67 -8.55 2.67
N GLU A 74 -11.64 -8.62 3.56
CA GLU A 74 -12.87 -9.38 3.30
C GLU A 74 -13.57 -8.87 2.05
N ALA A 75 -13.69 -7.56 1.94
CA ALA A 75 -14.24 -6.94 0.73
C ALA A 75 -13.37 -7.21 -0.48
N HIS A 76 -12.05 -7.13 -0.28
CA HIS A 76 -11.10 -7.41 -1.36
C HIS A 76 -11.26 -8.82 -1.89
N LEU A 77 -11.46 -9.77 -0.99
CA LEU A 77 -11.64 -11.17 -1.37
C LEU A 77 -12.93 -11.35 -2.17
N MET A 78 -14.00 -10.71 -1.72
CA MET A 78 -15.26 -10.74 -2.44
C MET A 78 -15.11 -10.21 -3.86
N LEU A 79 -14.41 -9.08 -3.99
CA LEU A 79 -14.13 -8.50 -5.30
C LEU A 79 -13.29 -9.44 -6.15
N ALA A 80 -12.31 -10.07 -5.53
CA ALA A 80 -11.46 -11.03 -6.24
C ALA A 80 -12.24 -12.26 -6.67
N SER A 81 -13.35 -12.52 -5.97
CA SER A 81 -14.20 -13.66 -6.29
C SER A 81 -15.39 -13.25 -7.14
N ASP A 82 -15.50 -11.95 -7.40
CA ASP A 82 -16.68 -11.40 -8.05
C ASP A 82 -16.79 -11.88 -9.49
N PRO A 83 -17.83 -12.67 -9.76
CA PRO A 83 -18.03 -13.23 -11.10
C PRO A 83 -18.07 -12.13 -12.15
N GLU A 84 -18.59 -10.97 -11.77
CA GLU A 84 -18.75 -9.86 -12.71
C GLU A 84 -17.40 -9.31 -13.15
N LEU A 85 -16.50 -9.13 -12.19
CA LEU A 85 -15.15 -8.67 -12.48
C LEU A 85 -14.34 -9.73 -13.20
N ILE A 86 -14.55 -10.99 -12.83
CA ILE A 86 -13.83 -12.10 -13.44
C ILE A 86 -14.19 -12.25 -14.92
N GLU A 87 -15.48 -12.32 -15.19
CA GLU A 87 -15.96 -12.49 -16.56
C GLU A 87 -15.67 -11.25 -17.40
N GLY A 88 -15.75 -10.09 -16.78
CA GLY A 88 -15.47 -8.82 -17.46
C GLY A 88 -14.06 -8.82 -18.05
N VAL A 89 -13.09 -9.23 -17.24
CA VAL A 89 -11.70 -9.26 -17.68
C VAL A 89 -11.50 -10.29 -18.79
N GLU A 90 -12.06 -11.49 -18.59
CA GLU A 90 -11.92 -12.56 -19.56
C GLU A 90 -12.53 -12.18 -20.90
N ASN A 91 -13.66 -11.47 -20.86
CA ASN A 91 -14.29 -10.97 -22.07
C ASN A 91 -13.44 -9.90 -22.73
N MET A 92 -12.81 -9.06 -21.92
CA MET A 92 -11.92 -8.03 -22.42
C MET A 92 -10.72 -8.64 -23.15
N ILE A 93 -10.16 -9.70 -22.57
CA ILE A 93 -9.02 -10.39 -23.17
C ILE A 93 -9.35 -10.88 -24.57
N LYS A 94 -10.51 -11.52 -24.71
CA LYS A 94 -10.91 -12.09 -25.99
C LYS A 94 -11.36 -11.02 -26.96
N THR A 95 -12.14 -10.06 -26.46
CA THR A 95 -12.77 -9.06 -27.31
C THR A 95 -11.73 -8.22 -28.03
N GLU A 96 -10.78 -7.69 -27.27
CA GLU A 96 -9.77 -6.79 -27.81
C GLU A 96 -8.51 -7.55 -28.23
N LEU A 97 -8.44 -8.82 -27.83
CA LEU A 97 -7.22 -9.61 -28.01
C LEU A 97 -6.04 -8.96 -27.31
N VAL A 98 -6.11 -8.87 -25.99
CA VAL A 98 -5.09 -8.21 -25.20
C VAL A 98 -4.64 -9.07 -24.03
N THR A 99 -3.45 -8.79 -23.51
CA THR A 99 -2.93 -9.51 -22.35
C THR A 99 -3.75 -9.23 -21.10
N ALA A 100 -3.81 -10.21 -20.21
CA ALA A 100 -4.62 -10.10 -19.00
C ALA A 100 -4.26 -8.87 -18.20
N ASP A 101 -2.98 -8.49 -18.26
CA ASP A 101 -2.50 -7.32 -17.54
C ASP A 101 -3.31 -6.08 -17.88
N ASN A 102 -3.60 -5.90 -19.17
CA ASN A 102 -4.30 -4.71 -19.65
C ASN A 102 -5.81 -4.88 -19.52
N ALA A 103 -6.28 -6.12 -19.66
CA ALA A 103 -7.69 -6.43 -19.49
C ALA A 103 -8.16 -6.13 -18.08
N VAL A 104 -7.37 -6.54 -17.09
CA VAL A 104 -7.66 -6.23 -15.70
C VAL A 104 -7.63 -4.73 -15.44
N ASN A 105 -6.58 -4.07 -15.95
CA ASN A 105 -6.43 -2.63 -15.77
C ASN A 105 -7.67 -1.88 -16.24
N LYS A 106 -8.15 -2.21 -17.43
CA LYS A 106 -9.26 -1.49 -18.04
C LYS A 106 -10.56 -1.75 -17.27
N VAL A 107 -10.85 -3.02 -17.01
CA VAL A 107 -12.10 -3.40 -16.36
C VAL A 107 -12.17 -2.87 -14.94
N ILE A 108 -11.08 -3.04 -14.20
CA ILE A 108 -11.03 -2.61 -12.81
C ILE A 108 -11.15 -1.09 -12.69
N GLU A 109 -10.41 -0.37 -13.52
CA GLU A 109 -10.43 1.09 -13.51
C GLU A 109 -11.76 1.62 -14.00
N GLN A 110 -12.32 0.97 -15.02
CA GLN A 110 -13.61 1.38 -15.57
C GLN A 110 -14.69 1.41 -14.50
N ASN A 111 -14.84 0.29 -13.78
CA ASN A 111 -15.88 0.17 -12.76
C ASN A 111 -15.59 1.09 -11.58
N ALA A 112 -14.31 1.31 -11.30
CA ALA A 112 -13.90 2.25 -10.26
C ALA A 112 -14.34 3.67 -10.60
N SER A 113 -14.19 4.04 -11.87
CA SER A 113 -14.55 5.39 -12.31
C SER A 113 -16.06 5.57 -12.30
N VAL A 114 -16.80 4.48 -12.49
CA VAL A 114 -18.24 4.50 -12.36
C VAL A 114 -18.66 4.80 -10.93
N MET A 115 -18.06 4.10 -9.97
CA MET A 115 -18.30 4.36 -8.55
C MET A 115 -18.10 5.84 -8.23
N GLU A 116 -17.05 6.42 -8.78
CA GLU A 116 -16.75 7.83 -8.56
C GLU A 116 -17.79 8.72 -9.23
N SER A 117 -18.21 8.35 -10.42
CA SER A 117 -19.14 9.15 -11.21
C SER A 117 -20.52 9.17 -10.57
N LEU A 118 -20.79 8.18 -9.73
CA LEU A 118 -22.06 8.11 -9.01
C LEU A 118 -22.10 9.11 -7.86
N ASN A 119 -20.95 9.72 -7.59
CA ASN A 119 -20.87 10.78 -6.59
C ASN A 119 -21.23 10.25 -5.20
N ASP A 120 -20.87 9.00 -4.95
CA ASP A 120 -21.08 8.40 -3.63
C ASP A 120 -19.76 8.16 -2.91
N GLU A 121 -19.55 8.90 -1.83
CA GLU A 121 -18.27 8.85 -1.11
C GLU A 121 -17.99 7.44 -0.61
N TYR A 122 -19.05 6.70 -0.29
CA TYR A 122 -18.91 5.29 0.09
C TYR A 122 -18.30 4.48 -1.05
N LEU A 123 -18.85 4.63 -2.24
CA LEU A 123 -18.41 3.86 -3.39
C LEU A 123 -17.04 4.31 -3.88
N LYS A 124 -16.71 5.58 -3.59
CA LYS A 124 -15.38 6.10 -3.87
C LYS A 124 -14.32 5.37 -3.05
N GLU A 125 -14.64 5.09 -1.80
CA GLU A 125 -13.77 4.27 -0.95
C GLU A 125 -13.71 2.83 -1.45
N ARG A 126 -14.83 2.34 -1.97
CA ARG A 126 -14.88 1.01 -2.57
C ARG A 126 -14.10 0.97 -3.87
N ALA A 127 -14.08 2.10 -4.58
CA ALA A 127 -13.29 2.22 -5.81
C ALA A 127 -11.81 2.06 -5.52
N VAL A 128 -11.35 2.63 -4.41
CA VAL A 128 -9.98 2.44 -3.95
C VAL A 128 -9.71 0.96 -3.65
N ASP A 129 -10.63 0.34 -2.93
CA ASP A 129 -10.55 -1.10 -2.67
C ASP A 129 -10.50 -1.89 -3.96
N LEU A 130 -11.34 -1.52 -4.92
CA LEU A 130 -11.41 -2.21 -6.21
C LEU A 130 -10.09 -2.10 -6.96
N ARG A 131 -9.53 -0.90 -7.00
CA ARG A 131 -8.25 -0.67 -7.66
C ARG A 131 -7.16 -1.54 -7.07
N ASP A 132 -7.10 -1.59 -5.73
CA ASP A 132 -6.07 -2.33 -5.03
C ASP A 132 -6.12 -3.81 -5.39
N VAL A 133 -7.33 -4.36 -5.46
CA VAL A 133 -7.52 -5.74 -5.86
C VAL A 133 -7.00 -5.98 -7.28
N GLY A 134 -7.40 -5.12 -8.21
CA GLY A 134 -6.98 -5.24 -9.60
C GLY A 134 -5.48 -5.09 -9.74
N ASN A 135 -4.91 -4.15 -8.97
CA ASN A 135 -3.48 -3.88 -9.05
C ASN A 135 -2.66 -5.11 -8.68
N ARG A 136 -3.08 -5.80 -7.63
CA ARG A 136 -2.36 -6.97 -7.14
C ARG A 136 -2.49 -8.14 -8.11
N ILE A 137 -3.66 -8.26 -8.73
CA ILE A 137 -3.89 -9.26 -9.77
C ILE A 137 -2.91 -9.08 -10.92
N ILE A 138 -2.72 -7.84 -11.36
CA ILE A 138 -1.74 -7.52 -12.39
C ILE A 138 -0.33 -7.85 -11.91
N GLU A 139 -0.04 -7.49 -10.66
CA GLU A 139 1.26 -7.79 -10.07
C GLU A 139 1.52 -9.30 -10.03
N ASN A 140 0.49 -10.06 -9.71
CA ASN A 140 0.59 -11.51 -9.65
C ASN A 140 0.75 -12.10 -11.06
N LEU A 141 0.17 -11.43 -12.04
CA LEU A 141 0.38 -11.80 -13.44
C LEU A 141 1.81 -11.50 -13.88
N LEU A 142 2.35 -10.38 -13.40
CA LEU A 142 3.70 -9.96 -13.75
C LEU A 142 4.74 -10.70 -12.91
N GLY A 143 4.33 -11.12 -11.72
CA GLY A 143 5.25 -11.79 -10.79
C GLY A 143 5.95 -10.78 -9.89
N VAL A 144 5.30 -9.65 -9.65
CA VAL A 144 5.88 -8.59 -8.84
C VAL A 144 5.81 -8.92 -7.37
N LYS A 145 6.96 -8.88 -6.69
CA LYS A 145 7.01 -9.04 -5.25
C LYS A 145 7.23 -7.71 -4.55
N SER A 146 6.93 -7.66 -3.25
CA SER A 146 7.08 -6.44 -2.47
C SER A 146 7.52 -6.75 -1.04
N VAL A 147 7.76 -5.70 -0.27
CA VAL A 147 8.29 -5.85 1.09
C VAL A 147 7.21 -6.35 2.04
N ASN A 148 7.49 -7.46 2.72
CA ASN A 148 6.54 -8.04 3.66
C ASN A 148 6.58 -7.32 5.00
N LEU A 149 6.04 -6.10 5.02
CA LEU A 149 6.04 -5.29 6.23
C LEU A 149 5.17 -5.91 7.32
N SER A 150 4.24 -6.77 6.90
CA SER A 150 3.37 -7.46 7.83
C SER A 150 4.16 -8.46 8.69
N ASP A 151 5.35 -8.80 8.23
CA ASP A 151 6.22 -9.70 8.97
C ASP A 151 7.37 -8.95 9.63
N LEU A 152 7.19 -7.64 9.80
CA LEU A 152 8.20 -6.81 10.46
C LEU A 152 8.39 -7.22 11.91
N GLU A 153 9.64 -7.40 12.30
CA GLU A 153 9.96 -7.84 13.66
C GLU A 153 10.92 -6.86 14.35
N GLU A 154 10.93 -5.63 13.86
CA GLU A 154 11.74 -4.57 14.48
C GLU A 154 10.96 -3.27 14.55
N GLU A 155 11.13 -2.56 15.66
CA GLU A 155 10.47 -1.27 15.84
C GLU A 155 11.17 -0.17 15.08
N VAL A 156 10.65 0.15 13.89
CA VAL A 156 11.33 1.03 12.96
C VAL A 156 10.37 2.02 12.32
N VAL A 157 10.85 2.70 11.27
CA VAL A 157 10.02 3.67 10.57
C VAL A 157 9.61 3.15 9.20
N VAL A 158 8.32 3.27 8.89
CA VAL A 158 7.81 2.83 7.59
C VAL A 158 7.72 3.99 6.61
N ILE A 159 8.35 3.81 5.45
CA ILE A 159 8.33 4.84 4.41
C ILE A 159 7.76 4.28 3.11
N ALA A 160 6.83 5.02 2.51
CA ALA A 160 6.12 4.55 1.32
C ALA A 160 5.59 5.73 0.51
N ARG A 161 5.11 5.43 -0.69
CA ARG A 161 4.49 6.44 -1.55
C ARG A 161 3.19 6.94 -0.93
N ASP A 162 2.36 6.00 -0.48
CA ASP A 162 1.08 6.35 0.14
C ASP A 162 0.64 5.26 1.12
N LEU A 163 -0.45 5.54 1.84
CA LEU A 163 -0.98 4.59 2.80
C LEU A 163 -2.47 4.34 2.57
N THR A 164 -2.77 3.41 1.65
CA THR A 164 -4.15 3.00 1.41
C THR A 164 -4.63 2.04 2.48
N PRO A 165 -5.94 1.83 2.54
CA PRO A 165 -6.53 0.87 3.47
C PRO A 165 -5.83 -0.48 3.38
N SER A 166 -5.43 -0.86 2.17
CA SER A 166 -4.75 -2.13 1.96
C SER A 166 -3.32 -2.07 2.47
N ASP A 167 -2.72 -0.89 2.42
CA ASP A 167 -1.36 -0.70 2.93
C ASP A 167 -1.35 -0.70 4.45
N THR A 168 -2.28 0.03 5.05
CA THR A 168 -2.31 0.21 6.50
C THR A 168 -2.67 -1.10 7.20
N ALA A 169 -3.40 -1.96 6.51
CA ALA A 169 -3.85 -3.22 7.09
C ALA A 169 -2.74 -4.26 7.06
N THR A 170 -1.59 -3.88 6.51
CA THR A 170 -0.44 -4.77 6.47
C THR A 170 0.70 -4.24 7.33
N MET A 171 0.43 -3.15 8.04
CA MET A 171 1.42 -2.57 8.95
C MET A 171 1.49 -3.36 10.26
N LYS A 172 2.70 -3.77 10.63
CA LYS A 172 2.92 -4.48 11.88
C LYS A 172 2.66 -3.58 13.08
N LYS A 173 1.54 -3.80 13.76
CA LYS A 173 1.03 -2.84 14.72
C LYS A 173 2.11 -2.42 15.71
N GLU A 174 2.80 -3.40 16.28
CA GLU A 174 3.63 -3.17 17.45
C GLU A 174 5.09 -2.96 17.07
N MET A 175 5.34 -2.82 15.78
CA MET A 175 6.70 -2.64 15.27
C MET A 175 6.81 -1.37 14.43
N VAL A 176 5.81 -0.49 14.56
CA VAL A 176 5.86 0.82 13.92
C VAL A 176 5.93 1.93 14.96
N LEU A 177 7.07 2.62 15.00
CA LEU A 177 7.23 3.79 15.87
C LEU A 177 6.84 5.07 15.15
N GLY A 178 6.70 4.98 13.83
CA GLY A 178 6.39 6.15 13.02
C GLY A 178 6.48 5.83 11.53
N PHE A 179 6.19 6.82 10.70
CA PHE A 179 6.21 6.63 9.25
C PHE A 179 6.21 7.97 8.52
N ALA A 180 6.58 7.94 7.25
CA ALA A 180 6.53 9.14 6.41
C ALA A 180 6.28 8.78 4.95
N THR A 181 5.53 9.62 4.25
CA THR A 181 5.06 9.30 2.91
C THR A 181 5.40 10.41 1.92
N ASP A 182 5.51 10.06 0.66
CA ASP A 182 5.65 11.04 -0.41
C ASP A 182 4.43 11.93 -0.51
N VAL A 183 3.27 11.32 -0.67
CA VAL A 183 2.03 12.06 -0.86
C VAL A 183 0.93 11.52 0.05
N GLY A 184 0.28 12.42 0.78
CA GLY A 184 -0.83 12.05 1.65
C GLY A 184 -2.13 11.90 0.85
N GLY A 185 -2.11 11.00 -0.13
CA GLY A 185 -3.26 10.76 -0.98
C GLY A 185 -4.38 10.08 -0.21
N ARG A 186 -4.01 9.34 0.84
CA ARG A 186 -4.99 8.82 1.79
C ARG A 186 -4.74 9.37 3.19
N THR A 187 -4.85 10.69 3.33
CA THR A 187 -4.57 11.34 4.60
C THR A 187 -5.54 10.89 5.68
N SER A 188 -6.81 10.75 5.30
CA SER A 188 -7.85 10.33 6.24
C SER A 188 -7.45 9.05 6.97
N HIS A 189 -7.10 8.02 6.20
CA HIS A 189 -6.72 6.73 6.77
C HIS A 189 -5.35 6.80 7.44
N THR A 190 -4.46 7.62 6.89
CA THR A 190 -3.16 7.86 7.48
C THR A 190 -3.28 8.40 8.90
N ALA A 191 -4.12 9.42 9.06
CA ALA A 191 -4.31 10.07 10.36
C ALA A 191 -4.94 9.10 11.35
N ILE A 192 -5.89 8.30 10.88
CA ILE A 192 -6.56 7.32 11.73
C ILE A 192 -5.56 6.34 12.32
N MET A 193 -4.66 5.84 11.48
CA MET A 193 -3.63 4.91 11.93
C MET A 193 -2.69 5.55 12.94
N ALA A 194 -2.22 6.75 12.62
CA ALA A 194 -1.30 7.47 13.48
C ALA A 194 -1.92 7.73 14.85
N ARG A 195 -3.20 8.09 14.85
CA ARG A 195 -3.91 8.40 16.09
C ARG A 195 -4.17 7.12 16.89
N SER A 196 -4.47 6.03 16.18
CA SER A 196 -4.78 4.77 16.82
C SER A 196 -3.54 4.13 17.42
N LEU A 197 -2.39 4.44 16.85
CA LEU A 197 -1.12 3.94 17.37
C LEU A 197 -0.43 5.00 18.23
N GLU A 198 -0.89 6.24 18.12
CA GLU A 198 -0.28 7.34 18.85
C GLU A 198 1.18 7.53 18.44
N ILE A 199 1.41 7.61 17.14
CA ILE A 199 2.77 7.75 16.61
C ILE A 199 2.90 8.96 15.70
N PRO A 200 4.10 9.50 15.61
CA PRO A 200 4.36 10.64 14.73
C PRO A 200 4.09 10.29 13.28
N ALA A 201 3.65 11.29 12.51
CA ALA A 201 3.36 11.08 11.09
C ALA A 201 3.65 12.34 10.28
N VAL A 202 4.52 12.19 9.29
CA VAL A 202 4.83 13.29 8.37
C VAL A 202 4.54 12.91 6.93
N VAL A 203 3.65 13.65 6.29
CA VAL A 203 3.21 13.32 4.93
C VAL A 203 3.45 14.47 3.98
N GLY A 204 3.46 14.17 2.69
CA GLY A 204 3.64 15.20 1.66
C GLY A 204 5.09 15.63 1.56
N LEU A 205 6.00 14.67 1.69
CA LEU A 205 7.43 14.96 1.59
C LEU A 205 7.91 14.93 0.14
N GLY A 206 7.01 14.56 -0.76
CA GLY A 206 7.28 14.64 -2.19
C GLY A 206 7.98 13.39 -2.70
N ASN A 207 9.19 13.15 -2.19
CA ASN A 207 10.02 12.05 -2.66
C ASN A 207 10.95 11.55 -1.57
N VAL A 208 10.41 11.37 -0.36
CA VAL A 208 11.17 10.82 0.74
C VAL A 208 11.63 9.40 0.44
N THR A 209 10.93 8.74 -0.47
CA THR A 209 11.30 7.39 -0.88
C THR A 209 12.57 7.40 -1.71
N SER A 210 12.93 8.57 -2.23
CA SER A 210 14.16 8.73 -2.99
C SER A 210 15.25 9.37 -2.14
N GLN A 211 14.84 10.17 -1.15
CA GLN A 211 15.78 10.85 -0.28
C GLN A 211 16.24 9.95 0.85
N VAL A 212 15.49 8.88 1.09
CA VAL A 212 15.88 7.87 2.07
C VAL A 212 16.10 6.51 1.42
N LYS A 213 17.19 5.86 1.78
CA LYS A 213 17.47 4.51 1.29
C LYS A 213 17.32 3.49 2.40
N ALA A 214 16.93 2.26 2.02
CA ALA A 214 16.73 1.20 2.99
C ALA A 214 18.01 0.91 3.77
N GLY A 215 17.91 0.94 5.09
CA GLY A 215 19.05 0.70 5.96
C GLY A 215 19.55 1.99 6.59
N ASP A 216 19.10 3.12 6.05
CA ASP A 216 19.44 4.43 6.61
C ASP A 216 18.77 4.65 7.95
N LEU A 217 19.23 5.66 8.68
CA LEU A 217 18.58 6.07 9.93
C LEU A 217 17.55 7.16 9.69
N VAL A 218 16.37 6.99 10.28
CA VAL A 218 15.27 7.93 10.08
C VAL A 218 14.71 8.42 11.40
N ILE A 219 14.64 9.73 11.57
CA ILE A 219 13.91 10.33 12.68
C ILE A 219 12.72 11.13 12.18
N VAL A 220 11.51 10.67 12.53
CA VAL A 220 10.29 11.34 12.11
C VAL A 220 9.81 12.31 13.19
N ASP A 221 10.24 13.56 13.10
CA ASP A 221 9.85 14.58 14.06
C ASP A 221 8.53 15.23 13.67
N GLY A 222 7.43 14.54 13.96
CA GLY A 222 6.10 15.01 13.56
C GLY A 222 5.72 16.28 14.31
N LEU A 223 6.32 16.47 15.48
CA LEU A 223 6.09 17.67 16.27
C LEU A 223 6.45 18.93 15.48
N GLU A 224 7.63 18.92 14.87
CA GLU A 224 8.06 20.02 14.03
C GLU A 224 7.67 19.79 12.57
N GLY A 225 7.37 18.53 12.24
CA GLY A 225 6.91 18.19 10.90
C GLY A 225 8.08 18.01 9.95
N ILE A 226 9.17 17.45 10.46
CA ILE A 226 10.36 17.23 9.65
C ILE A 226 10.90 15.82 9.83
N VAL A 227 11.63 15.33 8.83
CA VAL A 227 12.28 14.03 8.91
C VAL A 227 13.78 14.16 8.72
N ILE A 228 14.55 13.48 9.58
CA ILE A 228 16.00 13.60 9.57
C ILE A 228 16.64 12.31 9.08
N VAL A 229 17.52 12.43 8.08
CA VAL A 229 18.09 11.25 7.43
C VAL A 229 19.56 11.09 7.81
N ASN A 230 19.90 9.93 8.37
CA ASN A 230 21.27 9.62 8.73
C ASN A 230 21.83 10.68 9.68
N PRO A 231 21.13 10.90 10.79
CA PRO A 231 21.61 11.82 11.82
C PRO A 231 22.82 11.25 12.54
N ASP A 232 23.64 12.14 13.11
CA ASP A 232 24.78 11.73 13.93
C ASP A 232 24.32 11.10 15.24
N GLU A 233 25.22 10.36 15.88
CA GLU A 233 24.90 9.70 17.13
C GLU A 233 24.34 10.68 18.15
N LYS A 234 25.04 11.80 18.34
CA LYS A 234 24.58 12.86 19.23
C LYS A 234 23.20 13.37 18.81
N THR A 235 23.05 13.64 17.52
CA THR A 235 21.79 14.13 16.99
C THR A 235 20.62 13.23 17.38
N VAL A 236 20.82 11.93 17.23
CA VAL A 236 19.81 10.96 17.62
C VAL A 236 19.45 11.09 19.11
N GLU A 237 20.48 11.17 19.94
CA GLU A 237 20.28 11.27 21.38
C GLU A 237 19.61 12.58 21.77
N ASP A 238 19.91 13.63 21.02
CA ASP A 238 19.28 14.92 21.22
C ASP A 238 17.79 14.86 20.96
N TYR A 239 17.40 14.16 19.90
CA TYR A 239 15.99 14.00 19.55
C TYR A 239 15.28 13.10 20.55
N LYS A 240 16.02 12.19 21.17
CA LYS A 240 15.50 11.38 22.26
C LYS A 240 15.10 12.24 23.45
N SER A 241 15.96 13.20 23.78
CA SER A 241 15.68 14.11 24.89
C SER A 241 14.55 15.07 24.55
N LYS A 242 14.43 15.41 23.26
CA LYS A 242 13.31 16.21 22.79
C LYS A 242 12.01 15.42 22.86
N LYS A 243 12.09 14.14 22.51
CA LYS A 243 10.95 13.24 22.65
C LYS A 243 10.49 13.15 24.10
N GLU A 244 11.45 13.08 25.02
CA GLU A 244 11.14 13.10 26.45
C GLU A 244 10.37 14.35 26.83
N SER A 245 10.87 15.50 26.40
CA SER A 245 10.25 16.78 26.73
C SER A 245 8.88 16.92 26.07
N TYR A 246 8.71 16.26 24.93
CA TYR A 246 7.41 16.18 24.27
C TYR A 246 6.41 15.42 25.15
N GLU A 247 6.81 14.25 25.62
CA GLU A 247 5.95 13.42 26.45
C GLU A 247 5.71 14.07 27.82
N LYS A 248 6.72 14.78 28.32
CA LYS A 248 6.62 15.46 29.60
C LYS A 248 5.48 16.48 29.59
N MET A 1 18.79 18.70 7.29
CA MET A 1 17.56 18.57 8.07
C MET A 1 16.34 18.59 7.17
N LEU A 2 15.48 17.58 7.32
CA LEU A 2 14.24 17.52 6.57
C LEU A 2 13.10 18.19 7.34
N LYS A 3 12.51 19.21 6.75
CA LYS A 3 11.42 19.95 7.39
C LYS A 3 10.09 19.70 6.70
N GLY A 4 9.08 19.34 7.48
CA GLY A 4 7.76 19.05 6.94
C GLY A 4 6.66 19.50 7.89
N VAL A 5 5.53 18.81 7.84
CA VAL A 5 4.39 19.14 8.70
C VAL A 5 4.24 18.15 9.84
N ALA A 6 4.22 18.66 11.06
CA ALA A 6 4.07 17.82 12.24
C ALA A 6 2.68 17.20 12.29
N ALA A 7 2.52 16.05 11.65
CA ALA A 7 1.25 15.33 11.67
C ALA A 7 0.89 14.86 13.07
N SER A 8 1.88 14.36 13.80
CA SER A 8 1.68 13.95 15.18
C SER A 8 2.96 14.12 16.00
N PRO A 9 2.81 14.41 17.28
CA PRO A 9 3.94 14.75 18.13
C PRO A 9 4.68 13.50 18.58
N GLY A 10 5.92 13.68 19.03
CA GLY A 10 6.73 12.57 19.51
C GLY A 10 8.05 12.50 18.76
N ILE A 11 8.90 11.55 19.15
CA ILE A 11 10.16 11.30 18.46
C ILE A 11 10.38 9.82 18.22
N ALA A 12 10.43 9.42 16.95
CA ALA A 12 10.68 8.03 16.60
C ALA A 12 12.15 7.81 16.25
N ILE A 13 12.82 7.02 17.09
CA ILE A 13 14.23 6.69 16.86
C ILE A 13 14.39 5.21 16.55
N GLY A 14 14.76 4.91 15.30
CA GLY A 14 14.94 3.54 14.86
C GLY A 14 15.52 3.47 13.45
N LYS A 15 15.28 2.36 12.77
CA LYS A 15 15.85 2.14 11.44
C LYS A 15 14.92 2.66 10.36
N ALA A 16 15.51 3.08 9.23
CA ALA A 16 14.73 3.54 8.09
C ALA A 16 14.39 2.40 7.15
N PHE A 17 13.11 2.17 6.94
CA PHE A 17 12.64 1.23 5.92
C PHE A 17 11.78 1.93 4.88
N LEU A 18 12.37 2.25 3.73
CA LEU A 18 11.63 2.82 2.62
C LEU A 18 10.85 1.75 1.87
N TYR A 19 9.53 1.82 1.93
CA TYR A 19 8.67 0.82 1.31
C TYR A 19 8.92 0.74 -0.19
N THR A 20 9.58 -0.33 -0.63
CA THR A 20 9.90 -0.52 -2.04
C THR A 20 8.82 -1.33 -2.74
N LYS A 21 8.40 -0.85 -3.92
CA LYS A 21 7.41 -1.55 -4.72
C LYS A 21 7.73 -1.44 -6.21
N GLU A 22 7.79 -2.59 -6.89
CA GLU A 22 8.17 -2.62 -8.29
C GLU A 22 7.12 -1.94 -9.17
N LYS A 23 7.58 -1.31 -10.24
CA LYS A 23 6.70 -0.54 -11.11
C LYS A 23 5.65 -1.43 -11.75
N VAL A 24 4.38 -1.07 -11.58
CA VAL A 24 3.28 -1.84 -12.15
C VAL A 24 3.02 -1.45 -13.60
N THR A 25 3.80 -2.01 -14.51
CA THR A 25 3.67 -1.72 -15.93
C THR A 25 2.61 -2.59 -16.58
N ILE A 26 1.51 -1.98 -16.99
CA ILE A 26 0.39 -2.72 -17.56
C ILE A 26 0.63 -3.04 -19.03
N ASN A 27 0.60 -4.32 -19.37
CA ASN A 27 0.77 -4.75 -20.75
C ASN A 27 -0.53 -4.61 -21.53
N VAL A 28 -0.56 -3.64 -22.44
CA VAL A 28 -1.79 -3.30 -23.18
C VAL A 28 -1.72 -3.79 -24.61
N GLU A 29 -0.89 -4.80 -24.86
CA GLU A 29 -0.75 -5.37 -26.19
C GLU A 29 -1.80 -6.44 -26.45
N LYS A 30 -1.85 -6.93 -27.69
CA LYS A 30 -2.77 -8.00 -28.05
C LYS A 30 -2.08 -9.35 -28.05
N ILE A 31 -2.87 -10.42 -28.06
CA ILE A 31 -2.33 -11.78 -28.02
C ILE A 31 -2.81 -12.59 -29.22
N GLU A 32 -2.15 -13.72 -29.45
CA GLU A 32 -2.55 -14.63 -30.52
C GLU A 32 -3.84 -15.38 -30.17
N GLU A 33 -4.69 -15.59 -31.17
CA GLU A 33 -5.97 -16.24 -30.96
C GLU A 33 -5.79 -17.58 -30.25
N SER A 34 -4.78 -18.34 -30.67
CA SER A 34 -4.55 -19.67 -30.12
C SER A 34 -4.07 -19.60 -28.68
N LYS A 35 -3.59 -18.41 -28.29
CA LYS A 35 -3.01 -18.24 -26.96
C LYS A 35 -4.01 -17.61 -26.00
N VAL A 36 -5.24 -17.42 -26.47
CA VAL A 36 -6.30 -16.87 -25.64
C VAL A 36 -6.53 -17.73 -24.39
N GLU A 37 -6.62 -19.03 -24.59
CA GLU A 37 -6.85 -19.95 -23.49
C GLU A 37 -5.70 -19.91 -22.48
N GLU A 38 -4.49 -19.74 -22.99
CA GLU A 38 -3.31 -19.66 -22.13
C GLU A 38 -3.33 -18.38 -21.30
N GLU A 39 -3.74 -17.28 -21.92
CA GLU A 39 -3.79 -16.00 -21.23
C GLU A 39 -4.90 -15.96 -20.19
N ILE A 40 -6.03 -16.59 -20.51
CA ILE A 40 -7.11 -16.77 -19.55
C ILE A 40 -6.66 -17.60 -18.36
N ALA A 41 -5.92 -18.67 -18.63
CA ALA A 41 -5.35 -19.50 -17.58
C ALA A 41 -4.48 -18.68 -16.64
N LYS A 42 -3.66 -17.81 -17.22
CA LYS A 42 -2.81 -16.92 -16.43
C LYS A 42 -3.64 -16.03 -15.52
N PHE A 43 -4.74 -15.50 -16.06
CA PHE A 43 -5.65 -14.67 -15.27
C PHE A 43 -6.21 -15.46 -14.10
N ARG A 44 -6.68 -16.67 -14.36
CA ARG A 44 -7.27 -17.52 -13.33
C ARG A 44 -6.23 -17.87 -12.27
N LYS A 45 -5.00 -18.10 -12.70
CA LYS A 45 -3.90 -18.35 -11.78
C LYS A 45 -3.62 -17.14 -10.91
N ALA A 46 -3.69 -15.95 -11.51
CA ALA A 46 -3.51 -14.71 -10.78
C ALA A 46 -4.59 -14.52 -9.73
N LEU A 47 -5.81 -14.97 -10.05
CA LEU A 47 -6.92 -14.91 -9.10
C LEU A 47 -6.65 -15.80 -7.89
N GLU A 48 -6.08 -16.97 -8.13
CA GLU A 48 -5.72 -17.88 -7.06
C GLU A 48 -4.69 -17.25 -6.12
N VAL A 49 -3.68 -16.62 -6.70
CA VAL A 49 -2.66 -15.92 -5.92
C VAL A 49 -3.25 -14.70 -5.23
N THR A 50 -4.08 -13.95 -5.96
CA THR A 50 -4.71 -12.76 -5.42
C THR A 50 -5.53 -13.06 -4.17
N GLN A 51 -6.43 -14.02 -4.30
CA GLN A 51 -7.30 -14.39 -3.18
C GLN A 51 -6.49 -14.96 -2.02
N GLU A 52 -5.48 -15.75 -2.33
CA GLU A 52 -4.60 -16.31 -1.32
C GLU A 52 -3.94 -15.20 -0.50
N GLU A 53 -3.34 -14.23 -1.19
CA GLU A 53 -2.62 -13.16 -0.52
C GLU A 53 -3.57 -12.28 0.29
N ILE A 54 -4.76 -12.04 -0.25
CA ILE A 54 -5.77 -11.25 0.44
C ILE A 54 -6.15 -11.89 1.77
N GLU A 55 -6.44 -13.18 1.74
CA GLU A 55 -6.91 -13.88 2.93
C GLU A 55 -5.82 -13.97 3.99
N LYS A 56 -4.61 -14.33 3.56
CA LYS A 56 -3.51 -14.53 4.49
C LYS A 56 -3.09 -13.23 5.15
N ILE A 57 -3.01 -12.16 4.35
CA ILE A 57 -2.65 -10.85 4.87
C ILE A 57 -3.78 -10.27 5.71
N LYS A 58 -5.01 -10.47 5.26
CA LYS A 58 -6.19 -10.03 6.00
C LYS A 58 -6.11 -10.48 7.46
N GLU A 59 -5.78 -11.75 7.66
CA GLU A 59 -5.61 -12.30 9.00
C GLU A 59 -4.64 -11.45 9.81
N LYS A 60 -3.46 -11.20 9.25
CA LYS A 60 -2.44 -10.41 9.93
C LYS A 60 -2.92 -8.98 10.18
N ALA A 61 -3.59 -8.40 9.20
CA ALA A 61 -4.11 -7.05 9.30
C ALA A 61 -5.16 -6.95 10.40
N LEU A 62 -6.00 -7.97 10.50
CA LEU A 62 -7.00 -8.05 11.57
C LEU A 62 -6.31 -8.08 12.93
N LYS A 63 -5.27 -8.88 13.06
CA LYS A 63 -4.56 -9.02 14.32
C LYS A 63 -3.85 -7.72 14.71
N GLU A 64 -3.35 -7.01 13.70
CA GLU A 64 -2.59 -5.79 13.94
C GLU A 64 -3.51 -4.58 14.03
N PHE A 65 -4.13 -4.22 12.92
CA PHE A 65 -4.87 -2.97 12.82
C PHE A 65 -6.33 -3.16 13.18
N GLY A 66 -6.86 -4.35 12.89
CA GLY A 66 -8.25 -4.67 13.20
C GLY A 66 -9.11 -4.68 11.94
N LYS A 67 -10.42 -4.62 12.12
CA LYS A 67 -11.35 -4.73 11.01
C LYS A 67 -11.19 -3.58 10.03
N GLU A 68 -10.65 -2.47 10.52
CA GLU A 68 -10.39 -1.30 9.67
C GLU A 68 -9.67 -1.71 8.39
N LYS A 69 -8.72 -2.62 8.52
CA LYS A 69 -7.92 -3.06 7.38
C LYS A 69 -8.39 -4.41 6.86
N ALA A 70 -8.88 -5.25 7.77
CA ALA A 70 -9.31 -6.59 7.41
C ALA A 70 -10.57 -6.55 6.55
N GLU A 71 -11.48 -5.62 6.86
CA GLU A 71 -12.72 -5.48 6.12
C GLU A 71 -12.45 -5.02 4.69
N ILE A 72 -11.40 -4.22 4.51
CA ILE A 72 -10.96 -3.81 3.18
C ILE A 72 -10.60 -5.03 2.33
N PHE A 73 -9.84 -5.95 2.92
CA PHE A 73 -9.46 -7.18 2.24
C PHE A 73 -10.68 -8.08 2.02
N GLU A 74 -11.59 -8.08 2.98
CA GLU A 74 -12.82 -8.86 2.87
C GLU A 74 -13.60 -8.47 1.63
N ALA A 75 -13.75 -7.17 1.40
CA ALA A 75 -14.41 -6.67 0.20
C ALA A 75 -13.64 -7.05 -1.06
N HIS A 76 -12.32 -6.93 -0.99
CA HIS A 76 -11.46 -7.21 -2.15
C HIS A 76 -11.48 -8.69 -2.48
N LEU A 77 -11.59 -9.54 -1.46
CA LEU A 77 -11.68 -10.98 -1.64
C LEU A 77 -12.94 -11.35 -2.41
N MET A 78 -14.07 -10.77 -2.02
CA MET A 78 -15.33 -11.02 -2.68
C MET A 78 -15.30 -10.57 -4.13
N LEU A 79 -14.70 -9.40 -4.37
CA LEU A 79 -14.57 -8.87 -5.72
C LEU A 79 -13.69 -9.76 -6.58
N ALA A 80 -12.62 -10.29 -5.98
CA ALA A 80 -11.73 -11.21 -6.67
C ALA A 80 -12.45 -12.49 -7.04
N SER A 81 -13.37 -12.93 -6.18
CA SER A 81 -14.12 -14.16 -6.42
C SER A 81 -15.36 -13.89 -7.25
N ASP A 82 -15.73 -12.62 -7.37
CA ASP A 82 -16.97 -12.25 -8.05
C ASP A 82 -16.94 -12.64 -9.51
N PRO A 83 -17.80 -13.58 -9.88
CA PRO A 83 -17.86 -14.08 -11.26
C PRO A 83 -18.12 -12.94 -12.23
N GLU A 84 -18.79 -11.91 -11.77
CA GLU A 84 -19.19 -10.79 -12.64
C GLU A 84 -17.96 -10.07 -13.17
N LEU A 85 -16.87 -10.10 -12.41
CA LEU A 85 -15.61 -9.50 -12.85
C LEU A 85 -14.72 -10.53 -13.53
N ILE A 86 -14.76 -11.76 -13.03
CA ILE A 86 -13.95 -12.84 -13.58
C ILE A 86 -14.31 -13.14 -15.03
N GLU A 87 -15.59 -13.38 -15.27
CA GLU A 87 -16.07 -13.71 -16.61
C GLU A 87 -15.91 -12.54 -17.56
N GLY A 88 -16.10 -11.33 -17.04
CA GLY A 88 -15.94 -10.11 -17.83
C GLY A 88 -14.54 -10.01 -18.41
N VAL A 89 -13.53 -10.27 -17.57
CA VAL A 89 -12.14 -10.22 -18.00
C VAL A 89 -11.84 -11.32 -19.02
N GLU A 90 -12.30 -12.53 -18.73
CA GLU A 90 -12.04 -13.66 -19.61
C GLU A 90 -12.69 -13.47 -20.97
N ASN A 91 -13.89 -12.90 -20.99
CA ASN A 91 -14.59 -12.59 -22.23
C ASN A 91 -13.86 -11.50 -23.01
N MET A 92 -13.29 -10.54 -22.29
CA MET A 92 -12.52 -9.48 -22.91
C MET A 92 -11.26 -10.03 -23.57
N ILE A 93 -10.59 -10.96 -22.88
CA ILE A 93 -9.40 -11.60 -23.42
C ILE A 93 -9.70 -12.32 -24.73
N LYS A 94 -10.78 -13.10 -24.73
CA LYS A 94 -11.13 -13.91 -25.89
C LYS A 94 -11.70 -13.05 -27.02
N THR A 95 -12.59 -12.14 -26.66
CA THR A 95 -13.31 -11.35 -27.65
C THR A 95 -12.37 -10.42 -28.40
N GLU A 96 -11.53 -9.71 -27.67
CA GLU A 96 -10.68 -8.68 -28.25
C GLU A 96 -9.28 -9.21 -28.54
N LEU A 97 -9.02 -10.43 -28.07
CA LEU A 97 -7.69 -11.02 -28.19
C LEU A 97 -6.63 -10.13 -27.56
N VAL A 98 -6.73 -9.94 -26.25
CA VAL A 98 -5.85 -9.04 -25.52
C VAL A 98 -5.24 -9.72 -24.30
N THR A 99 -4.21 -9.10 -23.74
CA THR A 99 -3.57 -9.61 -22.53
C THR A 99 -4.53 -9.53 -21.34
N ALA A 100 -4.25 -10.32 -20.32
CA ALA A 100 -5.00 -10.27 -19.07
C ALA A 100 -4.82 -8.93 -18.38
N ASP A 101 -3.63 -8.36 -18.50
CA ASP A 101 -3.37 -7.02 -17.99
C ASP A 101 -4.35 -6.00 -18.54
N ASN A 102 -4.49 -5.99 -19.87
CA ASN A 102 -5.40 -5.06 -20.52
C ASN A 102 -6.85 -5.35 -20.16
N ALA A 103 -7.21 -6.64 -20.16
CA ALA A 103 -8.58 -7.05 -19.90
C ALA A 103 -9.00 -6.69 -18.48
N VAL A 104 -8.17 -7.05 -17.51
CA VAL A 104 -8.44 -6.75 -16.11
C VAL A 104 -8.57 -5.25 -15.89
N ASN A 105 -7.64 -4.49 -16.45
CA ASN A 105 -7.68 -3.04 -16.35
C ASN A 105 -8.95 -2.46 -16.95
N LYS A 106 -9.22 -2.81 -18.21
CA LYS A 106 -10.31 -2.20 -18.95
C LYS A 106 -11.66 -2.53 -18.31
N VAL A 107 -11.90 -3.81 -18.07
CA VAL A 107 -13.21 -4.26 -17.61
C VAL A 107 -13.56 -3.66 -16.26
N ILE A 108 -12.63 -3.74 -15.31
CA ILE A 108 -12.87 -3.27 -13.95
C ILE A 108 -12.92 -1.76 -13.89
N GLU A 109 -11.99 -1.12 -14.58
CA GLU A 109 -11.96 0.34 -14.65
C GLU A 109 -13.26 0.90 -15.19
N GLN A 110 -13.80 0.25 -16.22
CA GLN A 110 -15.09 0.63 -16.78
C GLN A 110 -16.18 0.63 -15.73
N ASN A 111 -16.31 -0.50 -15.02
CA ASN A 111 -17.33 -0.64 -14.00
C ASN A 111 -17.15 0.37 -12.89
N ALA A 112 -15.89 0.65 -12.55
CA ALA A 112 -15.59 1.65 -11.53
C ALA A 112 -16.04 3.03 -11.96
N SER A 113 -15.81 3.36 -13.22
CA SER A 113 -16.17 4.67 -13.75
C SER A 113 -17.68 4.85 -13.81
N VAL A 114 -18.40 3.75 -14.00
CA VAL A 114 -19.85 3.76 -13.93
C VAL A 114 -20.35 4.11 -12.54
N MET A 115 -19.80 3.43 -11.54
CA MET A 115 -20.14 3.73 -10.14
C MET A 115 -19.91 5.20 -9.82
N GLU A 116 -18.83 5.76 -10.35
CA GLU A 116 -18.52 7.17 -10.14
C GLU A 116 -19.53 8.07 -10.85
N SER A 117 -19.90 7.68 -12.06
CA SER A 117 -20.80 8.48 -12.88
C SER A 117 -22.21 8.49 -12.30
N LEU A 118 -22.51 7.48 -11.50
CA LEU A 118 -23.81 7.39 -10.83
C LEU A 118 -23.91 8.41 -9.70
N ASN A 119 -22.79 8.99 -9.32
CA ASN A 119 -22.75 9.97 -8.24
C ASN A 119 -23.18 9.34 -6.92
N ASP A 120 -22.90 8.06 -6.76
CA ASP A 120 -23.23 7.36 -5.52
C ASP A 120 -21.98 7.15 -4.66
N GLU A 121 -21.90 7.87 -3.55
CA GLU A 121 -20.69 7.95 -2.77
C GLU A 121 -20.30 6.58 -2.21
N TYR A 122 -21.31 5.78 -1.90
CA TYR A 122 -21.08 4.38 -1.48
C TYR A 122 -20.40 3.59 -2.59
N LEU A 123 -20.93 3.68 -3.80
CA LEU A 123 -20.41 2.93 -4.92
C LEU A 123 -19.05 3.48 -5.36
N LYS A 124 -18.82 4.76 -5.09
CA LYS A 124 -17.52 5.38 -5.32
C LYS A 124 -16.45 4.74 -4.45
N GLU A 125 -16.78 4.50 -3.19
CA GLU A 125 -15.91 3.75 -2.29
C GLU A 125 -15.65 2.34 -2.83
N ARG A 126 -16.71 1.71 -3.35
CA ARG A 126 -16.58 0.40 -3.97
C ARG A 126 -15.76 0.47 -5.25
N ALA A 127 -15.87 1.58 -5.95
CA ALA A 127 -15.07 1.81 -7.17
C ALA A 127 -13.59 1.84 -6.84
N VAL A 128 -13.24 2.43 -5.70
CA VAL A 128 -11.86 2.40 -5.21
C VAL A 128 -11.41 0.98 -4.92
N ASP A 129 -12.29 0.19 -4.30
CA ASP A 129 -12.02 -1.22 -4.05
C ASP A 129 -11.78 -1.97 -5.37
N LEU A 130 -12.57 -1.64 -6.37
CA LEU A 130 -12.39 -2.22 -7.70
C LEU A 130 -11.02 -1.89 -8.27
N ARG A 131 -10.60 -0.65 -8.10
CA ARG A 131 -9.29 -0.21 -8.57
C ARG A 131 -8.17 -1.01 -7.89
N ASP A 132 -8.33 -1.23 -6.59
CA ASP A 132 -7.33 -1.97 -5.83
C ASP A 132 -7.24 -3.42 -6.30
N VAL A 133 -8.39 -4.06 -6.46
CA VAL A 133 -8.46 -5.45 -6.88
C VAL A 133 -7.89 -5.63 -8.29
N GLY A 134 -8.30 -4.75 -9.19
CA GLY A 134 -7.82 -4.80 -10.57
C GLY A 134 -6.30 -4.67 -10.64
N ASN A 135 -5.77 -3.70 -9.89
CA ASN A 135 -4.33 -3.48 -9.85
C ASN A 135 -3.61 -4.67 -9.23
N ARG A 136 -4.19 -5.22 -8.16
CA ARG A 136 -3.58 -6.34 -7.45
C ARG A 136 -3.46 -7.56 -8.34
N ILE A 137 -4.50 -7.83 -9.12
CA ILE A 137 -4.47 -8.93 -10.08
C ILE A 137 -3.40 -8.72 -11.13
N ILE A 138 -3.33 -7.51 -11.68
CA ILE A 138 -2.31 -7.16 -12.65
C ILE A 138 -0.91 -7.30 -12.04
N GLU A 139 -0.76 -6.86 -10.80
CA GLU A 139 0.51 -6.97 -10.10
C GLU A 139 0.94 -8.43 -9.97
N ASN A 140 -0.03 -9.31 -9.71
CA ASN A 140 0.24 -10.73 -9.58
C ASN A 140 0.54 -11.36 -10.94
N LEU A 141 -0.07 -10.81 -11.98
CA LEU A 141 0.25 -11.21 -13.35
C LEU A 141 1.66 -10.77 -13.74
N LEU A 142 2.04 -9.59 -13.29
CA LEU A 142 3.35 -9.04 -13.60
C LEU A 142 4.44 -9.65 -12.71
N GLY A 143 4.07 -9.97 -11.48
CA GLY A 143 5.04 -10.44 -10.49
C GLY A 143 5.62 -9.29 -9.68
N VAL A 144 4.81 -8.26 -9.47
CA VAL A 144 5.25 -7.10 -8.71
C VAL A 144 5.43 -7.43 -7.24
N LYS A 145 6.66 -7.25 -6.75
CA LYS A 145 6.97 -7.52 -5.35
C LYS A 145 7.13 -6.22 -4.56
N SER A 146 7.03 -6.32 -3.24
CA SER A 146 7.20 -5.16 -2.38
C SER A 146 7.69 -5.58 -0.99
N VAL A 147 8.16 -4.61 -0.22
CA VAL A 147 8.64 -4.87 1.13
C VAL A 147 7.49 -5.26 2.05
N ASN A 148 7.62 -6.43 2.68
CA ASN A 148 6.57 -6.93 3.56
C ASN A 148 6.84 -6.54 5.01
N LEU A 149 6.24 -5.44 5.44
CA LEU A 149 6.52 -4.86 6.75
C LEU A 149 5.67 -5.52 7.83
N SER A 150 4.79 -6.42 7.42
CA SER A 150 3.92 -7.13 8.35
C SER A 150 4.70 -8.20 9.12
N ASP A 151 5.90 -8.50 8.65
CA ASP A 151 6.74 -9.51 9.28
C ASP A 151 7.96 -8.88 9.96
N LEU A 152 7.83 -7.60 10.30
CA LEU A 152 8.87 -6.92 11.06
C LEU A 152 9.10 -7.58 12.41
N GLU A 153 10.37 -7.81 12.74
CA GLU A 153 10.73 -8.47 14.00
C GLU A 153 11.18 -7.45 15.03
N GLU A 154 11.31 -6.20 14.62
CA GLU A 154 11.77 -5.14 15.50
C GLU A 154 11.13 -3.81 15.13
N GLU A 155 11.07 -2.89 16.10
CA GLU A 155 10.40 -1.62 15.91
C GLU A 155 11.22 -0.68 15.03
N VAL A 156 10.65 -0.26 13.91
CA VAL A 156 11.35 0.58 12.95
C VAL A 156 10.45 1.69 12.42
N VAL A 157 11.05 2.63 11.71
CA VAL A 157 10.31 3.75 11.13
C VAL A 157 9.91 3.45 9.68
N VAL A 158 8.65 3.72 9.36
CA VAL A 158 8.10 3.41 8.05
C VAL A 158 8.08 4.64 7.16
N ILE A 159 8.78 4.57 6.02
CA ILE A 159 8.77 5.65 5.06
C ILE A 159 8.28 5.17 3.69
N ALA A 160 7.41 5.96 3.07
CA ALA A 160 6.82 5.59 1.80
C ALA A 160 6.34 6.81 1.03
N ARG A 161 6.35 6.72 -0.30
CA ARG A 161 5.82 7.77 -1.15
C ARG A 161 4.30 7.75 -1.17
N ASP A 162 3.73 6.54 -1.33
CA ASP A 162 2.29 6.37 -1.35
C ASP A 162 1.91 4.90 -1.27
N LEU A 163 0.78 4.62 -0.63
CA LEU A 163 0.33 3.25 -0.46
C LEU A 163 -1.17 3.13 -0.73
N THR A 164 -1.57 1.96 -1.23
CA THR A 164 -3.00 1.65 -1.38
C THR A 164 -3.58 1.11 -0.09
N PRO A 165 -4.91 1.11 0.00
CA PRO A 165 -5.61 0.55 1.15
C PRO A 165 -5.13 -0.86 1.45
N SER A 166 -4.71 -1.57 0.41
CA SER A 166 -4.26 -2.95 0.55
C SER A 166 -2.80 -3.02 0.96
N ASP A 167 -2.05 -1.98 0.62
CA ASP A 167 -0.62 -1.93 0.95
C ASP A 167 -0.40 -1.44 2.38
N THR A 168 -1.26 -0.54 2.83
CA THR A 168 -1.18 -0.01 4.19
C THR A 168 -1.48 -1.09 5.21
N ALA A 169 -2.11 -2.17 4.76
CA ALA A 169 -2.48 -3.27 5.65
C ALA A 169 -1.37 -4.31 5.72
N THR A 170 -0.28 -4.05 5.01
CA THR A 170 0.86 -4.96 5.01
C THR A 170 1.97 -4.45 5.91
N MET A 171 1.59 -3.83 7.02
CA MET A 171 2.56 -3.31 7.98
C MET A 171 2.35 -3.91 9.37
N LYS A 172 3.45 -4.15 10.07
CA LYS A 172 3.40 -4.66 11.44
C LYS A 172 3.14 -3.53 12.43
N LYS A 173 1.87 -3.32 12.75
CA LYS A 173 1.47 -2.18 13.58
C LYS A 173 2.36 -2.05 14.80
N GLU A 174 2.60 -3.16 15.49
CA GLU A 174 3.33 -3.14 16.74
C GLU A 174 4.75 -2.64 16.54
N MET A 175 5.28 -2.82 15.34
CA MET A 175 6.68 -2.53 15.06
C MET A 175 6.82 -1.28 14.20
N VAL A 176 5.86 -0.37 14.33
CA VAL A 176 5.96 0.95 13.70
C VAL A 176 6.25 2.03 14.73
N LEU A 177 7.39 2.69 14.59
CA LEU A 177 7.77 3.76 15.50
C LEU A 177 7.18 5.09 15.08
N GLY A 178 6.96 5.24 13.77
CA GLY A 178 6.45 6.49 13.22
C GLY A 178 6.39 6.44 11.70
N PHE A 179 5.84 7.49 11.10
CA PHE A 179 5.72 7.57 9.65
C PHE A 179 6.41 8.83 9.11
N ALA A 180 6.84 8.77 7.86
CA ALA A 180 7.29 9.96 7.15
C ALA A 180 7.07 9.82 5.64
N THR A 181 6.73 10.95 5.00
CA THR A 181 6.59 10.98 3.55
C THR A 181 6.83 12.37 3.01
N ASP A 182 6.55 12.55 1.72
CA ASP A 182 6.87 13.81 1.03
C ASP A 182 5.91 14.06 -0.12
N VAL A 183 4.99 13.12 -0.34
CA VAL A 183 4.08 13.19 -1.48
C VAL A 183 2.81 12.37 -1.22
N GLY A 184 1.72 12.77 -1.86
CA GLY A 184 0.53 11.93 -1.93
C GLY A 184 -0.54 12.41 -0.94
N GLY A 185 -1.73 11.83 -1.05
CA GLY A 185 -2.83 12.16 -0.14
C GLY A 185 -2.65 11.48 1.21
N ARG A 186 -1.64 10.62 1.30
CA ARG A 186 -1.34 9.92 2.55
C ARG A 186 -0.67 10.85 3.55
N THR A 187 -0.44 12.09 3.14
CA THR A 187 0.00 13.14 4.05
C THR A 187 -1.09 13.48 5.06
N SER A 188 -2.33 13.15 4.72
CA SER A 188 -3.46 13.34 5.62
C SER A 188 -3.87 12.02 6.28
N HIS A 189 -3.75 10.94 5.53
CA HIS A 189 -4.01 9.60 6.06
C HIS A 189 -2.99 9.24 7.14
N THR A 190 -1.72 9.46 6.84
CA THR A 190 -0.65 9.24 7.81
C THR A 190 -0.98 9.90 9.14
N ALA A 191 -1.46 11.14 9.08
CA ALA A 191 -1.83 11.88 10.28
C ALA A 191 -2.88 11.14 11.09
N ILE A 192 -3.90 10.63 10.41
CA ILE A 192 -4.95 9.86 11.06
C ILE A 192 -4.39 8.58 11.69
N MET A 193 -3.62 7.84 10.91
CA MET A 193 -3.07 6.57 11.37
C MET A 193 -2.12 6.77 12.54
N ALA A 194 -1.17 7.69 12.39
CA ALA A 194 -0.16 7.92 13.40
C ALA A 194 -0.78 8.31 14.73
N ARG A 195 -1.80 9.15 14.69
CA ARG A 195 -2.45 9.64 15.90
C ARG A 195 -3.24 8.53 16.57
N SER A 196 -3.76 7.60 15.78
CA SER A 196 -4.48 6.45 16.31
C SER A 196 -3.53 5.38 16.82
N LEU A 197 -2.31 5.37 16.29
CA LEU A 197 -1.27 4.47 16.75
C LEU A 197 -0.48 5.09 17.91
N GLU A 198 -0.77 6.35 18.21
CA GLU A 198 -0.06 7.07 19.25
C GLU A 198 1.43 7.17 18.93
N ILE A 199 1.74 7.44 17.67
CA ILE A 199 3.13 7.58 17.23
C ILE A 199 3.33 8.87 16.44
N PRO A 200 4.56 9.36 16.42
CA PRO A 200 4.89 10.60 15.72
C PRO A 200 4.90 10.39 14.22
N ALA A 201 4.70 11.47 13.47
CA ALA A 201 4.78 11.42 12.02
C ALA A 201 4.97 12.81 11.43
N VAL A 202 5.78 12.89 10.37
CA VAL A 202 5.97 14.15 9.66
C VAL A 202 5.82 13.96 8.16
N VAL A 203 4.99 14.80 7.55
CA VAL A 203 4.63 14.65 6.14
C VAL A 203 5.03 15.87 5.33
N GLY A 204 5.29 15.66 4.04
CA GLY A 204 5.65 16.76 3.15
C GLY A 204 7.08 17.23 3.40
N LEU A 205 7.97 16.28 3.64
CA LEU A 205 9.37 16.60 3.92
C LEU A 205 10.07 17.16 2.70
N GLY A 206 9.57 16.81 1.52
CA GLY A 206 10.08 17.37 0.27
C GLY A 206 10.57 16.26 -0.65
N ASN A 207 11.47 15.44 -0.15
CA ASN A 207 12.10 14.40 -0.96
C ASN A 207 12.72 13.32 -0.08
N VAL A 208 12.18 13.14 1.11
CA VAL A 208 12.71 12.17 2.06
C VAL A 208 12.88 10.80 1.42
N THR A 209 11.98 10.48 0.50
CA THR A 209 11.92 9.14 -0.08
C THR A 209 13.07 8.91 -1.05
N SER A 210 13.63 10.00 -1.56
CA SER A 210 14.83 9.93 -2.40
C SER A 210 16.10 10.03 -1.56
N GLN A 211 15.97 10.57 -0.35
CA GLN A 211 17.11 10.79 0.51
C GLN A 211 17.19 9.75 1.62
N VAL A 212 16.57 8.60 1.37
CA VAL A 212 16.57 7.51 2.35
C VAL A 212 16.59 6.15 1.66
N LYS A 213 17.20 5.17 2.31
CA LYS A 213 17.22 3.81 1.80
C LYS A 213 17.00 2.79 2.92
N ALA A 214 16.26 1.74 2.61
CA ALA A 214 15.98 0.69 3.59
C ALA A 214 17.26 0.10 4.15
N GLY A 215 17.40 0.16 5.48
CA GLY A 215 18.62 -0.31 6.14
C GLY A 215 19.36 0.85 6.79
N ASP A 216 19.08 2.06 6.35
CA ASP A 216 19.64 3.26 6.96
C ASP A 216 18.99 3.55 8.30
N LEU A 217 19.43 4.62 8.95
CA LEU A 217 18.80 5.10 10.18
C LEU A 217 17.99 6.37 9.92
N VAL A 218 16.96 6.59 10.75
CA VAL A 218 16.17 7.80 10.67
C VAL A 218 15.52 8.12 12.01
N ILE A 219 15.47 9.41 12.34
CA ILE A 219 14.70 9.87 13.49
C ILE A 219 13.62 10.85 13.08
N VAL A 220 12.36 10.50 13.37
CA VAL A 220 11.22 11.34 13.03
C VAL A 220 10.78 12.16 14.23
N ASP A 221 11.23 13.41 14.29
CA ASP A 221 10.86 14.30 15.39
C ASP A 221 9.51 14.96 15.12
N GLY A 222 8.44 14.24 15.40
CA GLY A 222 7.09 14.72 15.12
C GLY A 222 6.76 15.95 15.97
N LEU A 223 7.30 15.98 17.18
CA LEU A 223 7.11 17.12 18.08
C LEU A 223 7.55 18.41 17.42
N GLU A 224 8.75 18.41 16.87
CA GLU A 224 9.29 19.58 16.18
C GLU A 224 8.73 19.72 14.78
N GLY A 225 8.61 18.59 14.09
CA GLY A 225 8.14 18.59 12.71
C GLY A 225 9.30 18.42 11.73
N ILE A 226 10.35 17.77 12.18
CA ILE A 226 11.54 17.57 11.35
C ILE A 226 12.01 16.12 11.39
N VAL A 227 12.76 15.71 10.38
CA VAL A 227 13.28 14.35 10.31
C VAL A 227 14.76 14.34 9.94
N ILE A 228 15.53 13.53 10.66
CA ILE A 228 16.96 13.38 10.38
C ILE A 228 17.28 11.98 9.90
N VAL A 229 17.96 11.88 8.76
CA VAL A 229 18.36 10.59 8.21
C VAL A 229 19.85 10.33 8.46
N ASN A 230 20.15 9.14 8.97
CA ASN A 230 21.52 8.77 9.30
C ASN A 230 22.14 9.77 10.26
N PRO A 231 21.50 9.96 11.41
CA PRO A 231 22.05 10.81 12.46
C PRO A 231 23.27 10.17 13.11
N ASP A 232 24.15 11.00 13.65
CA ASP A 232 25.34 10.52 14.33
C ASP A 232 25.06 10.27 15.81
N GLU A 233 26.10 9.85 16.54
CA GLU A 233 25.93 9.42 17.92
C GLU A 233 25.27 10.51 18.76
N LYS A 234 25.85 11.71 18.74
CA LYS A 234 25.34 12.82 19.53
C LYS A 234 23.90 13.15 19.15
N THR A 235 23.65 13.26 17.85
CA THR A 235 22.34 13.62 17.35
C THR A 235 21.26 12.67 17.90
N VAL A 236 21.55 11.38 17.84
CA VAL A 236 20.61 10.37 18.33
C VAL A 236 20.35 10.54 19.81
N GLU A 237 21.41 10.74 20.59
CA GLU A 237 21.29 10.85 22.04
C GLU A 237 20.59 12.13 22.44
N ASP A 238 20.80 13.18 21.65
CA ASP A 238 20.12 14.45 21.87
C ASP A 238 18.61 14.30 21.74
N TYR A 239 18.19 13.56 20.72
CA TYR A 239 16.77 13.31 20.48
C TYR A 239 16.17 12.44 21.56
N LYS A 240 16.98 11.55 22.12
CA LYS A 240 16.56 10.73 23.26
C LYS A 240 16.22 11.59 24.46
N SER A 241 17.06 12.57 24.74
CA SER A 241 16.86 13.46 25.88
C SER A 241 15.69 14.40 25.64
N LYS A 242 15.48 14.77 24.38
CA LYS A 242 14.32 15.56 23.99
C LYS A 242 13.03 14.75 24.13
N LYS A 243 13.08 13.49 23.70
CA LYS A 243 11.94 12.60 23.85
C LYS A 243 11.60 12.38 25.31
N GLU A 244 12.62 12.30 26.15
CA GLU A 244 12.43 12.22 27.59
C GLU A 244 11.62 13.40 28.11
N SER A 245 12.03 14.60 27.73
CA SER A 245 11.37 15.82 28.17
C SER A 245 9.97 15.93 27.58
N TYR A 246 9.78 15.34 26.40
CA TYR A 246 8.46 15.24 25.79
C TYR A 246 7.53 14.39 26.65
N GLU A 247 8.00 13.21 27.03
CA GLU A 247 7.21 12.30 27.85
C GLU A 247 7.00 12.85 29.25
N LYS A 248 8.01 13.56 29.76
CA LYS A 248 7.93 14.16 31.08
C LYS A 248 6.76 15.12 31.19
N MET A 1 17.58 20.07 5.76
CA MET A 1 16.57 19.41 6.57
C MET A 1 15.43 18.89 5.70
N LEU A 2 15.02 17.65 5.95
CA LEU A 2 13.92 17.04 5.21
C LEU A 2 12.58 17.61 5.65
N LYS A 3 12.24 18.78 5.14
CA LYS A 3 10.98 19.43 5.47
C LYS A 3 9.87 18.99 4.53
N GLY A 4 8.74 18.58 5.12
CA GLY A 4 7.61 18.09 4.32
C GLY A 4 6.29 18.50 4.96
N VAL A 5 5.25 17.71 4.71
CA VAL A 5 3.91 18.02 5.20
C VAL A 5 3.53 17.14 6.38
N ALA A 6 2.95 17.73 7.40
CA ALA A 6 2.61 17.01 8.63
C ALA A 6 1.35 16.17 8.44
N ALA A 7 1.49 15.05 7.74
CA ALA A 7 0.37 14.15 7.51
C ALA A 7 -0.15 13.55 8.81
N SER A 8 0.78 13.19 9.69
CA SER A 8 0.43 12.66 11.01
C SER A 8 1.49 13.00 12.04
N PRO A 9 1.06 13.58 13.15
CA PRO A 9 1.98 14.05 14.18
C PRO A 9 2.52 12.89 15.01
N GLY A 10 3.69 13.09 15.60
CA GLY A 10 4.30 12.08 16.46
C GLY A 10 5.80 11.98 16.22
N ILE A 11 6.49 11.23 17.08
CA ILE A 11 7.92 11.00 16.93
C ILE A 11 8.21 9.54 16.60
N ALA A 12 9.01 9.32 15.57
CA ALA A 12 9.44 7.97 15.20
C ALA A 12 10.96 7.88 15.11
N ILE A 13 11.56 7.14 16.04
CA ILE A 13 13.01 6.96 16.05
C ILE A 13 13.38 5.49 15.90
N GLY A 14 13.97 5.15 14.75
CA GLY A 14 14.30 3.77 14.44
C GLY A 14 15.25 3.68 13.24
N LYS A 15 15.32 2.50 12.64
CA LYS A 15 16.24 2.26 11.53
C LYS A 15 15.60 2.61 10.21
N ALA A 16 16.42 2.76 9.17
CA ALA A 16 15.94 3.06 7.83
C ALA A 16 15.64 1.77 7.05
N PHE A 17 14.36 1.51 6.83
CA PHE A 17 13.94 0.47 5.89
C PHE A 17 13.16 1.07 4.72
N LEU A 18 13.46 0.59 3.52
CA LEU A 18 12.84 1.12 2.31
C LEU A 18 11.88 0.09 1.70
N TYR A 19 10.68 0.54 1.35
CA TYR A 19 9.70 -0.31 0.71
C TYR A 19 9.86 -0.29 -0.81
N THR A 20 10.55 -1.28 -1.34
CA THR A 20 10.82 -1.35 -2.78
C THR A 20 10.19 -2.59 -3.39
N LYS A 21 9.56 -2.41 -4.55
CA LYS A 21 8.95 -3.51 -5.26
C LYS A 21 9.14 -3.38 -6.78
N GLU A 22 9.02 -4.49 -7.49
CA GLU A 22 9.19 -4.49 -8.94
C GLU A 22 8.19 -3.55 -9.61
N LYS A 23 8.68 -2.76 -10.56
CA LYS A 23 7.86 -1.78 -11.24
C LYS A 23 6.61 -2.42 -11.83
N VAL A 24 5.46 -1.83 -11.56
CA VAL A 24 4.18 -2.40 -12.03
C VAL A 24 3.73 -1.73 -13.33
N THR A 25 3.79 -2.49 -14.41
CA THR A 25 3.39 -1.98 -15.72
C THR A 25 2.31 -2.86 -16.35
N ILE A 26 1.48 -2.26 -17.20
CA ILE A 26 0.44 -2.99 -17.91
C ILE A 26 0.72 -3.04 -19.40
N ASN A 27 0.71 -4.25 -19.96
CA ASN A 27 0.90 -4.42 -21.39
C ASN A 27 -0.40 -4.17 -22.16
N VAL A 28 -0.48 -3.03 -22.82
CA VAL A 28 -1.73 -2.59 -23.44
C VAL A 28 -1.76 -2.95 -24.92
N GLU A 29 -0.84 -3.81 -25.33
CA GLU A 29 -0.82 -4.30 -26.71
C GLU A 29 -1.76 -5.48 -26.90
N LYS A 30 -2.29 -5.61 -28.10
CA LYS A 30 -3.23 -6.70 -28.41
C LYS A 30 -2.50 -8.01 -28.66
N ILE A 31 -3.21 -9.12 -28.51
CA ILE A 31 -2.61 -10.44 -28.62
C ILE A 31 -3.27 -11.26 -29.71
N GLU A 32 -2.64 -12.37 -30.07
CA GLU A 32 -3.22 -13.31 -31.03
C GLU A 32 -4.46 -13.99 -30.45
N GLU A 33 -5.44 -14.24 -31.31
CA GLU A 33 -6.69 -14.86 -30.88
C GLU A 33 -6.43 -16.14 -30.09
N SER A 34 -5.42 -16.90 -30.51
CA SER A 34 -5.11 -18.18 -29.89
C SER A 34 -4.56 -17.98 -28.48
N LYS A 35 -4.16 -16.76 -28.16
CA LYS A 35 -3.55 -16.47 -26.87
C LYS A 35 -4.59 -15.95 -25.87
N VAL A 36 -5.84 -15.87 -26.33
CA VAL A 36 -6.94 -15.45 -25.47
C VAL A 36 -7.10 -16.37 -24.27
N GLU A 37 -7.13 -17.67 -24.53
CA GLU A 37 -7.27 -18.67 -23.47
C GLU A 37 -6.04 -18.68 -22.58
N GLU A 38 -4.88 -18.38 -23.17
CA GLU A 38 -3.63 -18.30 -22.41
C GLU A 38 -3.71 -17.23 -21.33
N GLU A 39 -4.14 -16.04 -21.72
CA GLU A 39 -4.21 -14.91 -20.79
C GLU A 39 -5.31 -15.10 -19.76
N ILE A 40 -6.41 -15.73 -20.19
CA ILE A 40 -7.49 -16.10 -19.29
C ILE A 40 -7.01 -17.08 -18.22
N ALA A 41 -6.23 -18.07 -18.64
CA ALA A 41 -5.63 -19.02 -17.71
C ALA A 41 -4.73 -18.32 -16.70
N LYS A 42 -3.96 -17.35 -17.18
CA LYS A 42 -3.12 -16.54 -16.31
C LYS A 42 -3.97 -15.77 -15.30
N PHE A 43 -5.06 -15.17 -15.78
CA PHE A 43 -5.95 -14.40 -14.92
C PHE A 43 -6.54 -15.27 -13.82
N ARG A 44 -7.06 -16.42 -14.20
CA ARG A 44 -7.69 -17.34 -13.25
C ARG A 44 -6.67 -17.85 -12.24
N LYS A 45 -5.44 -18.07 -12.69
CA LYS A 45 -4.36 -18.45 -11.80
C LYS A 45 -4.00 -17.33 -10.84
N ALA A 46 -4.00 -16.09 -11.36
CA ALA A 46 -3.75 -14.92 -10.53
C ALA A 46 -4.80 -14.75 -9.45
N LEU A 47 -6.04 -15.10 -9.79
CA LEU A 47 -7.15 -15.05 -8.84
C LEU A 47 -6.92 -16.02 -7.69
N GLU A 48 -6.44 -17.22 -8.01
CA GLU A 48 -6.10 -18.21 -7.00
C GLU A 48 -5.08 -17.65 -6.02
N VAL A 49 -3.99 -17.10 -6.55
CA VAL A 49 -2.94 -16.53 -5.71
C VAL A 49 -3.44 -15.30 -4.97
N THR A 50 -4.18 -14.46 -5.67
CA THR A 50 -4.69 -13.22 -5.09
C THR A 50 -5.55 -13.50 -3.86
N GLN A 51 -6.54 -14.37 -4.02
CA GLN A 51 -7.46 -14.70 -2.94
C GLN A 51 -6.73 -15.37 -1.78
N GLU A 52 -5.78 -16.25 -2.12
CA GLU A 52 -4.97 -16.93 -1.11
C GLU A 52 -4.20 -15.92 -0.26
N GLU A 53 -3.57 -14.95 -0.92
CA GLU A 53 -2.79 -13.93 -0.24
C GLU A 53 -3.68 -13.05 0.63
N ILE A 54 -4.85 -12.71 0.10
CA ILE A 54 -5.82 -11.89 0.83
C ILE A 54 -6.31 -12.62 2.09
N GLU A 55 -6.53 -13.92 1.96
CA GLU A 55 -6.92 -14.75 3.10
C GLU A 55 -5.90 -14.64 4.23
N LYS A 56 -4.63 -14.76 3.87
CA LYS A 56 -3.55 -14.61 4.85
C LYS A 56 -3.52 -13.20 5.43
N ILE A 57 -3.75 -12.21 4.57
CA ILE A 57 -3.85 -10.82 5.01
C ILE A 57 -5.01 -10.64 5.98
N LYS A 58 -6.14 -11.25 5.65
CA LYS A 58 -7.33 -11.17 6.51
C LYS A 58 -6.99 -11.56 7.94
N GLU A 59 -6.33 -12.69 8.11
CA GLU A 59 -5.91 -13.16 9.42
C GLU A 59 -5.02 -12.13 10.11
N LYS A 60 -3.98 -11.69 9.41
CA LYS A 60 -3.04 -10.72 9.97
C LYS A 60 -3.74 -9.43 10.35
N ALA A 61 -4.65 -8.97 9.49
CA ALA A 61 -5.39 -7.74 9.74
C ALA A 61 -6.27 -7.87 10.98
N LEU A 62 -6.94 -9.01 11.10
CA LEU A 62 -7.77 -9.29 12.26
C LEU A 62 -6.97 -9.18 13.55
N LYS A 63 -5.80 -9.80 13.56
CA LYS A 63 -4.98 -9.87 14.77
C LYS A 63 -4.24 -8.56 15.00
N GLU A 64 -3.88 -7.88 13.92
CA GLU A 64 -3.06 -6.68 13.99
C GLU A 64 -3.91 -5.44 14.27
N PHE A 65 -5.00 -5.30 13.50
CA PHE A 65 -5.79 -4.08 13.52
C PHE A 65 -7.17 -4.33 14.13
N GLY A 66 -7.70 -5.52 13.88
CA GLY A 66 -9.04 -5.87 14.37
C GLY A 66 -9.89 -6.50 13.26
N LYS A 67 -10.93 -7.21 13.66
CA LYS A 67 -11.79 -7.91 12.71
C LYS A 67 -12.34 -6.97 11.65
N GLU A 68 -12.68 -5.75 12.07
CA GLU A 68 -13.18 -4.75 11.15
C GLU A 68 -12.26 -4.58 9.94
N LYS A 69 -10.96 -4.48 10.22
CA LYS A 69 -9.96 -4.35 9.17
C LYS A 69 -9.90 -5.60 8.31
N ALA A 70 -10.04 -6.75 8.95
CA ALA A 70 -10.05 -8.03 8.24
C ALA A 70 -11.25 -8.13 7.30
N GLU A 71 -12.38 -7.61 7.74
CA GLU A 71 -13.61 -7.64 6.94
C GLU A 71 -13.45 -6.82 5.67
N ILE A 72 -12.70 -5.72 5.77
CA ILE A 72 -12.37 -4.92 4.59
C ILE A 72 -11.63 -5.75 3.55
N PHE A 73 -10.66 -6.53 4.00
CA PHE A 73 -9.87 -7.37 3.11
C PHE A 73 -10.67 -8.60 2.67
N GLU A 74 -11.57 -9.05 3.54
CA GLU A 74 -12.52 -10.10 3.17
C GLU A 74 -13.36 -9.69 1.97
N ALA A 75 -13.81 -8.44 1.97
CA ALA A 75 -14.53 -7.88 0.84
C ALA A 75 -13.69 -7.92 -0.42
N HIS A 76 -12.41 -7.57 -0.30
CA HIS A 76 -11.49 -7.62 -1.42
C HIS A 76 -11.41 -9.01 -2.02
N LEU A 77 -11.37 -10.01 -1.17
CA LEU A 77 -11.39 -11.41 -1.61
C LEU A 77 -12.66 -11.71 -2.40
N MET A 78 -13.80 -11.33 -1.84
CA MET A 78 -15.09 -11.60 -2.48
C MET A 78 -15.21 -10.87 -3.81
N LEU A 79 -14.62 -9.68 -3.89
CA LEU A 79 -14.60 -8.92 -5.13
C LEU A 79 -13.76 -9.63 -6.19
N ALA A 80 -12.65 -10.22 -5.77
CA ALA A 80 -11.82 -11.01 -6.66
C ALA A 80 -12.57 -12.26 -7.13
N SER A 81 -13.38 -12.82 -6.25
CA SER A 81 -14.14 -14.04 -6.56
C SER A 81 -15.43 -13.70 -7.28
N ASP A 82 -15.77 -12.42 -7.32
CA ASP A 82 -17.02 -11.96 -7.91
C ASP A 82 -17.08 -12.29 -9.39
N PRO A 83 -18.01 -13.16 -9.77
CA PRO A 83 -18.16 -13.58 -11.16
C PRO A 83 -18.31 -12.38 -12.09
N GLU A 84 -18.92 -11.31 -11.58
CA GLU A 84 -19.17 -10.12 -12.37
C GLU A 84 -17.87 -9.45 -12.79
N LEU A 85 -16.85 -9.54 -11.94
CA LEU A 85 -15.51 -9.06 -12.27
C LEU A 85 -14.76 -10.09 -13.11
N ILE A 86 -14.84 -11.35 -12.71
CA ILE A 86 -14.09 -12.41 -13.36
C ILE A 86 -14.47 -12.53 -14.83
N GLU A 87 -15.76 -12.67 -15.10
CA GLU A 87 -16.25 -12.83 -16.47
C GLU A 87 -16.01 -11.57 -17.28
N GLY A 88 -16.11 -10.41 -16.62
CA GLY A 88 -15.86 -9.13 -17.28
C GLY A 88 -14.45 -9.07 -17.85
N VAL A 89 -13.47 -9.48 -17.03
CA VAL A 89 -12.08 -9.47 -17.45
C VAL A 89 -11.83 -10.47 -18.57
N GLU A 90 -12.37 -11.68 -18.40
CA GLU A 90 -12.18 -12.74 -19.39
C GLU A 90 -12.82 -12.39 -20.73
N ASN A 91 -13.98 -11.76 -20.66
CA ASN A 91 -14.67 -11.28 -21.87
C ASN A 91 -13.89 -10.15 -22.52
N MET A 92 -13.26 -9.32 -21.71
CA MET A 92 -12.42 -8.24 -22.20
C MET A 92 -11.21 -8.79 -22.95
N ILE A 93 -10.61 -9.84 -22.41
CA ILE A 93 -9.47 -10.49 -23.05
C ILE A 93 -9.83 -11.01 -24.43
N LYS A 94 -10.97 -11.69 -24.52
CA LYS A 94 -11.39 -12.31 -25.78
C LYS A 94 -11.92 -11.27 -26.75
N THR A 95 -12.77 -10.38 -26.25
CA THR A 95 -13.47 -9.43 -27.11
C THR A 95 -12.50 -8.47 -27.78
N GLU A 96 -11.59 -7.90 -26.99
CA GLU A 96 -10.66 -6.90 -27.49
C GLU A 96 -9.34 -7.53 -27.92
N LEU A 97 -9.17 -8.81 -27.59
CA LEU A 97 -7.92 -9.51 -27.86
C LEU A 97 -6.74 -8.81 -27.18
N VAL A 98 -6.76 -8.79 -25.86
CA VAL A 98 -5.75 -8.08 -25.09
C VAL A 98 -5.15 -8.97 -24.01
N THR A 99 -4.21 -8.41 -23.24
CA THR A 99 -3.53 -9.17 -22.20
C THR A 99 -4.38 -9.24 -20.93
N ALA A 100 -4.03 -10.16 -20.04
CA ALA A 100 -4.76 -10.34 -18.80
C ALA A 100 -4.72 -9.08 -17.93
N ASP A 101 -3.52 -8.52 -17.80
CA ASP A 101 -3.32 -7.38 -16.91
C ASP A 101 -4.02 -6.14 -17.42
N ASN A 102 -4.02 -5.97 -18.74
CA ASN A 102 -4.75 -4.88 -19.38
C ASN A 102 -6.25 -5.01 -19.16
N ALA A 103 -6.75 -6.24 -19.32
CA ALA A 103 -8.17 -6.50 -19.13
C ALA A 103 -8.60 -6.20 -17.69
N VAL A 104 -7.80 -6.65 -16.74
CA VAL A 104 -8.07 -6.40 -15.32
C VAL A 104 -8.10 -4.90 -15.04
N ASN A 105 -7.07 -4.19 -15.50
CA ASN A 105 -6.99 -2.75 -15.31
C ASN A 105 -8.16 -2.03 -15.96
N LYS A 106 -8.50 -2.45 -17.17
CA LYS A 106 -9.53 -1.77 -17.96
C LYS A 106 -10.90 -1.93 -17.31
N VAL A 107 -11.26 -3.17 -16.98
CA VAL A 107 -12.58 -3.47 -16.45
C VAL A 107 -12.81 -2.78 -15.12
N ILE A 108 -11.82 -2.86 -14.24
CA ILE A 108 -11.92 -2.27 -12.91
C ILE A 108 -11.95 -0.75 -12.98
N GLU A 109 -11.07 -0.19 -13.80
CA GLU A 109 -11.00 1.26 -13.96
C GLU A 109 -12.29 1.81 -14.58
N GLN A 110 -12.83 1.07 -15.53
CA GLN A 110 -14.10 1.45 -16.16
C GLN A 110 -15.22 1.49 -15.14
N ASN A 111 -15.38 0.41 -14.39
CA ASN A 111 -16.42 0.33 -13.36
C ASN A 111 -16.21 1.38 -12.28
N ALA A 112 -14.95 1.61 -11.93
CA ALA A 112 -14.60 2.61 -10.93
C ALA A 112 -15.00 4.02 -11.39
N SER A 113 -14.72 4.31 -12.65
CA SER A 113 -15.01 5.63 -13.21
C SER A 113 -16.51 5.90 -13.26
N VAL A 114 -17.28 4.83 -13.43
CA VAL A 114 -18.73 4.92 -13.37
C VAL A 114 -19.20 5.25 -11.95
N MET A 115 -18.72 4.47 -10.98
CA MET A 115 -19.05 4.71 -9.58
C MET A 115 -18.71 6.13 -9.17
N GLU A 116 -17.57 6.62 -9.65
CA GLU A 116 -17.14 7.99 -9.34
C GLU A 116 -18.05 9.00 -10.01
N SER A 117 -18.43 8.75 -11.26
CA SER A 117 -19.23 9.67 -12.04
C SER A 117 -20.66 9.75 -11.49
N LEU A 118 -21.07 8.71 -10.77
CA LEU A 118 -22.38 8.68 -10.15
C LEU A 118 -22.42 9.59 -8.92
N ASN A 119 -21.25 10.02 -8.47
CA ASN A 119 -21.15 10.87 -7.28
C ASN A 119 -21.69 10.16 -6.05
N ASP A 120 -21.52 8.84 -6.01
CA ASP A 120 -21.97 8.05 -4.88
C ASP A 120 -20.79 7.63 -4.01
N GLU A 121 -20.68 8.27 -2.83
CA GLU A 121 -19.49 8.14 -2.02
C GLU A 121 -19.29 6.71 -1.53
N TYR A 122 -20.40 6.00 -1.31
CA TYR A 122 -20.36 4.59 -0.97
C TYR A 122 -19.71 3.77 -2.08
N LEU A 123 -20.18 3.98 -3.31
CA LEU A 123 -19.65 3.24 -4.45
C LEU A 123 -18.22 3.64 -4.76
N LYS A 124 -17.88 4.89 -4.46
CA LYS A 124 -16.50 5.36 -4.60
C LYS A 124 -15.56 4.59 -3.69
N GLU A 125 -15.99 4.35 -2.45
CA GLU A 125 -15.25 3.51 -1.52
C GLU A 125 -15.10 2.09 -2.05
N ARG A 126 -16.18 1.57 -2.62
CA ARG A 126 -16.16 0.25 -3.23
C ARG A 126 -15.25 0.20 -4.44
N ALA A 127 -15.20 1.31 -5.18
CA ALA A 127 -14.29 1.45 -6.32
C ALA A 127 -12.84 1.34 -5.88
N VAL A 128 -12.52 1.98 -4.75
CA VAL A 128 -11.19 1.89 -4.17
C VAL A 128 -10.85 0.46 -3.79
N ASP A 129 -11.82 -0.25 -3.21
CA ASP A 129 -11.66 -1.66 -2.90
C ASP A 129 -11.30 -2.45 -4.15
N LEU A 130 -11.99 -2.17 -5.25
CA LEU A 130 -11.72 -2.83 -6.53
C LEU A 130 -10.32 -2.50 -7.03
N ARG A 131 -9.91 -1.25 -6.82
CA ARG A 131 -8.58 -0.81 -7.22
C ARG A 131 -7.49 -1.60 -6.51
N ASP A 132 -7.70 -1.84 -5.22
CA ASP A 132 -6.76 -2.64 -4.43
C ASP A 132 -6.71 -4.08 -4.93
N VAL A 133 -7.89 -4.63 -5.25
CA VAL A 133 -7.97 -5.97 -5.83
C VAL A 133 -7.24 -6.04 -7.17
N GLY A 134 -7.46 -5.03 -8.00
CA GLY A 134 -6.81 -4.96 -9.31
C GLY A 134 -5.30 -4.95 -9.18
N ASN A 135 -4.80 -4.15 -8.23
CA ASN A 135 -3.36 -4.08 -7.98
C ASN A 135 -2.79 -5.45 -7.67
N ARG A 136 -3.45 -6.18 -6.78
CA ARG A 136 -2.99 -7.50 -6.37
C ARG A 136 -2.94 -8.46 -7.56
N ILE A 137 -4.00 -8.44 -8.37
CA ILE A 137 -4.12 -9.35 -9.50
C ILE A 137 -3.04 -9.08 -10.54
N ILE A 138 -2.89 -7.80 -10.90
CA ILE A 138 -1.93 -7.40 -11.91
C ILE A 138 -0.50 -7.71 -11.46
N GLU A 139 -0.21 -7.41 -10.20
CA GLU A 139 1.11 -7.68 -9.63
C GLU A 139 1.38 -9.19 -9.59
N ASN A 140 0.34 -9.97 -9.34
CA ASN A 140 0.45 -11.42 -9.32
C ASN A 140 0.64 -11.97 -10.73
N LEU A 141 0.03 -11.29 -11.71
CA LEU A 141 0.26 -11.62 -13.11
C LEU A 141 1.68 -11.29 -13.54
N LEU A 142 2.20 -10.18 -13.04
CA LEU A 142 3.56 -9.74 -13.37
C LEU A 142 4.60 -10.54 -12.61
N GLY A 143 4.29 -10.87 -11.35
CA GLY A 143 5.23 -11.53 -10.47
C GLY A 143 5.95 -10.53 -9.59
N VAL A 144 5.29 -9.41 -9.31
CA VAL A 144 5.88 -8.34 -8.51
C VAL A 144 5.93 -8.71 -7.03
N LYS A 145 7.12 -8.65 -6.45
CA LYS A 145 7.28 -8.84 -5.01
C LYS A 145 7.65 -7.53 -4.32
N SER A 146 7.35 -7.45 -3.03
CA SER A 146 7.58 -6.22 -2.28
C SER A 146 8.03 -6.54 -0.85
N VAL A 147 8.37 -5.49 -0.10
CA VAL A 147 8.88 -5.65 1.25
C VAL A 147 7.74 -5.75 2.26
N ASN A 148 7.52 -6.96 2.77
CA ASN A 148 6.47 -7.18 3.77
C ASN A 148 6.98 -6.85 5.17
N LEU A 149 6.38 -5.84 5.79
CA LEU A 149 6.87 -5.32 7.06
C LEU A 149 6.47 -6.24 8.22
N SER A 150 5.51 -7.13 7.95
CA SER A 150 5.11 -8.13 8.93
C SER A 150 6.21 -9.17 9.14
N ASP A 151 7.19 -9.17 8.25
CA ASP A 151 8.32 -10.10 8.34
C ASP A 151 9.45 -9.50 9.17
N LEU A 152 9.26 -8.25 9.60
CA LEU A 152 10.25 -7.59 10.45
C LEU A 152 10.00 -7.89 11.92
N GLU A 153 11.06 -7.91 12.71
CA GLU A 153 10.96 -8.19 14.14
C GLU A 153 11.54 -7.05 14.96
N GLU A 154 11.49 -5.85 14.42
CA GLU A 154 12.02 -4.66 15.10
C GLU A 154 11.26 -3.41 14.71
N GLU A 155 11.03 -2.53 15.68
CA GLU A 155 10.35 -1.27 15.43
C GLU A 155 11.24 -0.30 14.69
N VAL A 156 10.86 0.01 13.44
CA VAL A 156 11.71 0.80 12.56
C VAL A 156 10.90 1.81 11.77
N VAL A 157 11.58 2.68 11.04
CA VAL A 157 10.93 3.67 10.19
C VAL A 157 11.03 3.28 8.72
N VAL A 158 9.91 3.37 8.01
CA VAL A 158 9.85 2.90 6.64
C VAL A 158 9.64 4.05 5.66
N ILE A 159 10.48 4.10 4.63
CA ILE A 159 10.45 5.20 3.68
C ILE A 159 10.25 4.70 2.25
N ALA A 160 9.38 5.36 1.51
CA ALA A 160 9.12 4.99 0.11
C ALA A 160 8.43 6.12 -0.64
N ARG A 161 8.69 6.20 -1.94
CA ARG A 161 8.20 7.30 -2.75
C ARG A 161 6.72 7.53 -2.54
N ASP A 162 5.94 6.45 -2.63
CA ASP A 162 4.52 6.51 -2.34
C ASP A 162 4.00 5.14 -1.89
N LEU A 163 2.93 5.16 -1.10
CA LEU A 163 2.35 3.92 -0.58
C LEU A 163 0.84 3.92 -0.73
N THR A 164 0.28 2.76 -1.07
CA THR A 164 -1.16 2.60 -1.16
C THR A 164 -1.67 1.60 -0.13
N PRO A 165 -2.98 1.62 0.10
CA PRO A 165 -3.62 0.68 1.02
C PRO A 165 -3.25 -0.76 0.68
N SER A 166 -3.11 -1.04 -0.61
CA SER A 166 -2.78 -2.38 -1.08
C SER A 166 -1.35 -2.75 -0.71
N ASP A 167 -0.55 -1.75 -0.37
CA ASP A 167 0.80 -1.98 0.11
C ASP A 167 0.81 -2.16 1.63
N THR A 168 -0.14 -1.51 2.31
CA THR A 168 -0.21 -1.56 3.76
C THR A 168 -0.85 -2.87 4.23
N ALA A 169 -1.43 -3.60 3.29
CA ALA A 169 -2.16 -4.82 3.62
C ALA A 169 -1.27 -5.82 4.34
N THR A 170 -0.01 -5.87 3.95
CA THR A 170 0.92 -6.85 4.50
C THR A 170 1.91 -6.20 5.46
N MET A 171 1.53 -5.04 5.99
CA MET A 171 2.39 -4.32 6.92
C MET A 171 1.94 -4.55 8.37
N LYS A 172 2.89 -4.48 9.29
CA LYS A 172 2.60 -4.74 10.70
C LYS A 172 2.88 -3.50 11.55
N LYS A 173 1.82 -2.86 12.02
CA LYS A 173 1.94 -1.56 12.65
C LYS A 173 2.79 -1.63 13.91
N GLU A 174 2.83 -2.80 14.52
CA GLU A 174 3.60 -3.00 15.75
C GLU A 174 5.09 -2.87 15.47
N MET A 175 5.49 -3.05 14.22
CA MET A 175 6.89 -3.00 13.84
C MET A 175 7.21 -1.70 13.09
N VAL A 176 6.22 -0.83 13.01
CA VAL A 176 6.38 0.43 12.29
C VAL A 176 6.19 1.63 13.21
N LEU A 177 7.22 2.45 13.34
CA LEU A 177 7.18 3.64 14.18
C LEU A 177 6.67 4.85 13.40
N GLY A 178 6.71 4.75 12.08
CA GLY A 178 6.36 5.87 11.22
C GLY A 178 6.92 5.68 9.81
N PHE A 179 6.55 6.59 8.91
CA PHE A 179 7.00 6.52 7.53
C PHE A 179 7.05 7.89 6.89
N ALA A 180 7.70 7.99 5.74
CA ALA A 180 7.77 9.24 4.99
C ALA A 180 7.85 8.98 3.49
N THR A 181 7.35 9.93 2.71
CA THR A 181 7.23 9.74 1.27
C THR A 181 7.89 10.87 0.50
N ASP A 182 8.17 10.63 -0.78
CA ASP A 182 8.73 11.65 -1.65
C ASP A 182 7.67 12.66 -2.07
N VAL A 183 6.48 12.16 -2.39
CA VAL A 183 5.44 12.98 -2.99
C VAL A 183 4.21 13.03 -2.09
N GLY A 184 3.29 13.95 -2.39
CA GLY A 184 2.01 14.03 -1.69
C GLY A 184 0.86 13.67 -2.62
N GLY A 185 1.18 13.07 -3.76
CA GLY A 185 0.17 12.71 -4.74
C GLY A 185 -0.74 11.61 -4.23
N ARG A 186 -0.31 10.94 -3.17
CA ARG A 186 -1.13 9.94 -2.51
C ARG A 186 -1.29 10.24 -1.03
N THR A 187 -1.41 11.53 -0.71
CA THR A 187 -1.52 11.96 0.68
C THR A 187 -2.67 11.25 1.39
N SER A 188 -3.78 11.10 0.69
CA SER A 188 -4.97 10.48 1.27
C SER A 188 -4.72 9.03 1.66
N HIS A 189 -3.87 8.36 0.90
CA HIS A 189 -3.49 6.98 1.18
C HIS A 189 -2.54 6.90 2.36
N THR A 190 -1.67 7.90 2.48
CA THR A 190 -0.76 7.99 3.62
C THR A 190 -1.51 8.37 4.89
N ALA A 191 -2.64 9.06 4.73
CA ALA A 191 -3.53 9.33 5.83
C ALA A 191 -4.24 8.06 6.30
N ILE A 192 -4.65 7.23 5.35
CA ILE A 192 -5.22 5.93 5.66
C ILE A 192 -4.22 5.05 6.39
N MET A 193 -2.98 5.01 5.90
CA MET A 193 -1.92 4.24 6.53
C MET A 193 -1.66 4.73 7.95
N ALA A 194 -1.42 6.03 8.09
CA ALA A 194 -1.12 6.62 9.38
C ALA A 194 -2.25 6.38 10.38
N ARG A 195 -3.48 6.44 9.88
CA ARG A 195 -4.66 6.20 10.73
C ARG A 195 -4.68 4.76 11.21
N SER A 196 -4.65 3.82 10.29
CA SER A 196 -4.76 2.40 10.63
C SER A 196 -3.59 1.94 11.48
N LEU A 197 -2.39 2.39 11.14
CA LEU A 197 -1.19 1.98 11.83
C LEU A 197 -0.97 2.80 13.10
N GLU A 198 -1.65 3.94 13.17
CA GLU A 198 -1.54 4.83 14.32
C GLU A 198 -0.13 5.36 14.48
N ILE A 199 0.41 5.93 13.41
CA ILE A 199 1.81 6.35 13.38
C ILE A 199 1.95 7.73 12.73
N PRO A 200 3.04 8.42 13.06
CA PRO A 200 3.35 9.70 12.44
C PRO A 200 3.76 9.52 10.98
N ALA A 201 3.62 10.59 10.20
CA ALA A 201 3.92 10.54 8.78
C ALA A 201 4.31 11.92 8.25
N VAL A 202 5.35 11.95 7.43
CA VAL A 202 5.74 13.18 6.74
C VAL A 202 5.88 12.93 5.23
N VAL A 203 5.13 13.70 4.45
CA VAL A 203 5.04 13.46 3.01
C VAL A 203 5.51 14.68 2.22
N GLY A 204 5.92 14.44 0.97
CA GLY A 204 6.34 15.53 0.10
C GLY A 204 7.76 15.98 0.43
N LEU A 205 8.64 15.02 0.69
CA LEU A 205 10.03 15.32 1.02
C LEU A 205 10.88 15.39 -0.24
N GLY A 206 10.26 15.11 -1.39
CA GLY A 206 10.91 15.31 -2.67
C GLY A 206 11.69 14.08 -3.10
N ASN A 207 12.74 13.75 -2.34
CA ASN A 207 13.61 12.65 -2.68
C ASN A 207 14.26 12.05 -1.43
N VAL A 208 13.46 11.89 -0.39
CA VAL A 208 13.95 11.31 0.86
C VAL A 208 14.43 9.87 0.65
N THR A 209 13.91 9.23 -0.38
CA THR A 209 14.32 7.87 -0.73
C THR A 209 15.75 7.83 -1.22
N SER A 210 16.24 8.98 -1.69
CA SER A 210 17.63 9.10 -2.14
C SER A 210 18.51 9.67 -1.04
N GLN A 211 17.91 10.43 -0.14
CA GLN A 211 18.65 11.08 0.94
C GLN A 211 18.84 10.14 2.12
N VAL A 212 17.97 9.16 2.23
CA VAL A 212 18.07 8.15 3.28
C VAL A 212 18.33 6.77 2.71
N LYS A 213 19.35 6.10 3.22
CA LYS A 213 19.70 4.76 2.76
C LYS A 213 19.37 3.71 3.82
N ALA A 214 19.07 2.50 3.38
CA ALA A 214 18.72 1.41 4.29
C ALA A 214 19.85 1.14 5.28
N GLY A 215 19.50 1.10 6.56
CA GLY A 215 20.48 0.87 7.62
C GLY A 215 20.77 2.15 8.39
N ASP A 216 20.44 3.29 7.78
CA ASP A 216 20.62 4.58 8.43
C ASP A 216 19.65 4.76 9.60
N LEU A 217 19.98 5.67 10.50
CA LEU A 217 19.06 6.07 11.56
C LEU A 217 18.15 7.20 11.12
N VAL A 218 16.86 7.06 11.38
CA VAL A 218 15.88 8.03 10.93
C VAL A 218 15.01 8.53 12.09
N ILE A 219 14.85 9.84 12.19
CA ILE A 219 13.90 10.43 13.12
C ILE A 219 12.82 11.22 12.40
N VAL A 220 11.58 10.78 12.53
CA VAL A 220 10.45 11.46 11.91
C VAL A 220 9.64 12.24 12.94
N ASP A 221 9.63 13.57 12.80
CA ASP A 221 8.80 14.41 13.64
C ASP A 221 7.59 14.93 12.86
N GLY A 222 6.45 14.27 13.04
CA GLY A 222 5.26 14.56 12.25
C GLY A 222 4.70 15.94 12.58
N LEU A 223 4.72 16.30 13.86
CA LEU A 223 4.13 17.54 14.32
C LEU A 223 4.82 18.75 13.69
N GLU A 224 6.15 18.74 13.70
CA GLU A 224 6.93 19.75 13.01
C GLU A 224 6.90 19.54 11.50
N GLY A 225 6.89 18.27 11.08
CA GLY A 225 6.84 17.94 9.67
C GLY A 225 8.25 17.85 9.08
N ILE A 226 9.17 17.31 9.86
CA ILE A 226 10.56 17.21 9.42
C ILE A 226 11.11 15.81 9.69
N VAL A 227 12.11 15.40 8.91
CA VAL A 227 12.77 14.12 9.11
C VAL A 227 14.29 14.31 9.21
N ILE A 228 14.89 13.66 10.21
CA ILE A 228 16.33 13.73 10.40
C ILE A 228 17.00 12.40 10.08
N VAL A 229 18.06 12.45 9.27
CA VAL A 229 18.80 11.25 8.91
C VAL A 229 20.22 11.30 9.45
N ASN A 230 20.68 10.18 9.98
CA ASN A 230 22.01 10.09 10.57
C ASN A 230 22.18 11.10 11.70
N PRO A 231 21.23 11.08 12.65
CA PRO A 231 21.32 11.93 13.83
C PRO A 231 22.39 11.43 14.78
N ASP A 232 22.90 12.34 15.61
CA ASP A 232 23.86 11.97 16.66
C ASP A 232 23.15 11.65 17.96
N GLU A 233 23.92 11.35 18.99
CA GLU A 233 23.36 10.91 20.27
C GLU A 233 22.41 11.96 20.84
N LYS A 234 22.87 13.21 20.90
CA LYS A 234 22.07 14.30 21.43
C LYS A 234 20.76 14.44 20.67
N THR A 235 20.85 14.46 19.34
CA THR A 235 19.67 14.63 18.50
C THR A 235 18.61 13.60 18.82
N VAL A 236 19.03 12.34 18.94
CA VAL A 236 18.11 11.25 19.26
C VAL A 236 17.42 11.50 20.61
N GLU A 237 18.21 11.91 21.60
CA GLU A 237 17.67 12.14 22.93
C GLU A 237 16.76 13.37 22.96
N ASP A 238 17.09 14.36 22.14
CA ASP A 238 16.27 15.57 22.04
C ASP A 238 14.87 15.24 21.54
N TYR A 239 14.80 14.49 20.45
CA TYR A 239 13.52 14.09 19.87
C TYR A 239 12.82 13.05 20.73
N LYS A 240 13.61 12.27 21.47
CA LYS A 240 13.07 11.35 22.45
C LYS A 240 12.26 12.08 23.52
N SER A 241 12.80 13.19 23.99
CA SER A 241 12.12 14.02 24.99
C SER A 241 10.93 14.76 24.36
N LYS A 242 11.04 15.06 23.08
CA LYS A 242 9.94 15.65 22.34
C LYS A 242 8.78 14.67 22.18
N LYS A 243 9.12 13.40 21.99
CA LYS A 243 8.12 12.35 21.93
C LYS A 243 7.21 12.37 23.15
N GLU A 244 7.81 12.38 24.33
CA GLU A 244 7.06 12.47 25.59
C GLU A 244 6.33 13.80 25.69
N SER A 245 6.98 14.88 25.25
CA SER A 245 6.38 16.20 25.29
C SER A 245 5.12 16.26 24.45
N TYR A 246 5.13 15.59 23.31
CA TYR A 246 3.97 15.55 22.43
C TYR A 246 2.86 14.71 23.03
N GLU A 247 3.23 13.60 23.68
CA GLU A 247 2.26 12.66 24.22
C GLU A 247 1.70 13.17 25.54
N LYS A 248 2.52 13.88 26.31
CA LYS A 248 2.13 14.32 27.64
C LYS A 248 1.52 15.73 27.60
N MET A 1 18.48 18.66 6.26
CA MET A 1 17.33 17.94 6.80
C MET A 1 16.13 18.01 5.85
N LEU A 2 15.22 17.06 5.99
CA LEU A 2 14.01 17.02 5.17
C LEU A 2 12.82 17.59 5.92
N LYS A 3 11.90 18.21 5.19
CA LYS A 3 10.71 18.79 5.79
C LYS A 3 9.46 18.44 4.98
N GLY A 4 8.40 18.03 5.67
CA GLY A 4 7.16 17.64 5.01
C GLY A 4 5.95 18.06 5.83
N VAL A 5 4.87 17.28 5.72
CA VAL A 5 3.63 17.59 6.42
C VAL A 5 3.53 16.81 7.72
N ALA A 6 3.37 17.53 8.82
CA ALA A 6 3.25 16.92 10.13
C ALA A 6 1.93 16.16 10.27
N ALA A 7 1.94 14.90 9.86
CA ALA A 7 0.76 14.04 9.99
C ALA A 7 0.49 13.71 11.45
N SER A 8 1.55 13.47 12.21
CA SER A 8 1.43 13.21 13.65
C SER A 8 2.65 13.73 14.40
N PRO A 9 2.42 14.28 15.58
CA PRO A 9 3.48 14.90 16.36
C PRO A 9 4.31 13.84 17.09
N GLY A 10 5.47 14.24 17.58
CA GLY A 10 6.34 13.36 18.35
C GLY A 10 7.73 13.29 17.76
N ILE A 11 8.59 12.48 18.37
CA ILE A 11 9.90 12.18 17.80
C ILE A 11 10.17 10.68 17.79
N ALA A 12 10.62 10.17 16.65
CA ALA A 12 10.99 8.77 16.54
C ALA A 12 12.46 8.62 16.15
N ILE A 13 13.18 7.82 16.93
CA ILE A 13 14.60 7.58 16.68
C ILE A 13 14.91 6.09 16.63
N GLY A 14 15.46 5.64 15.52
CA GLY A 14 15.81 4.22 15.34
C GLY A 14 16.22 3.93 13.91
N LYS A 15 15.93 2.72 13.45
CA LYS A 15 16.38 2.26 12.14
C LYS A 15 15.42 2.71 11.05
N ALA A 16 15.96 2.93 9.85
CA ALA A 16 15.14 3.25 8.69
C ALA A 16 15.05 2.07 7.74
N PHE A 17 13.82 1.70 7.37
CA PHE A 17 13.59 0.67 6.37
C PHE A 17 12.77 1.21 5.20
N LEU A 18 13.13 0.79 3.99
CA LEU A 18 12.51 1.32 2.79
C LEU A 18 11.56 0.29 2.16
N TYR A 19 10.31 0.68 2.00
CA TYR A 19 9.32 -0.17 1.36
C TYR A 19 9.15 0.18 -0.12
N THR A 20 9.94 -0.47 -0.96
CA THR A 20 9.86 -0.27 -2.40
C THR A 20 9.43 -1.55 -3.11
N LYS A 21 8.42 -1.44 -3.96
CA LYS A 21 7.92 -2.57 -4.73
C LYS A 21 8.44 -2.54 -6.16
N GLU A 22 8.57 -3.72 -6.77
CA GLU A 22 9.14 -3.83 -8.11
C GLU A 22 8.32 -3.04 -9.12
N LYS A 23 8.99 -2.18 -9.87
CA LYS A 23 8.33 -1.38 -10.90
C LYS A 23 8.08 -2.21 -12.15
N VAL A 24 6.81 -2.34 -12.53
CA VAL A 24 6.44 -3.14 -13.69
C VAL A 24 5.47 -2.38 -14.58
N THR A 25 5.35 -2.84 -15.83
CA THR A 25 4.43 -2.21 -16.78
C THR A 25 3.54 -3.25 -17.45
N ILE A 26 2.56 -2.77 -18.20
CA ILE A 26 1.63 -3.67 -18.90
C ILE A 26 1.72 -3.47 -20.42
N ASN A 27 1.93 -4.57 -21.13
CA ASN A 27 2.05 -4.51 -22.58
C ASN A 27 0.68 -4.45 -23.25
N VAL A 28 0.40 -3.33 -23.91
CA VAL A 28 -0.89 -3.12 -24.57
C VAL A 28 -0.84 -3.55 -26.03
N GLU A 29 0.32 -4.06 -26.45
CA GLU A 29 0.49 -4.56 -27.81
C GLU A 29 -0.47 -5.71 -28.10
N LYS A 30 -1.10 -5.67 -29.27
CA LYS A 30 -2.01 -6.73 -29.70
C LYS A 30 -1.31 -8.08 -29.73
N ILE A 31 -1.91 -9.08 -29.11
CA ILE A 31 -1.32 -10.41 -29.02
C ILE A 31 -1.86 -11.33 -30.10
N GLU A 32 -1.27 -12.53 -30.20
CA GLU A 32 -1.74 -13.52 -31.15
C GLU A 32 -3.08 -14.11 -30.72
N GLU A 33 -3.93 -14.40 -31.71
CA GLU A 33 -5.26 -14.94 -31.43
C GLU A 33 -5.19 -16.17 -30.54
N SER A 34 -4.18 -16.99 -30.76
CA SER A 34 -4.03 -18.24 -30.02
C SER A 34 -3.68 -17.98 -28.56
N LYS A 35 -3.27 -16.75 -28.27
CA LYS A 35 -2.84 -16.39 -26.92
C LYS A 35 -3.98 -15.78 -26.13
N VAL A 36 -5.16 -15.72 -26.72
CA VAL A 36 -6.36 -15.28 -26.02
C VAL A 36 -6.65 -16.16 -24.82
N GLU A 37 -6.66 -17.47 -25.04
CA GLU A 37 -6.89 -18.42 -23.96
C GLU A 37 -5.73 -18.42 -22.97
N GLU A 38 -4.53 -18.16 -23.47
CA GLU A 38 -3.35 -18.07 -22.62
C GLU A 38 -3.50 -16.97 -21.57
N GLU A 39 -3.91 -15.80 -22.02
CA GLU A 39 -4.05 -14.65 -21.13
C GLU A 39 -5.21 -14.85 -20.16
N ILE A 40 -6.26 -15.52 -20.62
CA ILE A 40 -7.38 -15.89 -19.77
C ILE A 40 -6.93 -16.81 -18.65
N ALA A 41 -6.12 -17.81 -18.98
CA ALA A 41 -5.54 -18.70 -17.99
C ALA A 41 -4.68 -17.94 -17.00
N LYS A 42 -3.90 -16.99 -17.50
CA LYS A 42 -3.07 -16.14 -16.65
C LYS A 42 -3.92 -15.38 -15.64
N PHE A 43 -5.03 -14.82 -16.11
CA PHE A 43 -5.95 -14.08 -15.24
C PHE A 43 -6.51 -14.99 -14.16
N ARG A 44 -7.01 -16.15 -14.56
CA ARG A 44 -7.63 -17.09 -13.63
C ARG A 44 -6.65 -17.52 -12.56
N LYS A 45 -5.42 -17.83 -12.97
CA LYS A 45 -4.38 -18.25 -12.03
C LYS A 45 -4.01 -17.12 -11.08
N ALA A 46 -3.81 -15.93 -11.62
CA ALA A 46 -3.47 -14.77 -10.82
C ALA A 46 -4.60 -14.40 -9.88
N LEU A 47 -5.83 -14.59 -10.34
CA LEU A 47 -7.01 -14.29 -9.53
C LEU A 47 -7.10 -15.21 -8.32
N GLU A 48 -6.91 -16.50 -8.55
CA GLU A 48 -6.91 -17.49 -7.48
C GLU A 48 -5.85 -17.17 -6.44
N VAL A 49 -4.66 -16.80 -6.91
CA VAL A 49 -3.61 -16.34 -6.01
C VAL A 49 -4.02 -15.08 -5.26
N THR A 50 -4.62 -14.13 -5.99
CA THR A 50 -5.08 -12.89 -5.40
C THR A 50 -6.06 -13.14 -4.26
N GLN A 51 -6.97 -14.07 -4.48
CA GLN A 51 -7.94 -14.44 -3.45
C GLN A 51 -7.24 -14.94 -2.19
N GLU A 52 -6.23 -15.78 -2.38
CA GLU A 52 -5.44 -16.29 -1.26
C GLU A 52 -4.64 -15.17 -0.59
N GLU A 53 -4.14 -14.25 -1.39
CA GLU A 53 -3.36 -13.12 -0.88
C GLU A 53 -4.23 -12.20 -0.03
N ILE A 54 -5.46 -11.98 -0.50
CA ILE A 54 -6.40 -11.14 0.24
C ILE A 54 -6.73 -11.75 1.59
N GLU A 55 -6.89 -13.06 1.64
CA GLU A 55 -7.19 -13.77 2.87
C GLU A 55 -6.05 -13.63 3.87
N LYS A 56 -4.82 -13.69 3.38
CA LYS A 56 -3.64 -13.47 4.21
C LYS A 56 -3.56 -12.03 4.69
N ILE A 57 -3.94 -11.10 3.81
CA ILE A 57 -4.04 -9.69 4.18
C ILE A 57 -5.08 -9.48 5.26
N LYS A 58 -6.21 -10.16 5.12
CA LYS A 58 -7.28 -10.10 6.12
C LYS A 58 -6.76 -10.48 7.50
N GLU A 59 -6.00 -11.57 7.56
CA GLU A 59 -5.43 -12.04 8.81
C GLU A 59 -4.53 -10.97 9.43
N LYS A 60 -3.57 -10.48 8.65
CA LYS A 60 -2.61 -9.51 9.13
C LYS A 60 -3.28 -8.18 9.48
N ALA A 61 -4.28 -7.81 8.68
CA ALA A 61 -5.07 -6.61 8.96
C ALA A 61 -5.82 -6.74 10.27
N LEU A 62 -6.44 -7.90 10.48
CA LEU A 62 -7.14 -8.17 11.73
C LEU A 62 -6.23 -7.98 12.93
N LYS A 63 -5.02 -8.50 12.83
CA LYS A 63 -4.07 -8.47 13.94
C LYS A 63 -3.62 -7.05 14.25
N GLU A 64 -3.31 -6.29 13.20
CA GLU A 64 -2.71 -4.98 13.36
C GLU A 64 -3.76 -3.88 13.50
N PHE A 65 -4.75 -3.91 12.61
CA PHE A 65 -5.80 -2.90 12.61
C PHE A 65 -6.99 -3.35 13.46
N GLY A 66 -7.43 -4.58 13.24
CA GLY A 66 -8.64 -5.08 13.88
C GLY A 66 -9.56 -5.77 12.88
N LYS A 67 -10.48 -6.58 13.39
CA LYS A 67 -11.37 -7.36 12.54
C LYS A 67 -12.10 -6.47 11.55
N GLU A 68 -12.48 -5.28 11.99
CA GLU A 68 -13.16 -4.32 11.12
C GLU A 68 -12.41 -4.14 9.82
N LYS A 69 -11.09 -4.06 9.89
CA LYS A 69 -10.25 -3.86 8.72
C LYS A 69 -10.25 -5.12 7.84
N ALA A 70 -10.24 -6.28 8.48
CA ALA A 70 -10.31 -7.54 7.77
C ALA A 70 -11.64 -7.69 7.05
N GLU A 71 -12.70 -7.17 7.65
CA GLU A 71 -14.03 -7.20 7.04
C GLU A 71 -14.08 -6.34 5.79
N ILE A 72 -13.32 -5.25 5.79
CA ILE A 72 -13.14 -4.44 4.60
C ILE A 72 -12.47 -5.24 3.49
N PHE A 73 -11.46 -6.01 3.84
CA PHE A 73 -10.73 -6.82 2.88
C PHE A 73 -11.52 -8.07 2.51
N GLU A 74 -12.47 -8.45 3.37
CA GLU A 74 -13.46 -9.46 3.03
C GLU A 74 -14.27 -9.05 1.81
N ALA A 75 -14.62 -7.77 1.75
CA ALA A 75 -15.27 -7.22 0.57
C ALA A 75 -14.38 -7.34 -0.66
N HIS A 76 -13.09 -7.06 -0.48
CA HIS A 76 -12.12 -7.25 -1.54
C HIS A 76 -12.09 -8.69 -2.03
N LEU A 77 -12.18 -9.63 -1.08
CA LEU A 77 -12.17 -11.05 -1.40
C LEU A 77 -13.40 -11.44 -2.21
N MET A 78 -14.56 -10.94 -1.80
CA MET A 78 -15.81 -11.22 -2.50
C MET A 78 -15.78 -10.64 -3.90
N LEU A 79 -15.18 -9.46 -4.04
CA LEU A 79 -14.98 -8.85 -5.35
C LEU A 79 -14.05 -9.69 -6.23
N ALA A 80 -13.04 -10.28 -5.60
CA ALA A 80 -12.12 -11.18 -6.30
C ALA A 80 -12.83 -12.46 -6.73
N SER A 81 -13.89 -12.81 -6.01
CA SER A 81 -14.69 -13.98 -6.34
C SER A 81 -15.87 -13.62 -7.22
N ASP A 82 -15.98 -12.34 -7.55
CA ASP A 82 -17.13 -11.83 -8.30
C ASP A 82 -17.17 -12.42 -9.70
N PRO A 83 -18.23 -13.18 -9.99
CA PRO A 83 -18.40 -13.78 -11.31
C PRO A 83 -18.31 -12.72 -12.41
N GLU A 84 -18.75 -11.52 -12.10
CA GLU A 84 -18.75 -10.43 -13.08
C GLU A 84 -17.34 -10.00 -13.43
N LEU A 85 -16.45 -10.03 -12.44
CA LEU A 85 -15.02 -9.84 -12.68
C LEU A 85 -14.42 -11.01 -13.45
N ILE A 86 -14.76 -12.22 -13.02
CA ILE A 86 -14.21 -13.42 -13.63
C ILE A 86 -14.53 -13.48 -15.12
N GLU A 87 -15.82 -13.41 -15.45
CA GLU A 87 -16.26 -13.54 -16.83
C GLU A 87 -16.05 -12.24 -17.59
N GLY A 88 -16.08 -11.12 -16.87
CA GLY A 88 -15.90 -9.82 -17.49
C GLY A 88 -14.54 -9.70 -18.14
N VAL A 89 -13.49 -10.05 -17.40
CA VAL A 89 -12.12 -9.98 -17.90
C VAL A 89 -11.88 -11.01 -18.99
N GLU A 90 -12.40 -12.22 -18.78
CA GLU A 90 -12.32 -13.27 -19.77
C GLU A 90 -12.89 -12.82 -21.11
N ASN A 91 -14.09 -12.24 -21.07
CA ASN A 91 -14.75 -11.77 -22.27
C ASN A 91 -14.03 -10.58 -22.88
N MET A 92 -13.42 -9.77 -22.02
CA MET A 92 -12.62 -8.63 -22.47
C MET A 92 -11.38 -9.10 -23.24
N ILE A 93 -10.74 -10.14 -22.73
CA ILE A 93 -9.58 -10.72 -23.41
C ILE A 93 -9.99 -11.36 -24.74
N LYS A 94 -11.15 -12.00 -24.75
CA LYS A 94 -11.69 -12.57 -25.98
C LYS A 94 -12.03 -11.49 -27.00
N THR A 95 -12.59 -10.38 -26.51
CA THR A 95 -12.99 -9.28 -27.38
C THR A 95 -11.78 -8.54 -27.91
N GLU A 96 -10.93 -8.07 -27.01
CA GLU A 96 -9.73 -7.33 -27.39
C GLU A 96 -8.47 -8.11 -27.03
N LEU A 97 -7.62 -8.34 -28.04
CA LEU A 97 -6.45 -9.19 -27.86
C LEU A 97 -5.35 -8.45 -27.13
N VAL A 98 -5.51 -8.29 -25.82
CA VAL A 98 -4.54 -7.57 -25.00
C VAL A 98 -4.08 -8.41 -23.83
N THR A 99 -3.02 -7.95 -23.17
CA THR A 99 -2.53 -8.61 -21.96
C THR A 99 -3.60 -8.66 -20.88
N ALA A 100 -3.70 -9.80 -20.20
CA ALA A 100 -4.73 -10.00 -19.20
C ALA A 100 -4.81 -8.82 -18.23
N ASP A 101 -3.66 -8.36 -17.78
CA ASP A 101 -3.59 -7.24 -16.84
C ASP A 101 -4.30 -6.02 -17.40
N ASN A 102 -4.11 -5.76 -18.69
CA ASN A 102 -4.78 -4.65 -19.36
C ASN A 102 -6.29 -4.84 -19.36
N ALA A 103 -6.73 -6.06 -19.63
CA ALA A 103 -8.15 -6.39 -19.63
C ALA A 103 -8.77 -6.17 -18.26
N VAL A 104 -8.06 -6.58 -17.22
CA VAL A 104 -8.52 -6.40 -15.85
C VAL A 104 -8.76 -4.94 -15.54
N ASN A 105 -7.79 -4.09 -15.90
CA ASN A 105 -7.90 -2.66 -15.67
C ASN A 105 -9.12 -2.08 -16.39
N LYS A 106 -9.31 -2.48 -17.64
CA LYS A 106 -10.38 -1.95 -18.47
C LYS A 106 -11.74 -2.30 -17.90
N VAL A 107 -11.93 -3.57 -17.56
CA VAL A 107 -13.21 -4.05 -17.06
C VAL A 107 -13.59 -3.36 -15.76
N ILE A 108 -12.64 -3.28 -14.83
CA ILE A 108 -12.89 -2.65 -13.55
C ILE A 108 -13.15 -1.16 -13.70
N GLU A 109 -12.38 -0.50 -14.55
CA GLU A 109 -12.57 0.92 -14.81
C GLU A 109 -13.97 1.21 -15.34
N GLN A 110 -14.43 0.37 -16.27
CA GLN A 110 -15.77 0.51 -16.83
C GLN A 110 -16.84 0.30 -15.77
N ASN A 111 -16.69 -0.76 -15.00
CA ASN A 111 -17.66 -1.07 -13.94
C ASN A 111 -17.71 0.05 -12.90
N ALA A 112 -16.55 0.63 -12.60
CA ALA A 112 -16.48 1.73 -11.65
C ALA A 112 -17.26 2.94 -12.16
N SER A 113 -17.10 3.25 -13.44
CA SER A 113 -17.75 4.41 -14.03
C SER A 113 -19.26 4.24 -14.05
N VAL A 114 -19.71 2.99 -14.16
CA VAL A 114 -21.13 2.68 -14.07
C VAL A 114 -21.65 2.91 -12.66
N MET A 115 -20.96 2.35 -11.67
CA MET A 115 -21.34 2.52 -10.28
C MET A 115 -21.40 4.00 -9.90
N GLU A 116 -20.47 4.78 -10.43
CA GLU A 116 -20.45 6.21 -10.20
C GLU A 116 -21.64 6.89 -10.87
N SER A 117 -21.94 6.47 -12.09
CA SER A 117 -23.03 7.06 -12.87
C SER A 117 -24.39 6.73 -12.26
N LEU A 118 -24.43 5.65 -11.47
CA LEU A 118 -25.64 5.28 -10.75
C LEU A 118 -25.83 6.15 -9.52
N ASN A 119 -24.81 6.91 -9.16
CA ASN A 119 -24.85 7.77 -7.98
C ASN A 119 -25.09 6.94 -6.72
N ASP A 120 -24.53 5.74 -6.69
CA ASP A 120 -24.67 4.86 -5.54
C ASP A 120 -23.40 4.84 -4.69
N GLU A 121 -23.44 5.51 -3.55
CA GLU A 121 -22.25 5.76 -2.76
C GLU A 121 -21.65 4.46 -2.24
N TYR A 122 -22.51 3.49 -1.95
CA TYR A 122 -22.07 2.17 -1.54
C TYR A 122 -21.24 1.50 -2.64
N LEU A 123 -21.77 1.51 -3.86
CA LEU A 123 -21.08 0.89 -5.00
C LEU A 123 -19.83 1.66 -5.37
N LYS A 124 -19.85 2.96 -5.14
CA LYS A 124 -18.66 3.79 -5.35
C LYS A 124 -17.50 3.33 -4.49
N GLU A 125 -17.79 3.02 -3.23
CA GLU A 125 -16.79 2.46 -2.32
C GLU A 125 -16.31 1.09 -2.81
N ARG A 126 -17.24 0.28 -3.27
CA ARG A 126 -16.91 -1.06 -3.78
C ARG A 126 -16.11 -0.97 -5.06
N ALA A 127 -16.38 0.06 -5.86
CA ALA A 127 -15.61 0.31 -7.08
C ALA A 127 -14.14 0.56 -6.76
N VAL A 128 -13.89 1.36 -5.73
CA VAL A 128 -12.52 1.59 -5.26
C VAL A 128 -11.89 0.31 -4.73
N ASP A 129 -12.68 -0.46 -3.98
CA ASP A 129 -12.23 -1.76 -3.48
C ASP A 129 -11.88 -2.69 -4.63
N LEU A 130 -12.67 -2.64 -5.70
CA LEU A 130 -12.43 -3.47 -6.87
C LEU A 130 -11.14 -3.07 -7.58
N ARG A 131 -10.88 -1.77 -7.64
CA ARG A 131 -9.63 -1.25 -8.18
C ARG A 131 -8.44 -1.85 -7.45
N ASP A 132 -8.54 -1.93 -6.13
CA ASP A 132 -7.50 -2.55 -5.32
C ASP A 132 -7.28 -4.00 -5.73
N VAL A 133 -8.38 -4.73 -5.89
CA VAL A 133 -8.31 -6.13 -6.30
C VAL A 133 -7.60 -6.28 -7.64
N GLY A 134 -7.97 -5.45 -8.60
CA GLY A 134 -7.37 -5.48 -9.92
C GLY A 134 -5.86 -5.23 -9.84
N ASN A 135 -5.47 -4.24 -9.03
CA ASN A 135 -4.06 -3.89 -8.88
C ASN A 135 -3.27 -5.07 -8.33
N ARG A 136 -3.86 -5.79 -7.38
CA ARG A 136 -3.20 -6.93 -6.77
C ARG A 136 -3.08 -8.10 -7.74
N ILE A 137 -4.11 -8.29 -8.56
CA ILE A 137 -4.06 -9.26 -9.64
C ILE A 137 -2.90 -8.98 -10.59
N ILE A 138 -2.73 -7.71 -10.95
CA ILE A 138 -1.63 -7.29 -11.81
C ILE A 138 -0.28 -7.61 -11.16
N GLU A 139 -0.16 -7.28 -9.88
CA GLU A 139 1.08 -7.53 -9.14
C GLU A 139 1.40 -9.02 -9.10
N ASN A 140 0.37 -9.84 -8.86
CA ASN A 140 0.55 -11.26 -8.66
C ASN A 140 0.98 -11.96 -9.95
N LEU A 141 0.38 -11.54 -11.06
CA LEU A 141 0.68 -12.13 -12.36
C LEU A 141 2.08 -11.74 -12.82
N LEU A 142 2.42 -10.47 -12.67
CA LEU A 142 3.71 -9.96 -13.12
C LEU A 142 4.82 -10.33 -12.15
N GLY A 143 4.44 -10.66 -10.92
CA GLY A 143 5.39 -11.13 -9.92
C GLY A 143 6.11 -9.97 -9.26
N VAL A 144 5.37 -8.92 -8.92
CA VAL A 144 5.94 -7.73 -8.29
C VAL A 144 6.49 -8.06 -6.91
N LYS A 145 7.79 -7.84 -6.73
CA LYS A 145 8.43 -8.07 -5.44
C LYS A 145 8.11 -6.94 -4.47
N SER A 146 8.16 -7.24 -3.18
CA SER A 146 7.86 -6.27 -2.13
C SER A 146 8.70 -6.52 -0.89
N VAL A 147 8.71 -5.54 0.01
CA VAL A 147 9.49 -5.65 1.24
C VAL A 147 8.65 -6.18 2.38
N ASN A 148 9.15 -7.23 3.04
CA ASN A 148 8.37 -7.95 4.06
C ASN A 148 8.43 -7.23 5.40
N LEU A 149 7.75 -6.10 5.48
CA LEU A 149 7.66 -5.36 6.74
C LEU A 149 6.60 -5.96 7.66
N SER A 150 5.96 -7.02 7.20
CA SER A 150 5.07 -7.81 8.05
C SER A 150 5.86 -8.78 8.92
N ASP A 151 7.16 -8.91 8.63
CA ASP A 151 8.01 -9.83 9.37
C ASP A 151 8.96 -9.08 10.29
N LEU A 152 8.58 -7.86 10.67
CA LEU A 152 9.38 -7.05 11.59
C LEU A 152 9.35 -7.64 12.99
N GLU A 153 10.54 -7.76 13.59
CA GLU A 153 10.66 -8.31 14.93
C GLU A 153 11.02 -7.24 15.95
N GLU A 154 11.21 -6.01 15.47
CA GLU A 154 11.56 -4.90 16.32
C GLU A 154 11.01 -3.59 15.79
N GLU A 155 10.89 -2.60 16.66
CA GLU A 155 10.31 -1.31 16.29
C GLU A 155 11.27 -0.48 15.44
N VAL A 156 10.86 -0.16 14.23
CA VAL A 156 11.71 0.60 13.31
C VAL A 156 10.90 1.68 12.60
N VAL A 157 11.61 2.66 12.05
CA VAL A 157 10.97 3.72 11.27
C VAL A 157 10.70 3.27 9.84
N VAL A 158 9.47 3.46 9.39
CA VAL A 158 9.05 2.95 8.09
C VAL A 158 8.97 4.08 7.05
N ILE A 159 9.80 3.99 6.03
CA ILE A 159 9.70 4.88 4.88
C ILE A 159 9.27 4.13 3.63
N ALA A 160 8.10 4.47 3.12
CA ALA A 160 7.47 3.69 2.05
C ALA A 160 7.39 4.50 0.76
N ARG A 161 7.52 3.80 -0.37
CA ARG A 161 7.29 4.41 -1.68
C ARG A 161 5.82 4.75 -1.86
N ASP A 162 4.95 3.94 -1.28
CA ASP A 162 3.52 4.25 -1.23
C ASP A 162 2.85 3.56 -0.04
N LEU A 163 1.75 4.14 0.43
CA LEU A 163 1.07 3.63 1.62
C LEU A 163 -0.40 3.37 1.34
N THR A 164 -0.69 2.30 0.62
CA THR A 164 -2.07 1.87 0.39
C THR A 164 -2.56 0.98 1.52
N PRO A 165 -3.88 0.88 1.65
CA PRO A 165 -4.48 0.02 2.66
C PRO A 165 -3.92 -1.40 2.58
N SER A 166 -3.74 -1.89 1.37
CA SER A 166 -3.24 -3.25 1.15
C SER A 166 -1.81 -3.40 1.64
N ASP A 167 -1.00 -2.38 1.39
CA ASP A 167 0.38 -2.37 1.85
C ASP A 167 0.46 -2.36 3.37
N THR A 168 -0.23 -1.41 3.99
CA THR A 168 -0.08 -1.15 5.41
C THR A 168 -0.82 -2.19 6.23
N ALA A 169 -1.78 -2.86 5.61
CA ALA A 169 -2.50 -3.96 6.25
C ALA A 169 -1.54 -5.06 6.70
N THR A 170 -0.45 -5.23 5.95
CA THR A 170 0.52 -6.28 6.24
C THR A 170 1.61 -5.78 7.17
N MET A 171 1.91 -4.49 7.09
CA MET A 171 2.96 -3.89 7.89
C MET A 171 2.70 -4.06 9.38
N LYS A 172 3.72 -4.48 10.10
CA LYS A 172 3.62 -4.61 11.56
C LYS A 172 3.50 -3.25 12.23
N LYS A 173 2.27 -2.78 12.37
CA LYS A 173 2.02 -1.47 12.98
C LYS A 173 2.74 -1.34 14.31
N GLU A 174 2.68 -2.39 15.12
CA GLU A 174 3.25 -2.36 16.46
C GLU A 174 4.77 -2.26 16.41
N MET A 175 5.33 -2.51 15.23
CA MET A 175 6.77 -2.42 15.04
C MET A 175 7.15 -1.19 14.24
N VAL A 176 6.33 -0.15 14.32
CA VAL A 176 6.61 1.10 13.63
C VAL A 176 6.90 2.22 14.63
N LEU A 177 8.05 2.85 14.47
CA LEU A 177 8.41 4.01 15.29
C LEU A 177 7.83 5.29 14.71
N GLY A 178 7.61 5.29 13.40
CA GLY A 178 7.07 6.46 12.70
C GLY A 178 6.92 6.20 11.21
N PHE A 179 6.07 6.98 10.55
CA PHE A 179 5.84 6.83 9.12
C PHE A 179 6.45 7.99 8.35
N ALA A 180 6.88 7.72 7.12
CA ALA A 180 7.32 8.77 6.21
C ALA A 180 7.20 8.32 4.76
N THR A 181 6.97 9.26 3.87
CA THR A 181 6.91 8.98 2.43
C THR A 181 7.06 10.26 1.62
N ASP A 182 6.99 10.11 0.29
CA ASP A 182 7.04 11.26 -0.60
C ASP A 182 5.69 11.49 -1.29
N VAL A 183 4.92 10.42 -1.44
CA VAL A 183 3.69 10.47 -2.23
C VAL A 183 2.56 11.14 -1.46
N GLY A 184 1.96 12.16 -2.06
CA GLY A 184 0.82 12.84 -1.47
C GLY A 184 -0.47 12.07 -1.70
N GLY A 185 -1.51 12.44 -0.98
CA GLY A 185 -2.78 11.72 -1.03
C GLY A 185 -2.82 10.60 0.00
N ARG A 186 -1.69 10.36 0.64
CA ARG A 186 -1.61 9.34 1.68
C ARG A 186 -1.52 9.95 3.07
N THR A 187 -1.73 11.27 3.14
CA THR A 187 -1.52 12.01 4.37
C THR A 187 -2.49 11.58 5.46
N SER A 188 -3.75 11.43 5.08
CA SER A 188 -4.80 11.10 6.05
C SER A 188 -4.68 9.67 6.54
N HIS A 189 -4.39 8.76 5.61
CA HIS A 189 -4.13 7.37 5.97
C HIS A 189 -2.93 7.25 6.89
N THR A 190 -1.84 7.91 6.52
CA THR A 190 -0.64 7.93 7.35
C THR A 190 -0.94 8.48 8.74
N ALA A 191 -1.71 9.57 8.79
CA ALA A 191 -2.04 10.21 10.05
C ALA A 191 -2.83 9.27 10.95
N ILE A 192 -3.81 8.58 10.37
CA ILE A 192 -4.62 7.63 11.12
C ILE A 192 -3.76 6.54 11.75
N MET A 193 -2.87 5.96 10.95
CA MET A 193 -1.99 4.91 11.42
C MET A 193 -1.08 5.41 12.55
N ALA A 194 -0.40 6.53 12.29
CA ALA A 194 0.58 7.06 13.24
C ALA A 194 -0.08 7.43 14.56
N ARG A 195 -1.21 8.14 14.48
CA ARG A 195 -1.87 8.65 15.67
C ARG A 195 -2.46 7.51 16.50
N SER A 196 -2.87 6.44 15.83
CA SER A 196 -3.40 5.27 16.51
C SER A 196 -2.30 4.53 17.28
N LEU A 197 -1.05 4.82 16.92
CA LEU A 197 0.08 4.16 17.56
C LEU A 197 0.82 5.12 18.49
N GLU A 198 0.32 6.35 18.57
CA GLU A 198 1.00 7.39 19.34
C GLU A 198 2.42 7.60 18.85
N ILE A 199 2.58 7.67 17.53
CA ILE A 199 3.89 7.91 16.93
C ILE A 199 3.83 9.05 15.92
N PRO A 200 4.98 9.66 15.65
CA PRO A 200 5.06 10.76 14.69
C PRO A 200 4.99 10.26 13.26
N ALA A 201 4.68 11.15 12.34
CA ALA A 201 4.72 10.84 10.91
C ALA A 201 4.82 12.09 10.06
N VAL A 202 5.68 12.05 9.04
CA VAL A 202 5.86 13.18 8.14
C VAL A 202 5.88 12.73 6.69
N VAL A 203 5.02 13.34 5.87
CA VAL A 203 4.87 12.94 4.48
C VAL A 203 5.22 14.09 3.54
N GLY A 204 5.66 13.74 2.34
CA GLY A 204 6.02 14.74 1.34
C GLY A 204 7.42 15.28 1.58
N LEU A 205 8.37 14.38 1.82
CA LEU A 205 9.72 14.77 2.17
C LEU A 205 10.58 14.97 0.92
N GLY A 206 9.92 15.00 -0.24
CA GLY A 206 10.61 15.19 -1.50
C GLY A 206 10.98 13.86 -2.14
N ASN A 207 12.17 13.37 -1.81
CA ASN A 207 12.65 12.09 -2.33
C ASN A 207 13.32 11.26 -1.24
N VAL A 208 12.68 11.21 -0.07
CA VAL A 208 13.25 10.49 1.07
C VAL A 208 13.38 9.00 0.78
N THR A 209 12.54 8.51 -0.14
CA THR A 209 12.52 7.09 -0.47
C THR A 209 13.75 6.70 -1.28
N SER A 210 14.54 7.69 -1.65
CA SER A 210 15.80 7.46 -2.36
C SER A 210 16.99 7.83 -1.48
N GLN A 211 16.71 8.20 -0.24
CA GLN A 211 17.74 8.74 0.65
C GLN A 211 17.93 7.84 1.87
N VAL A 212 17.09 6.82 1.99
CA VAL A 212 17.15 5.91 3.12
C VAL A 212 17.41 4.47 2.67
N LYS A 213 18.16 3.73 3.47
CA LYS A 213 18.33 2.30 3.24
C LYS A 213 18.08 1.51 4.51
N ALA A 214 17.77 0.22 4.36
CA ALA A 214 17.42 -0.63 5.49
C ALA A 214 18.52 -0.63 6.54
N GLY A 215 18.18 -0.16 7.73
CA GLY A 215 19.08 -0.24 8.87
C GLY A 215 19.75 1.10 9.15
N ASP A 216 19.39 2.11 8.38
CA ASP A 216 19.98 3.43 8.51
C ASP A 216 19.43 4.15 9.74
N LEU A 217 20.25 5.03 10.32
CA LEU A 217 19.83 5.82 11.47
C LEU A 217 19.03 7.04 11.04
N VAL A 218 17.82 7.17 11.56
CA VAL A 218 16.92 8.24 11.14
C VAL A 218 16.20 8.84 12.35
N ILE A 219 16.00 10.16 12.32
CA ILE A 219 15.15 10.83 13.30
C ILE A 219 13.93 11.46 12.64
N VAL A 220 12.75 11.11 13.15
CA VAL A 220 11.51 11.67 12.64
C VAL A 220 10.84 12.57 13.68
N ASP A 221 11.02 13.87 13.54
CA ASP A 221 10.36 14.83 14.42
C ASP A 221 9.03 15.27 13.84
N GLY A 222 7.96 14.57 14.22
CA GLY A 222 6.66 14.77 13.60
C GLY A 222 6.07 16.12 13.97
N LEU A 223 6.33 16.56 15.20
CA LEU A 223 5.79 17.82 15.70
C LEU A 223 6.29 19.00 14.89
N GLU A 224 7.60 19.03 14.64
CA GLU A 224 8.20 20.04 13.77
C GLU A 224 7.88 19.74 12.31
N GLY A 225 7.86 18.46 11.95
CA GLY A 225 7.54 18.04 10.58
C GLY A 225 8.80 17.87 9.76
N ILE A 226 9.87 17.41 10.40
CA ILE A 226 11.16 17.26 9.74
C ILE A 226 11.75 15.88 10.01
N VAL A 227 12.60 15.41 9.10
CA VAL A 227 13.24 14.11 9.24
C VAL A 227 14.74 14.20 8.96
N ILE A 228 15.54 13.54 9.79
CA ILE A 228 16.98 13.64 9.70
C ILE A 228 17.61 12.27 9.44
N VAL A 229 18.29 12.15 8.31
CA VAL A 229 18.96 10.90 7.95
C VAL A 229 20.46 10.98 8.23
N ASN A 230 20.98 9.98 8.91
CA ASN A 230 22.39 9.96 9.30
C ASN A 230 22.73 11.15 10.19
N PRO A 231 22.03 11.24 11.32
CA PRO A 231 22.28 12.31 12.29
C PRO A 231 23.57 12.04 13.07
N ASP A 232 24.18 13.11 13.58
CA ASP A 232 25.32 12.98 14.47
C ASP A 232 24.90 12.46 15.84
N GLU A 233 25.87 11.91 16.57
CA GLU A 233 25.60 11.39 17.91
C GLU A 233 24.93 12.44 18.79
N LYS A 234 25.51 13.64 18.82
CA LYS A 234 24.93 14.75 19.56
C LYS A 234 23.50 15.04 19.09
N THR A 235 23.33 15.12 17.78
CA THR A 235 22.01 15.39 17.20
C THR A 235 20.96 14.43 17.75
N VAL A 236 21.30 13.15 17.78
CA VAL A 236 20.39 12.13 18.31
C VAL A 236 19.99 12.44 19.75
N GLU A 237 20.99 12.72 20.58
CA GLU A 237 20.75 12.97 22.00
C GLU A 237 19.98 14.25 22.22
N ASP A 238 20.21 15.23 21.35
CA ASP A 238 19.48 16.49 21.40
C ASP A 238 17.98 16.27 21.19
N TYR A 239 17.64 15.47 20.19
CA TYR A 239 16.25 15.22 19.84
C TYR A 239 15.56 14.35 20.90
N LYS A 240 16.36 13.55 21.60
CA LYS A 240 15.87 12.82 22.76
C LYS A 240 15.38 13.76 23.85
N SER A 241 16.16 14.79 24.12
CA SER A 241 15.79 15.78 25.13
C SER A 241 14.65 16.66 24.64
N LYS A 242 14.57 16.85 23.33
CA LYS A 242 13.45 17.57 22.72
C LYS A 242 12.14 16.79 22.88
N LYS A 243 12.22 15.48 22.67
CA LYS A 243 11.07 14.61 22.86
C LYS A 243 10.52 14.72 24.28
N GLU A 244 11.43 14.76 25.26
CA GLU A 244 11.04 15.01 26.64
C GLU A 244 10.28 16.31 26.78
N SER A 245 10.81 17.37 26.18
CA SER A 245 10.21 18.70 26.26
C SER A 245 8.90 18.76 25.49
N TYR A 246 8.76 17.87 24.50
CA TYR A 246 7.51 17.73 23.78
C TYR A 246 6.43 17.09 24.65
N GLU A 247 6.83 16.12 25.46
CA GLU A 247 5.89 15.42 26.34
C GLU A 247 5.56 16.24 27.57
N LYS A 248 6.55 16.99 28.06
CA LYS A 248 6.39 17.77 29.28
C LYS A 248 5.98 19.20 28.96
N MET A 1 19.01 18.79 7.53
CA MET A 1 17.91 17.90 7.93
C MET A 1 16.75 17.99 6.94
N LEU A 2 15.78 17.09 7.08
CA LEU A 2 14.62 17.07 6.20
C LEU A 2 13.43 17.75 6.85
N LYS A 3 13.09 18.93 6.34
CA LYS A 3 11.99 19.71 6.89
C LYS A 3 10.75 19.62 5.99
N GLY A 4 9.59 19.43 6.60
CA GLY A 4 8.35 19.29 5.86
C GLY A 4 7.14 19.63 6.74
N VAL A 5 6.08 18.84 6.60
CA VAL A 5 4.83 19.11 7.30
C VAL A 5 4.64 18.15 8.47
N ALA A 6 4.49 18.71 9.66
CA ALA A 6 4.27 17.91 10.87
C ALA A 6 2.91 17.23 10.83
N ALA A 7 2.87 16.04 10.23
CA ALA A 7 1.63 15.27 10.14
C ALA A 7 1.16 14.83 11.52
N SER A 8 2.11 14.48 12.38
CA SER A 8 1.80 14.15 13.77
C SER A 8 2.95 14.51 14.69
N PRO A 9 2.61 15.12 15.84
CA PRO A 9 3.61 15.64 16.75
C PRO A 9 4.28 14.51 17.54
N GLY A 10 5.43 14.80 18.11
CA GLY A 10 6.17 13.82 18.90
C GLY A 10 7.56 13.58 18.33
N ILE A 11 8.29 12.64 18.93
CA ILE A 11 9.59 12.24 18.42
C ILE A 11 9.71 10.72 18.35
N ALA A 12 10.05 10.23 17.16
CA ALA A 12 10.24 8.79 16.96
C ALA A 12 11.68 8.46 16.57
N ILE A 13 12.30 7.56 17.32
CA ILE A 13 13.68 7.17 17.06
C ILE A 13 13.79 5.66 16.85
N GLY A 14 14.23 5.27 15.67
CA GLY A 14 14.32 3.85 15.31
C GLY A 14 15.06 3.66 14.00
N LYS A 15 14.82 2.52 13.35
CA LYS A 15 15.54 2.17 12.14
C LYS A 15 14.86 2.74 10.90
N ALA A 16 15.54 2.69 9.77
CA ALA A 16 14.96 3.11 8.49
C ALA A 16 14.50 1.90 7.69
N PHE A 17 13.41 2.07 6.96
CA PHE A 17 13.02 1.14 5.91
C PHE A 17 12.45 1.88 4.70
N LEU A 18 13.19 1.86 3.60
CA LEU A 18 12.71 2.46 2.35
C LEU A 18 11.90 1.46 1.54
N TYR A 19 10.62 1.74 1.36
CA TYR A 19 9.72 0.84 0.65
C TYR A 19 9.33 1.41 -0.70
N THR A 20 10.04 0.98 -1.75
CA THR A 20 9.77 1.46 -3.11
C THR A 20 8.68 0.64 -3.77
N LYS A 21 8.13 1.17 -4.86
CA LYS A 21 7.06 0.49 -5.59
C LYS A 21 7.51 0.11 -6.99
N GLU A 22 7.74 -1.18 -7.20
CA GLU A 22 8.10 -1.68 -8.52
C GLU A 22 7.04 -1.33 -9.56
N LYS A 23 7.47 -0.74 -10.67
CA LYS A 23 6.56 -0.30 -11.71
C LYS A 23 5.78 -1.48 -12.29
N VAL A 24 4.45 -1.35 -12.30
CA VAL A 24 3.59 -2.40 -12.84
C VAL A 24 3.40 -2.24 -14.34
N THR A 25 3.95 -3.17 -15.11
CA THR A 25 3.86 -3.11 -16.57
C THR A 25 2.59 -3.80 -17.06
N ILE A 26 1.80 -3.06 -17.83
CA ILE A 26 0.59 -3.62 -18.45
C ILE A 26 0.73 -3.66 -19.97
N ASN A 27 0.66 -4.86 -20.52
CA ASN A 27 0.81 -5.05 -21.97
C ASN A 27 -0.51 -4.76 -22.69
N VAL A 28 -0.59 -3.60 -23.32
CA VAL A 28 -1.84 -3.15 -23.94
C VAL A 28 -1.95 -3.65 -25.37
N GLU A 29 -0.88 -4.31 -25.85
CA GLU A 29 -0.86 -4.84 -27.20
C GLU A 29 -1.80 -6.02 -27.34
N LYS A 30 -2.52 -6.07 -28.47
CA LYS A 30 -3.49 -7.13 -28.71
C LYS A 30 -2.82 -8.45 -29.05
N ILE A 31 -3.54 -9.55 -28.87
CA ILE A 31 -2.97 -10.88 -29.04
C ILE A 31 -3.69 -11.65 -30.14
N GLU A 32 -3.17 -12.82 -30.48
CA GLU A 32 -3.80 -13.68 -31.45
C GLU A 32 -5.00 -14.41 -30.85
N GLU A 33 -5.91 -14.86 -31.70
CA GLU A 33 -7.10 -15.57 -31.24
C GLU A 33 -6.74 -16.84 -30.50
N SER A 34 -5.64 -17.47 -30.91
CA SER A 34 -5.19 -18.72 -30.31
C SER A 34 -4.63 -18.49 -28.92
N LYS A 35 -4.34 -17.23 -28.60
CA LYS A 35 -3.72 -16.88 -27.33
C LYS A 35 -4.76 -16.44 -26.31
N VAL A 36 -6.03 -16.45 -26.72
CA VAL A 36 -7.12 -16.07 -25.83
C VAL A 36 -7.19 -16.97 -24.62
N GLU A 37 -7.20 -18.28 -24.87
CA GLU A 37 -7.25 -19.26 -23.78
C GLU A 37 -5.98 -19.22 -22.94
N GLU A 38 -4.87 -18.88 -23.57
CA GLU A 38 -3.60 -18.75 -22.86
C GLU A 38 -3.69 -17.70 -21.77
N GLU A 39 -4.17 -16.51 -22.14
CA GLU A 39 -4.24 -15.38 -21.20
C GLU A 39 -5.32 -15.61 -20.15
N ILE A 40 -6.40 -16.27 -20.56
CA ILE A 40 -7.45 -16.66 -19.63
C ILE A 40 -6.92 -17.62 -18.56
N ALA A 41 -6.13 -18.59 -19.00
CA ALA A 41 -5.47 -19.52 -18.09
C ALA A 41 -4.59 -18.77 -17.09
N LYS A 42 -3.82 -17.81 -17.59
CA LYS A 42 -3.00 -16.97 -16.74
C LYS A 42 -3.84 -16.21 -15.72
N PHE A 43 -4.96 -15.65 -16.17
CA PHE A 43 -5.85 -14.89 -15.31
C PHE A 43 -6.39 -15.77 -14.18
N ARG A 44 -6.86 -16.95 -14.53
CA ARG A 44 -7.44 -17.87 -13.56
C ARG A 44 -6.41 -18.32 -12.54
N LYS A 45 -5.17 -18.51 -13.01
CA LYS A 45 -4.06 -18.80 -12.12
C LYS A 45 -3.76 -17.64 -11.18
N ALA A 46 -3.84 -16.43 -11.71
CA ALA A 46 -3.63 -15.22 -10.92
C ALA A 46 -4.72 -15.06 -9.86
N LEU A 47 -5.92 -15.49 -10.20
CA LEU A 47 -7.04 -15.46 -9.24
C LEU A 47 -6.75 -16.34 -8.04
N GLU A 48 -6.20 -17.53 -8.29
CA GLU A 48 -5.82 -18.44 -7.22
C GLU A 48 -4.77 -17.82 -6.30
N VAL A 49 -3.79 -17.16 -6.91
CA VAL A 49 -2.74 -16.48 -6.15
C VAL A 49 -3.29 -15.25 -5.43
N THR A 50 -4.15 -14.51 -6.12
CA THR A 50 -4.71 -13.28 -5.57
C THR A 50 -5.63 -13.57 -4.38
N GLN A 51 -6.46 -14.59 -4.52
CA GLN A 51 -7.35 -14.99 -3.45
C GLN A 51 -6.58 -15.48 -2.23
N GLU A 52 -5.54 -16.28 -2.48
CA GLU A 52 -4.62 -16.69 -1.43
C GLU A 52 -3.96 -15.48 -0.78
N GLU A 53 -3.44 -14.58 -1.59
CA GLU A 53 -2.81 -13.36 -1.09
C GLU A 53 -3.72 -12.63 -0.13
N ILE A 54 -4.90 -12.25 -0.61
CA ILE A 54 -5.81 -11.41 0.16
C ILE A 54 -6.28 -12.13 1.42
N GLU A 55 -6.58 -13.41 1.29
CA GLU A 55 -7.01 -14.22 2.42
C GLU A 55 -5.97 -14.21 3.54
N LYS A 56 -4.71 -14.39 3.16
CA LYS A 56 -3.61 -14.38 4.13
C LYS A 56 -3.42 -13.00 4.74
N ILE A 57 -3.65 -11.97 3.94
CA ILE A 57 -3.53 -10.60 4.40
C ILE A 57 -4.59 -10.28 5.46
N LYS A 58 -5.84 -10.62 5.16
CA LYS A 58 -6.96 -10.29 6.03
C LYS A 58 -6.88 -11.07 7.34
N GLU A 59 -6.26 -12.25 7.28
CA GLU A 59 -5.94 -12.99 8.49
C GLU A 59 -5.00 -12.21 9.39
N LYS A 60 -3.89 -11.73 8.82
CA LYS A 60 -2.92 -10.95 9.57
C LYS A 60 -3.50 -9.61 10.00
N ALA A 61 -4.31 -9.02 9.14
CA ALA A 61 -4.97 -7.76 9.45
C ALA A 61 -5.88 -7.89 10.65
N LEU A 62 -6.59 -9.01 10.74
CA LEU A 62 -7.40 -9.33 11.91
C LEU A 62 -6.54 -9.42 13.16
N LYS A 63 -5.42 -10.13 13.06
CA LYS A 63 -4.54 -10.34 14.20
C LYS A 63 -3.90 -9.04 14.67
N GLU A 64 -3.62 -8.16 13.72
CA GLU A 64 -2.91 -6.91 14.01
C GLU A 64 -3.88 -5.81 14.43
N PHE A 65 -4.97 -5.67 13.69
CA PHE A 65 -5.88 -4.56 13.88
C PHE A 65 -7.25 -5.04 14.32
N GLY A 66 -7.68 -6.19 13.80
CA GLY A 66 -8.99 -6.72 14.10
C GLY A 66 -9.87 -6.75 12.85
N LYS A 67 -11.15 -7.07 13.04
CA LYS A 67 -12.07 -7.22 11.92
C LYS A 67 -12.22 -5.93 11.13
N GLU A 68 -11.99 -4.81 11.81
CA GLU A 68 -12.03 -3.50 11.17
C GLU A 68 -11.31 -3.53 9.83
N LYS A 69 -10.13 -4.14 9.81
CA LYS A 69 -9.30 -4.15 8.61
C LYS A 69 -9.47 -5.44 7.82
N ALA A 70 -9.75 -6.53 8.54
CA ALA A 70 -9.93 -7.83 7.92
C ALA A 70 -11.15 -7.84 7.01
N GLU A 71 -12.22 -7.17 7.45
CA GLU A 71 -13.45 -7.12 6.67
C GLU A 71 -13.26 -6.32 5.39
N ILE A 72 -12.37 -5.33 5.44
CA ILE A 72 -12.00 -4.58 4.25
C ILE A 72 -11.37 -5.46 3.19
N PHE A 73 -10.43 -6.32 3.63
CA PHE A 73 -9.78 -7.25 2.73
C PHE A 73 -10.69 -8.42 2.38
N GLU A 74 -11.60 -8.74 3.28
CA GLU A 74 -12.63 -9.73 3.01
C GLU A 74 -13.47 -9.32 1.80
N ALA A 75 -13.85 -8.05 1.75
CA ALA A 75 -14.53 -7.50 0.58
C ALA A 75 -13.67 -7.64 -0.67
N HIS A 76 -12.39 -7.36 -0.54
CA HIS A 76 -11.44 -7.53 -1.64
C HIS A 76 -11.37 -8.98 -2.08
N LEU A 77 -11.43 -9.89 -1.12
CA LEU A 77 -11.39 -11.32 -1.41
C LEU A 77 -12.62 -11.75 -2.18
N MET A 78 -13.78 -11.27 -1.75
CA MET A 78 -15.04 -11.58 -2.44
C MET A 78 -15.04 -11.05 -3.86
N LEU A 79 -14.45 -9.87 -4.05
CA LEU A 79 -14.29 -9.30 -5.38
C LEU A 79 -13.38 -10.17 -6.24
N ALA A 80 -12.32 -10.70 -5.62
CA ALA A 80 -11.41 -11.60 -6.32
C ALA A 80 -12.10 -12.91 -6.69
N SER A 81 -13.16 -13.23 -5.95
CA SER A 81 -13.93 -14.44 -6.22
C SER A 81 -15.17 -14.14 -7.04
N ASP A 82 -15.40 -12.86 -7.31
CA ASP A 82 -16.63 -12.41 -7.94
C ASP A 82 -16.74 -12.94 -9.36
N PRO A 83 -17.72 -13.81 -9.60
CA PRO A 83 -17.92 -14.40 -10.91
C PRO A 83 -18.08 -13.34 -11.98
N GLU A 84 -18.67 -12.22 -11.60
CA GLU A 84 -18.96 -11.14 -12.55
C GLU A 84 -17.67 -10.49 -13.06
N LEU A 85 -16.74 -10.25 -12.13
CA LEU A 85 -15.45 -9.68 -12.49
C LEU A 85 -14.58 -10.70 -13.21
N ILE A 86 -14.68 -11.96 -12.79
CA ILE A 86 -13.91 -13.03 -13.39
C ILE A 86 -14.29 -13.24 -14.85
N GLU A 87 -15.59 -13.41 -15.10
CA GLU A 87 -16.09 -13.63 -16.44
C GLU A 87 -15.91 -12.39 -17.30
N GLY A 88 -16.04 -11.22 -16.69
CA GLY A 88 -15.86 -9.95 -17.38
C GLY A 88 -14.47 -9.87 -18.02
N VAL A 89 -13.45 -10.22 -17.24
CA VAL A 89 -12.07 -10.19 -17.73
C VAL A 89 -11.85 -11.21 -18.82
N GLU A 90 -12.35 -12.42 -18.61
CA GLU A 90 -12.17 -13.50 -19.58
C GLU A 90 -12.87 -13.17 -20.90
N ASN A 91 -14.04 -12.55 -20.80
CA ASN A 91 -14.76 -12.11 -21.99
C ASN A 91 -14.04 -10.95 -22.67
N MET A 92 -13.40 -10.10 -21.88
CA MET A 92 -12.61 -9.00 -22.40
C MET A 92 -11.41 -9.51 -23.20
N ILE A 93 -10.76 -10.54 -22.68
CA ILE A 93 -9.63 -11.16 -23.36
C ILE A 93 -10.03 -11.69 -24.73
N LYS A 94 -11.14 -12.41 -24.77
CA LYS A 94 -11.60 -13.03 -26.01
C LYS A 94 -12.18 -11.99 -26.96
N THR A 95 -13.02 -11.11 -26.44
CA THR A 95 -13.77 -10.17 -27.27
C THR A 95 -12.83 -9.19 -27.96
N GLU A 96 -11.92 -8.60 -27.19
CA GLU A 96 -11.04 -7.57 -27.71
C GLU A 96 -9.71 -8.15 -28.17
N LEU A 97 -9.50 -9.42 -27.86
CA LEU A 97 -8.23 -10.08 -28.16
C LEU A 97 -7.06 -9.34 -27.51
N VAL A 98 -7.05 -9.32 -26.18
CA VAL A 98 -6.01 -8.60 -25.44
C VAL A 98 -5.38 -9.49 -24.38
N THR A 99 -4.41 -8.94 -23.66
CA THR A 99 -3.72 -9.68 -22.61
C THR A 99 -4.54 -9.72 -21.33
N ALA A 100 -4.18 -10.63 -20.43
CA ALA A 100 -4.81 -10.70 -19.13
C ALA A 100 -4.59 -9.43 -18.32
N ASP A 101 -3.39 -8.87 -18.45
CA ASP A 101 -3.06 -7.61 -17.79
C ASP A 101 -3.99 -6.49 -18.24
N ASN A 102 -4.13 -6.34 -19.55
CA ASN A 102 -4.94 -5.27 -20.11
C ASN A 102 -6.42 -5.50 -19.81
N ALA A 103 -6.85 -6.76 -19.90
CA ALA A 103 -8.25 -7.11 -19.68
C ALA A 103 -8.70 -6.74 -18.27
N VAL A 104 -7.89 -7.11 -17.28
CA VAL A 104 -8.18 -6.79 -15.89
C VAL A 104 -8.22 -5.28 -15.68
N ASN A 105 -7.22 -4.58 -16.23
CA ASN A 105 -7.16 -3.13 -16.14
C ASN A 105 -8.40 -2.49 -16.73
N LYS A 106 -8.82 -2.98 -17.90
CA LYS A 106 -9.94 -2.40 -18.61
C LYS A 106 -11.25 -2.58 -17.86
N VAL A 107 -11.51 -3.82 -17.44
CA VAL A 107 -12.75 -4.15 -16.76
C VAL A 107 -12.88 -3.40 -15.44
N ILE A 108 -11.81 -3.39 -14.66
CA ILE A 108 -11.81 -2.72 -13.36
C ILE A 108 -11.96 -1.22 -13.53
N GLU A 109 -11.24 -0.65 -14.50
CA GLU A 109 -11.28 0.78 -14.75
C GLU A 109 -12.66 1.22 -15.26
N GLN A 110 -13.26 0.38 -16.10
CA GLN A 110 -14.58 0.66 -16.65
C GLN A 110 -15.65 0.67 -15.55
N ASN A 111 -15.59 -0.33 -14.67
CA ASN A 111 -16.52 -0.43 -13.56
C ASN A 111 -16.32 0.70 -12.56
N ALA A 112 -15.06 1.03 -12.31
CA ALA A 112 -14.73 2.16 -11.44
C ALA A 112 -15.21 3.48 -12.03
N SER A 113 -15.03 3.63 -13.34
CA SER A 113 -15.45 4.84 -14.03
C SER A 113 -16.94 5.09 -13.86
N VAL A 114 -17.72 4.03 -13.99
CA VAL A 114 -19.17 4.11 -13.79
C VAL A 114 -19.50 4.57 -12.37
N MET A 115 -18.94 3.87 -11.39
CA MET A 115 -19.19 4.19 -9.99
C MET A 115 -18.86 5.66 -9.69
N GLU A 116 -17.75 6.13 -10.24
CA GLU A 116 -17.32 7.51 -10.03
C GLU A 116 -18.25 8.49 -10.74
N SER A 117 -18.69 8.12 -11.94
CA SER A 117 -19.53 9.00 -12.75
C SER A 117 -20.93 9.13 -12.15
N LEU A 118 -21.29 8.16 -11.31
CA LEU A 118 -22.59 8.19 -10.64
C LEU A 118 -22.59 9.17 -9.47
N ASN A 119 -21.42 9.71 -9.16
CA ASN A 119 -21.29 10.74 -8.13
C ASN A 119 -21.76 10.23 -6.78
N ASP A 120 -21.46 8.96 -6.50
CA ASP A 120 -21.80 8.36 -5.21
C ASP A 120 -20.55 7.99 -4.42
N GLU A 121 -20.33 8.69 -3.33
CA GLU A 121 -19.10 8.53 -2.55
C GLU A 121 -18.95 7.10 -2.04
N TYR A 122 -20.07 6.45 -1.78
CA TYR A 122 -20.07 5.04 -1.41
C TYR A 122 -19.50 4.17 -2.53
N LEU A 123 -20.00 4.36 -3.73
CA LEU A 123 -19.56 3.58 -4.88
C LEU A 123 -18.14 3.92 -5.27
N LYS A 124 -17.74 5.17 -5.00
CA LYS A 124 -16.36 5.59 -5.21
C LYS A 124 -15.40 4.81 -4.33
N GLU A 125 -15.79 4.62 -3.07
CA GLU A 125 -15.03 3.76 -2.15
C GLU A 125 -14.96 2.33 -2.68
N ARG A 126 -16.08 1.84 -3.19
CA ARG A 126 -16.13 0.51 -3.80
C ARG A 126 -15.27 0.45 -5.05
N ALA A 127 -15.21 1.55 -5.79
CA ALA A 127 -14.36 1.65 -6.97
C ALA A 127 -12.90 1.49 -6.60
N VAL A 128 -12.51 2.09 -5.48
CA VAL A 128 -11.15 1.94 -4.97
C VAL A 128 -10.86 0.49 -4.61
N ASP A 129 -11.84 -0.17 -4.00
CA ASP A 129 -11.73 -1.60 -3.69
C ASP A 129 -11.47 -2.41 -4.96
N LEU A 130 -12.20 -2.07 -6.02
CA LEU A 130 -12.00 -2.71 -7.32
C LEU A 130 -10.60 -2.47 -7.86
N ARG A 131 -10.13 -1.23 -7.71
CA ARG A 131 -8.80 -0.86 -8.18
C ARG A 131 -7.72 -1.65 -7.46
N ASP A 132 -7.90 -1.81 -6.15
CA ASP A 132 -6.93 -2.55 -5.33
C ASP A 132 -6.83 -4.00 -5.79
N VAL A 133 -7.97 -4.66 -5.93
CA VAL A 133 -8.01 -6.05 -6.35
C VAL A 133 -7.44 -6.22 -7.75
N GLY A 134 -7.85 -5.36 -8.66
CA GLY A 134 -7.39 -5.41 -10.04
C GLY A 134 -5.88 -5.29 -10.12
N ASN A 135 -5.33 -4.34 -9.37
CA ASN A 135 -3.89 -4.11 -9.35
C ASN A 135 -3.14 -5.34 -8.87
N ARG A 136 -3.66 -5.96 -7.81
CA ARG A 136 -3.03 -7.14 -7.22
C ARG A 136 -3.02 -8.30 -8.21
N ILE A 137 -4.10 -8.44 -8.96
CA ILE A 137 -4.18 -9.47 -9.99
C ILE A 137 -3.14 -9.26 -11.08
N ILE A 138 -3.06 -8.02 -11.58
CA ILE A 138 -2.08 -7.68 -12.61
C ILE A 138 -0.66 -7.88 -12.11
N GLU A 139 -0.41 -7.49 -10.87
CA GLU A 139 0.89 -7.68 -10.25
C GLU A 139 1.24 -9.16 -10.15
N ASN A 140 0.24 -9.98 -9.84
CA ASN A 140 0.43 -11.42 -9.73
C ASN A 140 0.59 -12.06 -11.11
N LEU A 141 -0.02 -11.44 -12.11
CA LEU A 141 0.15 -11.88 -13.49
C LEU A 141 1.57 -11.63 -13.99
N LEU A 142 2.05 -10.41 -13.76
CA LEU A 142 3.38 -10.03 -14.23
C LEU A 142 4.47 -10.66 -13.39
N GLY A 143 4.38 -10.48 -12.06
CA GLY A 143 5.41 -10.96 -11.16
C GLY A 143 6.01 -9.82 -10.35
N VAL A 144 5.17 -8.85 -9.99
CA VAL A 144 5.64 -7.67 -9.28
C VAL A 144 5.89 -7.99 -7.81
N LYS A 145 7.08 -7.64 -7.33
CA LYS A 145 7.47 -7.95 -5.96
C LYS A 145 6.92 -6.91 -4.99
N SER A 146 6.76 -7.30 -3.72
CA SER A 146 6.26 -6.40 -2.70
C SER A 146 6.69 -6.86 -1.31
N VAL A 147 6.46 -6.00 -0.32
CA VAL A 147 6.85 -6.30 1.05
C VAL A 147 5.64 -6.30 1.98
N ASN A 148 5.50 -7.37 2.75
CA ASN A 148 4.40 -7.48 3.71
C ASN A 148 4.78 -6.85 5.04
N LEU A 149 4.21 -5.68 5.32
CA LEU A 149 4.64 -4.86 6.43
C LEU A 149 3.86 -5.19 7.70
N SER A 150 3.10 -6.29 7.65
CA SER A 150 2.45 -6.82 8.84
C SER A 150 3.33 -7.84 9.54
N ASP A 151 4.44 -8.19 8.90
CA ASP A 151 5.37 -9.17 9.44
C ASP A 151 6.64 -8.51 9.96
N LEU A 152 6.52 -7.26 10.37
CA LEU A 152 7.65 -6.51 10.92
C LEU A 152 8.05 -7.05 12.28
N GLU A 153 9.36 -7.18 12.50
CA GLU A 153 9.87 -7.75 13.74
C GLU A 153 10.84 -6.78 14.42
N GLU A 154 10.64 -5.48 14.19
CA GLU A 154 11.50 -4.46 14.76
C GLU A 154 10.92 -3.07 14.55
N GLU A 155 10.99 -2.24 15.59
CA GLU A 155 10.49 -0.87 15.50
C GLU A 155 11.24 -0.06 14.45
N VAL A 156 10.51 0.48 13.50
CA VAL A 156 11.11 1.04 12.30
C VAL A 156 10.26 2.16 11.72
N VAL A 157 10.91 3.18 11.17
CA VAL A 157 10.22 4.23 10.43
C VAL A 157 10.11 3.86 8.95
N VAL A 158 8.88 3.81 8.45
CA VAL A 158 8.63 3.37 7.08
C VAL A 158 8.56 4.55 6.12
N ILE A 159 9.47 4.58 5.16
CA ILE A 159 9.53 5.67 4.20
C ILE A 159 9.16 5.21 2.80
N ALA A 160 8.19 5.88 2.19
CA ALA A 160 7.75 5.54 0.84
C ALA A 160 6.99 6.70 0.21
N ARG A 161 7.10 6.82 -1.12
CA ARG A 161 6.49 7.93 -1.83
C ARG A 161 4.97 7.85 -1.81
N ASP A 162 4.45 6.65 -1.98
CA ASP A 162 3.00 6.44 -2.04
C ASP A 162 2.51 5.65 -0.83
N LEU A 163 1.25 5.89 -0.46
CA LEU A 163 0.63 5.13 0.62
C LEU A 163 -0.89 5.10 0.46
N THR A 164 -1.45 3.90 0.38
CA THR A 164 -2.90 3.74 0.27
C THR A 164 -3.47 3.09 1.53
N PRO A 165 -4.77 3.22 1.71
CA PRO A 165 -5.45 2.66 2.87
C PRO A 165 -5.17 1.16 2.99
N SER A 166 -5.07 0.49 1.85
CA SER A 166 -4.89 -0.96 1.82
C SER A 166 -3.46 -1.34 2.20
N ASP A 167 -2.59 -0.34 2.29
CA ASP A 167 -1.24 -0.54 2.81
C ASP A 167 -1.21 -0.32 4.32
N THR A 168 -1.92 0.71 4.78
CA THR A 168 -1.92 1.06 6.20
C THR A 168 -2.64 0.00 7.02
N ALA A 169 -3.51 -0.76 6.38
CA ALA A 169 -4.23 -1.84 7.04
C ALA A 169 -3.33 -3.05 7.28
N THR A 170 -2.14 -3.01 6.70
CA THR A 170 -1.17 -4.08 6.87
C THR A 170 0.04 -3.61 7.67
N MET A 171 0.34 -2.32 7.58
CA MET A 171 1.47 -1.74 8.29
C MET A 171 1.37 -1.98 9.79
N LYS A 172 2.00 -3.05 10.26
CA LYS A 172 2.00 -3.38 11.68
C LYS A 172 2.19 -2.13 12.53
N LYS A 173 1.11 -1.67 13.15
CA LYS A 173 1.12 -0.41 13.88
C LYS A 173 2.07 -0.46 15.07
N GLU A 174 2.36 -1.68 15.53
CA GLU A 174 3.21 -1.87 16.70
C GLU A 174 4.67 -1.55 16.39
N MET A 175 5.05 -1.73 15.14
CA MET A 175 6.44 -1.57 14.74
C MET A 175 6.67 -0.23 14.05
N VAL A 176 5.71 0.18 13.22
CA VAL A 176 5.81 1.42 12.47
C VAL A 176 5.85 2.62 13.40
N LEU A 177 6.94 3.38 13.35
CA LEU A 177 7.14 4.51 14.25
C LEU A 177 6.73 5.81 13.60
N GLY A 178 6.56 5.79 12.28
CA GLY A 178 6.19 6.98 11.53
C GLY A 178 6.22 6.72 10.02
N PHE A 179 5.87 7.73 9.25
CA PHE A 179 5.81 7.60 7.80
C PHE A 179 5.90 8.96 7.12
N ALA A 180 6.68 9.03 6.05
CA ALA A 180 6.78 10.24 5.24
C ALA A 180 6.25 10.01 3.83
N THR A 181 5.52 10.98 3.30
CA THR A 181 4.88 10.84 2.01
C THR A 181 5.36 11.92 1.03
N ASP A 182 5.61 11.51 -0.21
CA ASP A 182 6.18 12.41 -1.21
C ASP A 182 5.23 12.60 -2.38
N VAL A 183 4.63 11.49 -2.84
CA VAL A 183 3.88 11.49 -4.09
C VAL A 183 2.42 11.13 -3.86
N GLY A 184 1.53 11.84 -4.53
CA GLY A 184 0.11 11.55 -4.47
C GLY A 184 -0.61 12.51 -3.52
N GLY A 185 -1.93 12.36 -3.42
CA GLY A 185 -2.73 13.20 -2.53
C GLY A 185 -3.14 12.43 -1.28
N ARG A 186 -2.15 11.87 -0.59
CA ARG A 186 -2.42 11.04 0.59
C ARG A 186 -1.53 11.44 1.75
N THR A 187 -1.11 12.70 1.76
CA THR A 187 -0.34 13.24 2.87
C THR A 187 -1.22 13.48 4.10
N SER A 188 -2.50 13.78 3.85
CA SER A 188 -3.47 13.89 4.93
C SER A 188 -3.92 12.53 5.42
N HIS A 189 -3.93 11.56 4.51
CA HIS A 189 -4.17 10.17 4.87
C HIS A 189 -3.12 9.66 5.84
N THR A 190 -1.85 9.89 5.51
CA THR A 190 -0.75 9.57 6.40
C THR A 190 -0.92 10.23 7.76
N ALA A 191 -1.33 11.50 7.74
CA ALA A 191 -1.58 12.25 8.96
C ALA A 191 -2.67 11.60 9.80
N ILE A 192 -3.75 11.19 9.14
CA ILE A 192 -4.85 10.50 9.81
C ILE A 192 -4.37 9.21 10.45
N MET A 193 -3.60 8.44 9.70
CA MET A 193 -3.02 7.19 10.22
C MET A 193 -2.17 7.46 11.45
N ALA A 194 -1.22 8.39 11.31
CA ALA A 194 -0.27 8.69 12.38
C ALA A 194 -0.98 9.19 13.63
N ARG A 195 -1.95 10.08 13.43
CA ARG A 195 -2.68 10.68 14.54
C ARG A 195 -3.61 9.66 15.20
N SER A 196 -4.14 8.74 14.40
CA SER A 196 -4.97 7.67 14.92
C SER A 196 -4.15 6.67 15.72
N LEU A 197 -2.92 6.42 15.26
CA LEU A 197 -2.02 5.49 15.94
C LEU A 197 -1.21 6.21 17.01
N GLU A 198 -1.31 7.54 17.04
CA GLU A 198 -0.59 8.33 18.02
C GLU A 198 0.91 8.18 17.86
N ILE A 199 1.39 8.31 16.63
CA ILE A 199 2.82 8.25 16.35
C ILE A 199 3.28 9.48 15.56
N PRO A 200 4.52 9.89 15.78
CA PRO A 200 5.10 11.00 15.04
C PRO A 200 5.12 10.72 13.54
N ALA A 201 4.95 11.76 12.74
CA ALA A 201 5.05 11.64 11.29
C ALA A 201 5.29 13.00 10.65
N VAL A 202 6.17 13.03 9.64
CA VAL A 202 6.39 14.23 8.85
C VAL A 202 6.31 13.93 7.36
N VAL A 203 5.49 14.69 6.65
CA VAL A 203 5.21 14.41 5.25
C VAL A 203 5.56 15.60 4.37
N GLY A 204 5.65 15.37 3.06
CA GLY A 204 5.97 16.43 2.11
C GLY A 204 7.46 16.73 2.10
N LEU A 205 8.26 15.73 2.46
CA LEU A 205 9.71 15.90 2.56
C LEU A 205 10.35 15.86 1.19
N GLY A 206 9.76 15.09 0.27
CA GLY A 206 10.17 15.12 -1.12
C GLY A 206 11.35 14.19 -1.38
N ASN A 207 12.47 14.48 -0.73
CA ASN A 207 13.72 13.79 -1.01
C ASN A 207 13.99 12.71 0.04
N VAL A 208 13.06 12.54 0.97
CA VAL A 208 13.24 11.60 2.07
C VAL A 208 13.40 10.17 1.55
N THR A 209 12.81 9.90 0.39
CA THR A 209 12.87 8.57 -0.20
C THR A 209 14.19 8.35 -0.94
N SER A 210 14.98 9.41 -1.05
CA SER A 210 16.33 9.30 -1.59
C SER A 210 17.37 9.42 -0.50
N GLN A 211 17.04 10.15 0.55
CA GLN A 211 17.99 10.46 1.61
C GLN A 211 17.94 9.42 2.72
N VAL A 212 16.79 8.75 2.85
CA VAL A 212 16.62 7.71 3.85
C VAL A 212 16.48 6.34 3.21
N LYS A 213 17.40 5.44 3.53
CA LYS A 213 17.38 4.10 2.99
C LYS A 213 17.36 3.06 4.11
N ALA A 214 16.89 1.86 3.78
CA ALA A 214 16.75 0.79 4.76
C ALA A 214 18.09 0.50 5.44
N GLY A 215 18.08 0.50 6.77
CA GLY A 215 19.28 0.24 7.55
C GLY A 215 19.79 1.51 8.22
N ASP A 216 19.37 2.66 7.70
CA ASP A 216 19.74 3.94 8.28
C ASP A 216 19.03 4.18 9.60
N LEU A 217 19.52 5.16 10.35
CA LEU A 217 18.83 5.60 11.56
C LEU A 217 17.97 6.84 11.29
N VAL A 218 16.77 6.85 11.85
CA VAL A 218 15.83 7.93 11.61
C VAL A 218 15.32 8.53 12.91
N ILE A 219 15.36 9.87 13.00
CA ILE A 219 14.64 10.59 14.05
C ILE A 219 13.54 11.45 13.47
N VAL A 220 12.30 11.09 13.75
CA VAL A 220 11.15 11.85 13.27
C VAL A 220 10.64 12.82 14.33
N ASP A 221 11.08 14.08 14.24
CA ASP A 221 10.67 15.10 15.20
C ASP A 221 9.45 15.86 14.71
N GLY A 222 8.26 15.35 15.01
CA GLY A 222 7.02 15.93 14.52
C GLY A 222 6.69 17.23 15.24
N LEU A 223 7.28 17.40 16.42
CA LEU A 223 7.12 18.64 17.17
C LEU A 223 7.69 19.83 16.41
N GLU A 224 8.82 19.60 15.73
CA GLU A 224 9.41 20.62 14.87
C GLU A 224 8.95 20.46 13.43
N GLY A 225 8.68 19.23 13.02
CA GLY A 225 8.29 18.93 11.65
C GLY A 225 9.50 18.60 10.80
N ILE A 226 10.49 17.95 11.39
CA ILE A 226 11.73 17.63 10.69
C ILE A 226 12.11 16.17 10.90
N VAL A 227 12.91 15.64 9.98
CA VAL A 227 13.42 14.27 10.10
C VAL A 227 14.94 14.24 9.93
N ILE A 228 15.60 13.50 10.80
CA ILE A 228 17.06 13.40 10.77
C ILE A 228 17.51 11.99 10.45
N VAL A 229 18.37 11.86 9.45
CA VAL A 229 18.84 10.55 9.00
C VAL A 229 20.30 10.34 9.37
N ASN A 230 20.61 9.17 9.92
CA ASN A 230 21.96 8.85 10.36
C ASN A 230 22.53 9.95 11.24
N PRO A 231 21.81 10.25 12.33
CA PRO A 231 22.27 11.25 13.28
C PRO A 231 23.47 10.74 14.08
N ASP A 232 24.25 11.67 14.61
CA ASP A 232 25.35 11.33 15.51
C ASP A 232 24.84 10.82 16.85
N GLU A 233 25.70 10.12 17.57
CA GLU A 233 25.33 9.57 18.87
C GLU A 233 24.75 10.65 19.77
N LYS A 234 25.43 11.77 19.87
CA LYS A 234 24.95 12.91 20.66
C LYS A 234 23.58 13.36 20.17
N THR A 235 23.43 13.50 18.87
CA THR A 235 22.17 13.95 18.28
C THR A 235 21.02 13.06 18.70
N VAL A 236 21.25 11.75 18.69
CA VAL A 236 20.23 10.79 19.13
C VAL A 236 19.85 11.02 20.59
N GLU A 237 20.86 11.21 21.43
CA GLU A 237 20.63 11.40 22.86
C GLU A 237 19.94 12.73 23.14
N ASP A 238 20.26 13.74 22.33
CA ASP A 238 19.62 15.05 22.45
C ASP A 238 18.13 14.96 22.17
N TYR A 239 17.78 14.29 21.07
CA TYR A 239 16.37 14.11 20.71
C TYR A 239 15.71 13.08 21.61
N LYS A 240 16.51 12.17 22.15
CA LYS A 240 16.01 11.19 23.11
C LYS A 240 15.49 11.87 24.37
N SER A 241 16.28 12.80 24.90
CA SER A 241 15.88 13.54 26.09
C SER A 241 14.72 14.48 25.81
N LYS A 242 14.67 14.99 24.58
CA LYS A 242 13.54 15.78 24.13
C LYS A 242 12.29 14.90 23.97
N LYS A 243 12.48 13.69 23.48
CA LYS A 243 11.40 12.72 23.41
C LYS A 243 10.84 12.40 24.80
N GLU A 244 11.74 12.22 25.76
CA GLU A 244 11.35 11.99 27.15
C GLU A 244 10.57 13.17 27.69
N SER A 245 11.02 14.38 27.36
CA SER A 245 10.32 15.59 27.78
C SER A 245 8.92 15.66 27.17
N TYR A 246 8.81 15.25 25.91
CA TYR A 246 7.52 15.16 25.24
C TYR A 246 6.58 14.21 25.97
N GLU A 247 7.08 13.02 26.28
CA GLU A 247 6.28 12.01 26.96
C GLU A 247 5.92 12.45 28.37
N LYS A 248 6.84 13.14 29.03
CA LYS A 248 6.62 13.64 30.38
C LYS A 248 5.40 14.56 30.43
N MET A 1 16.37 20.59 8.32
CA MET A 1 16.02 19.18 8.29
C MET A 1 14.85 18.90 7.36
N LEU A 2 14.44 17.64 7.30
CA LEU A 2 13.35 17.25 6.41
C LEU A 2 11.99 17.57 7.01
N LYS A 3 11.59 18.84 6.89
CA LYS A 3 10.30 19.27 7.41
C LYS A 3 9.15 18.74 6.55
N GLY A 4 8.15 18.16 7.21
CA GLY A 4 6.99 17.63 6.50
C GLY A 4 5.72 17.80 7.32
N VAL A 5 4.77 16.90 7.14
CA VAL A 5 3.50 16.95 7.86
C VAL A 5 3.52 16.02 9.08
N ALA A 6 3.44 16.61 10.26
CA ALA A 6 3.44 15.84 11.50
C ALA A 6 2.16 15.02 11.64
N ALA A 7 2.16 13.82 11.08
CA ALA A 7 1.03 12.92 11.20
C ALA A 7 0.83 12.47 12.65
N SER A 8 1.92 12.36 13.39
CA SER A 8 1.86 12.08 14.81
C SER A 8 3.05 12.67 15.55
N PRO A 9 2.81 13.19 16.75
CA PRO A 9 3.85 13.83 17.53
C PRO A 9 4.74 12.80 18.21
N GLY A 10 5.93 13.23 18.61
CA GLY A 10 6.86 12.36 19.33
C GLY A 10 8.25 12.42 18.72
N ILE A 11 9.16 11.63 19.27
CA ILE A 11 10.50 11.48 18.69
C ILE A 11 10.91 10.01 18.62
N ALA A 12 11.23 9.55 17.42
CA ALA A 12 11.66 8.17 17.22
C ALA A 12 13.10 8.11 16.74
N ILE A 13 13.94 7.40 17.48
CA ILE A 13 15.36 7.28 17.14
C ILE A 13 15.76 5.81 16.99
N GLY A 14 16.09 5.43 15.76
CA GLY A 14 16.40 4.04 15.46
C GLY A 14 16.96 3.89 14.06
N LYS A 15 16.92 2.68 13.52
CA LYS A 15 17.54 2.37 12.24
C LYS A 15 16.63 2.75 11.08
N ALA A 16 17.23 3.10 9.95
CA ALA A 16 16.48 3.37 8.73
C ALA A 16 16.34 2.13 7.87
N PHE A 17 15.11 1.81 7.49
CA PHE A 17 14.87 0.80 6.46
C PHE A 17 13.98 1.35 5.35
N LEU A 18 14.32 1.01 4.11
CA LEU A 18 13.69 1.61 2.95
C LEU A 18 12.71 0.66 2.28
N TYR A 19 11.50 1.16 1.99
CA TYR A 19 10.47 0.36 1.35
C TYR A 19 10.17 0.85 -0.05
N THR A 20 10.44 0.00 -1.04
CA THR A 20 10.12 0.33 -2.43
C THR A 20 9.26 -0.76 -3.06
N LYS A 21 8.74 -0.47 -4.25
CA LYS A 21 7.89 -1.42 -4.96
C LYS A 21 7.99 -1.24 -6.46
N GLU A 22 8.09 -2.35 -7.19
CA GLU A 22 8.25 -2.32 -8.64
C GLU A 22 7.10 -1.58 -9.30
N LYS A 23 7.43 -0.72 -10.26
CA LYS A 23 6.42 0.06 -10.97
C LYS A 23 5.48 -0.85 -11.76
N VAL A 24 4.19 -0.54 -11.71
CA VAL A 24 3.18 -1.35 -12.39
C VAL A 24 2.99 -0.91 -13.83
N THR A 25 3.37 -1.78 -14.76
CA THR A 25 3.20 -1.48 -16.19
C THR A 25 2.31 -2.53 -16.86
N ILE A 26 1.17 -2.07 -17.37
CA ILE A 26 0.20 -2.97 -18.00
C ILE A 26 0.56 -3.22 -19.46
N ASN A 27 0.64 -4.50 -19.82
CA ASN A 27 0.96 -4.88 -21.19
C ASN A 27 -0.27 -4.80 -22.08
N VAL A 28 -0.31 -3.79 -22.96
CA VAL A 28 -1.47 -3.56 -23.80
C VAL A 28 -1.14 -3.85 -25.26
N GLU A 29 -0.13 -4.67 -25.49
CA GLU A 29 0.32 -4.98 -26.84
C GLU A 29 -0.79 -5.61 -27.66
N LYS A 30 -1.28 -6.76 -27.22
CA LYS A 30 -2.29 -7.51 -27.95
C LYS A 30 -1.84 -8.93 -28.24
N ILE A 31 -2.76 -9.88 -28.12
CA ILE A 31 -2.45 -11.28 -28.31
C ILE A 31 -3.30 -11.89 -29.43
N GLU A 32 -2.91 -13.07 -29.89
CA GLU A 32 -3.59 -13.73 -30.99
C GLU A 32 -4.69 -14.64 -30.48
N GLU A 33 -5.57 -15.07 -31.39
CA GLU A 33 -6.68 -15.95 -31.04
C GLU A 33 -6.19 -17.17 -30.28
N SER A 34 -5.06 -17.73 -30.73
CA SER A 34 -4.52 -18.94 -30.14
C SER A 34 -3.97 -18.67 -28.74
N LYS A 35 -3.73 -17.39 -28.44
CA LYS A 35 -3.15 -17.01 -27.17
C LYS A 35 -4.22 -16.56 -26.18
N VAL A 36 -5.47 -16.65 -26.60
CA VAL A 36 -6.59 -16.28 -25.73
C VAL A 36 -6.64 -17.16 -24.49
N GLU A 37 -6.61 -18.47 -24.71
CA GLU A 37 -6.64 -19.42 -23.60
C GLU A 37 -5.41 -19.30 -22.73
N GLU A 38 -4.28 -18.95 -23.35
CA GLU A 38 -3.03 -18.72 -22.62
C GLU A 38 -3.20 -17.62 -21.59
N GLU A 39 -3.73 -16.48 -22.04
CA GLU A 39 -3.88 -15.32 -21.17
C GLU A 39 -4.96 -15.55 -20.12
N ILE A 40 -6.00 -16.29 -20.49
CA ILE A 40 -7.04 -16.69 -19.55
C ILE A 40 -6.47 -17.54 -18.43
N ALA A 41 -5.62 -18.50 -18.79
CA ALA A 41 -4.94 -19.33 -17.80
C ALA A 41 -4.09 -18.47 -16.86
N LYS A 42 -3.40 -17.49 -17.43
CA LYS A 42 -2.61 -16.56 -16.64
C LYS A 42 -3.48 -15.80 -15.64
N PHE A 43 -4.61 -15.31 -16.11
CA PHE A 43 -5.55 -14.58 -15.25
C PHE A 43 -6.03 -15.46 -14.10
N ARG A 44 -6.51 -16.64 -14.44
CA ARG A 44 -7.09 -17.55 -13.44
C ARG A 44 -6.08 -17.88 -12.36
N LYS A 45 -4.82 -18.07 -12.75
CA LYS A 45 -3.74 -18.28 -11.80
C LYS A 45 -3.62 -17.11 -10.83
N ALA A 46 -3.39 -15.92 -11.39
CA ALA A 46 -3.20 -14.73 -10.57
C ALA A 46 -4.47 -14.37 -9.82
N LEU A 47 -5.62 -14.73 -10.38
CA LEU A 47 -6.90 -14.46 -9.76
C LEU A 47 -7.06 -15.25 -8.46
N GLU A 48 -6.80 -16.55 -8.53
CA GLU A 48 -6.84 -17.40 -7.34
C GLU A 48 -5.82 -16.96 -6.31
N VAL A 49 -4.64 -16.56 -6.77
CA VAL A 49 -3.62 -16.01 -5.90
C VAL A 49 -4.09 -14.71 -5.26
N THR A 50 -4.76 -13.88 -6.04
CA THR A 50 -5.31 -12.62 -5.54
C THR A 50 -6.31 -12.86 -4.42
N GLN A 51 -7.17 -13.87 -4.61
CA GLN A 51 -8.12 -14.26 -3.59
C GLN A 51 -7.42 -14.62 -2.28
N GLU A 52 -6.40 -15.47 -2.38
CA GLU A 52 -5.59 -15.82 -1.21
C GLU A 52 -4.94 -14.60 -0.59
N GLU A 53 -4.37 -13.75 -1.42
CA GLU A 53 -3.71 -12.53 -0.95
C GLU A 53 -4.66 -11.68 -0.13
N ILE A 54 -5.83 -11.38 -0.70
CA ILE A 54 -6.81 -10.53 -0.05
C ILE A 54 -7.27 -11.13 1.27
N GLU A 55 -7.49 -12.44 1.27
CA GLU A 55 -7.82 -13.15 2.49
C GLU A 55 -6.79 -12.92 3.58
N LYS A 56 -5.51 -12.96 3.20
CA LYS A 56 -4.43 -12.71 4.13
C LYS A 56 -4.36 -11.25 4.55
N ILE A 57 -4.71 -10.37 3.61
CA ILE A 57 -4.73 -8.94 3.89
C ILE A 57 -5.77 -8.60 4.95
N LYS A 58 -6.98 -9.12 4.77
CA LYS A 58 -8.07 -8.86 5.71
C LYS A 58 -7.85 -9.61 7.03
N GLU A 59 -7.13 -10.72 6.95
CA GLU A 59 -6.70 -11.43 8.16
C GLU A 59 -5.82 -10.55 9.04
N LYS A 60 -4.85 -9.88 8.41
CA LYS A 60 -3.96 -8.99 9.13
C LYS A 60 -4.67 -7.71 9.55
N ALA A 61 -5.52 -7.19 8.66
CA ALA A 61 -6.28 -5.98 8.94
C ALA A 61 -7.12 -6.13 10.20
N LEU A 62 -7.73 -7.30 10.36
CA LEU A 62 -8.52 -7.59 11.55
C LEU A 62 -7.74 -7.32 12.82
N LYS A 63 -6.49 -7.77 12.84
CA LYS A 63 -5.67 -7.68 14.05
C LYS A 63 -4.99 -6.32 14.15
N GLU A 64 -4.65 -5.74 13.00
CA GLU A 64 -3.89 -4.50 12.96
C GLU A 64 -4.78 -3.30 13.26
N PHE A 65 -5.95 -3.28 12.64
CA PHE A 65 -6.85 -2.13 12.75
C PHE A 65 -8.17 -2.53 13.41
N GLY A 66 -8.62 -3.75 13.11
CA GLY A 66 -9.91 -4.22 13.61
C GLY A 66 -10.77 -4.78 12.48
N LYS A 67 -11.88 -5.42 12.84
CA LYS A 67 -12.71 -6.11 11.87
C LYS A 67 -13.29 -5.12 10.86
N GLU A 68 -13.44 -3.87 11.27
CA GLU A 68 -13.93 -2.82 10.38
C GLU A 68 -13.17 -2.83 9.06
N LYS A 69 -11.86 -2.96 9.12
CA LYS A 69 -11.01 -2.94 7.94
C LYS A 69 -11.02 -4.29 7.22
N ALA A 70 -11.12 -5.36 8.01
CA ALA A 70 -11.20 -6.71 7.47
C ALA A 70 -12.45 -6.88 6.61
N GLU A 71 -13.55 -6.26 7.04
CA GLU A 71 -14.80 -6.31 6.30
C GLU A 71 -14.68 -5.59 4.97
N ILE A 72 -13.95 -4.48 4.96
CA ILE A 72 -13.69 -3.74 3.73
C ILE A 72 -12.92 -4.62 2.74
N PHE A 73 -11.91 -5.32 3.22
CA PHE A 73 -11.10 -6.18 2.37
C PHE A 73 -11.82 -7.49 2.07
N GLU A 74 -12.73 -7.87 2.95
CA GLU A 74 -13.63 -8.99 2.69
C GLU A 74 -14.50 -8.71 1.46
N ALA A 75 -14.98 -7.48 1.35
CA ALA A 75 -15.71 -7.05 0.17
C ALA A 75 -14.85 -7.15 -1.09
N HIS A 76 -13.58 -6.82 -0.95
CA HIS A 76 -12.62 -6.98 -2.03
C HIS A 76 -12.46 -8.43 -2.42
N LEU A 77 -12.45 -9.31 -1.42
CA LEU A 77 -12.38 -10.75 -1.66
C LEU A 77 -13.62 -11.24 -2.40
N MET A 78 -14.78 -10.76 -1.98
CA MET A 78 -16.03 -11.04 -2.68
C MET A 78 -15.91 -10.69 -4.16
N LEU A 79 -15.39 -9.50 -4.45
CA LEU A 79 -15.24 -9.03 -5.82
C LEU A 79 -14.25 -9.92 -6.59
N ALA A 80 -13.23 -10.39 -5.89
CA ALA A 80 -12.26 -11.30 -6.49
C ALA A 80 -12.89 -12.65 -6.81
N SER A 81 -13.92 -13.01 -6.05
CA SER A 81 -14.66 -14.25 -6.29
C SER A 81 -15.86 -14.01 -7.20
N ASP A 82 -16.21 -12.73 -7.37
CA ASP A 82 -17.38 -12.38 -8.18
C ASP A 82 -17.16 -12.75 -9.64
N PRO A 83 -18.03 -13.62 -10.16
CA PRO A 83 -17.93 -14.06 -11.54
C PRO A 83 -17.89 -12.88 -12.49
N GLU A 84 -18.57 -11.79 -12.11
CA GLU A 84 -18.59 -10.58 -12.93
C GLU A 84 -17.18 -10.16 -13.32
N LEU A 85 -16.25 -10.30 -12.38
CA LEU A 85 -14.84 -10.00 -12.65
C LEU A 85 -14.14 -11.18 -13.31
N ILE A 86 -14.35 -12.37 -12.76
CA ILE A 86 -13.65 -13.56 -13.22
C ILE A 86 -13.99 -13.87 -14.66
N GLU A 87 -15.29 -14.05 -14.92
CA GLU A 87 -15.76 -14.36 -16.27
C GLU A 87 -15.71 -13.14 -17.18
N GLY A 88 -15.91 -11.97 -16.59
CA GLY A 88 -15.85 -10.71 -17.33
C GLY A 88 -14.50 -10.55 -18.03
N VAL A 89 -13.42 -10.78 -17.28
CA VAL A 89 -12.07 -10.65 -17.83
C VAL A 89 -11.80 -11.75 -18.85
N GLU A 90 -12.21 -12.96 -18.54
CA GLU A 90 -12.08 -14.08 -19.47
C GLU A 90 -12.70 -13.75 -20.82
N ASN A 91 -13.92 -13.21 -20.79
CA ASN A 91 -14.60 -12.82 -22.02
C ASN A 91 -13.91 -11.65 -22.69
N MET A 92 -13.37 -10.74 -21.89
CA MET A 92 -12.64 -9.59 -22.42
C MET A 92 -11.40 -10.02 -23.19
N ILE A 93 -10.68 -11.00 -22.64
CA ILE A 93 -9.49 -11.52 -23.28
C ILE A 93 -9.81 -12.07 -24.67
N LYS A 94 -10.85 -12.89 -24.75
CA LYS A 94 -11.25 -13.52 -26.01
C LYS A 94 -11.84 -12.51 -26.98
N THR A 95 -12.71 -11.65 -26.46
CA THR A 95 -13.48 -10.74 -27.31
C THR A 95 -12.57 -9.72 -27.98
N GLU A 96 -11.69 -9.10 -27.20
CA GLU A 96 -10.85 -8.02 -27.69
C GLU A 96 -9.49 -8.54 -28.14
N LEU A 97 -9.21 -9.80 -27.81
CA LEU A 97 -7.90 -10.38 -28.07
C LEU A 97 -6.79 -9.60 -27.39
N VAL A 98 -6.82 -9.55 -26.06
CA VAL A 98 -5.89 -8.75 -25.30
C VAL A 98 -5.24 -9.56 -24.18
N THR A 99 -4.21 -9.00 -23.57
CA THR A 99 -3.48 -9.68 -22.50
C THR A 99 -4.33 -9.78 -21.24
N ALA A 100 -3.93 -10.68 -20.33
CA ALA A 100 -4.66 -10.89 -19.09
C ALA A 100 -4.81 -9.60 -18.31
N ASP A 101 -3.70 -8.88 -18.14
CA ASP A 101 -3.69 -7.68 -17.31
C ASP A 101 -4.41 -6.53 -17.98
N ASN A 102 -4.30 -6.44 -19.29
CA ASN A 102 -5.03 -5.46 -20.08
C ASN A 102 -6.53 -5.69 -19.97
N ALA A 103 -6.94 -6.96 -20.05
CA ALA A 103 -8.35 -7.32 -19.95
C ALA A 103 -8.92 -6.91 -18.60
N VAL A 104 -8.17 -7.19 -17.53
CA VAL A 104 -8.57 -6.79 -16.19
C VAL A 104 -8.82 -5.28 -16.11
N ASN A 105 -7.86 -4.51 -16.63
CA ASN A 105 -7.98 -3.06 -16.63
C ASN A 105 -9.24 -2.60 -17.35
N LYS A 106 -9.52 -3.21 -18.50
CA LYS A 106 -10.66 -2.83 -19.31
C LYS A 106 -11.97 -3.10 -18.58
N VAL A 107 -12.07 -4.27 -17.97
CA VAL A 107 -13.28 -4.66 -17.25
C VAL A 107 -13.54 -3.74 -16.07
N ILE A 108 -12.49 -3.44 -15.31
CA ILE A 108 -12.61 -2.59 -14.14
C ILE A 108 -13.01 -1.17 -14.52
N GLU A 109 -12.35 -0.63 -15.54
CA GLU A 109 -12.65 0.72 -16.01
C GLU A 109 -14.07 0.81 -16.55
N GLN A 110 -14.50 -0.23 -17.25
CA GLN A 110 -15.85 -0.28 -17.82
C GLN A 110 -16.90 -0.16 -16.73
N ASN A 111 -16.83 -1.04 -15.73
CA ASN A 111 -17.81 -1.07 -14.66
C ASN A 111 -17.72 0.18 -13.79
N ALA A 112 -16.49 0.62 -13.53
CA ALA A 112 -16.26 1.81 -12.74
C ALA A 112 -16.84 3.05 -13.41
N SER A 113 -16.65 3.15 -14.72
CA SER A 113 -17.17 4.28 -15.48
C SER A 113 -18.68 4.36 -15.39
N VAL A 114 -19.34 3.20 -15.51
CA VAL A 114 -20.80 3.13 -15.38
C VAL A 114 -21.25 3.60 -14.01
N MET A 115 -20.63 3.05 -12.96
CA MET A 115 -21.00 3.39 -11.60
C MET A 115 -20.90 4.89 -11.35
N GLU A 116 -19.86 5.51 -11.89
CA GLU A 116 -19.66 6.94 -11.74
C GLU A 116 -20.68 7.72 -12.56
N SER A 117 -20.98 7.23 -13.75
CA SER A 117 -21.89 7.90 -14.67
C SER A 117 -23.33 7.88 -14.14
N LEU A 118 -23.60 6.94 -13.25
CA LEU A 118 -24.91 6.85 -12.61
C LEU A 118 -25.06 7.87 -11.50
N ASN A 119 -23.95 8.53 -11.14
CA ASN A 119 -23.97 9.52 -10.08
C ASN A 119 -24.39 8.89 -8.75
N ASP A 120 -24.04 7.63 -8.56
CA ASP A 120 -24.38 6.92 -7.33
C ASP A 120 -23.15 6.76 -6.43
N GLU A 121 -23.13 7.54 -5.35
CA GLU A 121 -21.94 7.65 -4.51
C GLU A 121 -21.57 6.31 -3.89
N TYR A 122 -22.58 5.51 -3.59
CA TYR A 122 -22.37 4.16 -3.08
C TYR A 122 -21.62 3.31 -4.10
N LEU A 123 -22.09 3.33 -5.34
CA LEU A 123 -21.47 2.54 -6.41
C LEU A 123 -20.10 3.07 -6.77
N LYS A 124 -19.92 4.38 -6.60
CA LYS A 124 -18.61 5.01 -6.80
C LYS A 124 -17.58 4.45 -5.83
N GLU A 125 -17.99 4.28 -4.57
CA GLU A 125 -17.15 3.61 -3.58
C GLU A 125 -16.84 2.18 -3.99
N ARG A 126 -17.86 1.49 -4.52
CA ARG A 126 -17.68 0.13 -5.01
C ARG A 126 -16.75 0.09 -6.21
N ALA A 127 -16.81 1.14 -7.02
CA ALA A 127 -15.90 1.26 -8.17
C ALA A 127 -14.45 1.32 -7.72
N VAL A 128 -14.20 2.04 -6.64
CA VAL A 128 -12.87 2.09 -6.03
C VAL A 128 -12.43 0.71 -5.55
N ASP A 129 -13.36 -0.01 -4.92
CA ASP A 129 -13.10 -1.37 -4.49
C ASP A 129 -12.69 -2.25 -5.66
N LEU A 130 -13.39 -2.10 -6.78
CA LEU A 130 -13.05 -2.84 -7.99
C LEU A 130 -11.64 -2.50 -8.46
N ARG A 131 -11.28 -1.23 -8.41
CA ARG A 131 -9.98 -0.77 -8.85
C ARG A 131 -8.87 -1.36 -8.00
N ASP A 132 -9.11 -1.44 -6.70
CA ASP A 132 -8.15 -2.04 -5.78
C ASP A 132 -7.92 -3.52 -6.10
N VAL A 133 -9.02 -4.25 -6.31
CA VAL A 133 -8.93 -5.67 -6.62
C VAL A 133 -8.25 -5.90 -7.97
N GLY A 134 -8.64 -5.10 -8.96
CA GLY A 134 -8.07 -5.21 -10.30
C GLY A 134 -6.56 -4.99 -10.28
N ASN A 135 -6.13 -3.98 -9.52
CA ASN A 135 -4.70 -3.67 -9.40
C ASN A 135 -3.93 -4.85 -8.81
N ARG A 136 -4.51 -5.47 -7.79
CA ARG A 136 -3.88 -6.63 -7.15
C ARG A 136 -3.68 -7.76 -8.15
N ILE A 137 -4.68 -8.00 -8.99
CA ILE A 137 -4.60 -9.03 -10.01
C ILE A 137 -3.51 -8.73 -11.02
N ILE A 138 -3.48 -7.49 -11.50
CA ILE A 138 -2.49 -7.07 -12.49
C ILE A 138 -1.07 -7.19 -11.93
N GLU A 139 -0.90 -6.76 -10.68
CA GLU A 139 0.40 -6.86 -10.03
C GLU A 139 0.85 -8.31 -9.89
N ASN A 140 -0.10 -9.19 -9.61
CA ASN A 140 0.20 -10.61 -9.49
C ASN A 140 0.49 -11.24 -10.84
N LEU A 141 -0.12 -10.68 -11.88
CA LEU A 141 0.17 -11.09 -13.26
C LEU A 141 1.55 -10.63 -13.68
N LEU A 142 1.91 -9.41 -13.29
CA LEU A 142 3.20 -8.83 -13.66
C LEU A 142 4.32 -9.37 -12.80
N GLY A 143 4.00 -9.74 -11.57
CA GLY A 143 5.00 -10.20 -10.61
C GLY A 143 5.61 -9.04 -9.84
N VAL A 144 4.79 -8.03 -9.55
CA VAL A 144 5.26 -6.85 -8.83
C VAL A 144 5.55 -7.18 -7.37
N LYS A 145 6.76 -6.91 -6.94
CA LYS A 145 7.18 -7.22 -5.58
C LYS A 145 7.64 -5.98 -4.83
N SER A 146 7.76 -6.10 -3.51
CA SER A 146 8.21 -4.98 -2.69
C SER A 146 9.08 -5.47 -1.54
N VAL A 147 9.70 -4.53 -0.82
CA VAL A 147 10.63 -4.87 0.24
C VAL A 147 9.92 -5.45 1.45
N ASN A 148 10.32 -6.65 1.85
CA ASN A 148 9.67 -7.35 2.95
C ASN A 148 10.21 -6.90 4.30
N LEU A 149 9.75 -5.74 4.75
CA LEU A 149 10.18 -5.20 6.04
C LEU A 149 9.41 -5.82 7.20
N SER A 150 8.40 -6.63 6.86
CA SER A 150 7.63 -7.34 7.87
C SER A 150 8.43 -8.51 8.45
N ASP A 151 9.57 -8.80 7.84
CA ASP A 151 10.45 -9.86 8.32
C ASP A 151 11.42 -9.35 9.36
N LEU A 152 11.33 -8.06 9.67
CA LEU A 152 12.17 -7.45 10.68
C LEU A 152 11.73 -7.83 12.08
N GLU A 153 12.69 -7.98 12.99
CA GLU A 153 12.40 -8.32 14.38
C GLU A 153 12.93 -7.26 15.33
N GLU A 154 12.95 -6.01 14.88
CA GLU A 154 13.46 -4.91 15.69
C GLU A 154 12.66 -3.64 15.46
N GLU A 155 12.42 -2.89 16.53
CA GLU A 155 11.65 -1.66 16.45
C GLU A 155 12.44 -0.55 15.79
N VAL A 156 12.18 -0.33 14.51
CA VAL A 156 12.98 0.60 13.71
C VAL A 156 12.10 1.61 13.00
N VAL A 157 12.72 2.51 12.25
CA VAL A 157 11.99 3.52 11.48
C VAL A 157 11.75 3.06 10.05
N VAL A 158 10.48 3.02 9.66
CA VAL A 158 10.10 2.55 8.33
C VAL A 158 9.99 3.71 7.34
N ILE A 159 10.83 3.68 6.31
CA ILE A 159 10.77 4.67 5.25
C ILE A 159 10.14 4.08 3.98
N ALA A 160 9.10 4.74 3.49
CA ALA A 160 8.33 4.23 2.36
C ALA A 160 8.11 5.31 1.31
N ARG A 161 8.17 4.91 0.04
CA ARG A 161 7.78 5.80 -1.05
C ARG A 161 6.32 6.20 -0.96
N ASP A 162 5.44 5.20 -0.94
CA ASP A 162 4.00 5.45 -0.85
C ASP A 162 3.31 4.35 -0.04
N LEU A 163 2.00 4.51 0.16
CA LEU A 163 1.24 3.58 0.97
C LEU A 163 -0.01 3.12 0.23
N THR A 164 -0.39 1.86 0.45
CA THR A 164 -1.67 1.35 -0.03
C THR A 164 -2.44 0.65 1.08
N PRO A 165 -3.76 0.59 0.93
CA PRO A 165 -4.60 -0.11 1.89
C PRO A 165 -4.11 -1.54 2.11
N SER A 166 -3.65 -2.18 1.04
CA SER A 166 -3.22 -3.56 1.10
C SER A 166 -1.93 -3.71 1.91
N ASP A 167 -0.99 -2.80 1.69
CA ASP A 167 0.30 -2.85 2.37
C ASP A 167 0.16 -2.51 3.85
N THR A 168 -0.57 -1.44 4.12
CA THR A 168 -0.72 -0.96 5.50
C THR A 168 -1.52 -1.94 6.34
N ALA A 169 -2.43 -2.67 5.70
CA ALA A 169 -3.20 -3.70 6.37
C ALA A 169 -2.29 -4.80 6.92
N THR A 170 -1.16 -5.01 6.25
CA THR A 170 -0.24 -6.08 6.63
C THR A 170 1.02 -5.54 7.26
N MET A 171 0.98 -4.26 7.65
CA MET A 171 2.13 -3.59 8.23
C MET A 171 2.41 -4.11 9.64
N LYS A 172 3.56 -4.75 9.82
CA LYS A 172 3.96 -5.27 11.12
C LYS A 172 4.24 -4.13 12.10
N LYS A 173 3.18 -3.53 12.62
CA LYS A 173 3.30 -2.32 13.43
C LYS A 173 4.09 -2.60 14.70
N GLU A 174 4.16 -3.87 15.09
CA GLU A 174 4.84 -4.25 16.32
C GLU A 174 6.30 -3.83 16.32
N MET A 175 6.89 -3.80 15.13
CA MET A 175 8.31 -3.50 14.99
C MET A 175 8.53 -2.16 14.29
N VAL A 176 7.60 -1.24 14.50
CA VAL A 176 7.73 0.11 13.96
C VAL A 176 7.94 1.14 15.07
N LEU A 177 9.17 1.63 15.18
CA LEU A 177 9.49 2.69 16.13
C LEU A 177 9.08 4.06 15.59
N GLY A 178 9.32 4.27 14.29
CA GLY A 178 8.95 5.51 13.64
C GLY A 178 8.60 5.28 12.17
N PHE A 179 8.18 6.34 11.50
CA PHE A 179 7.74 6.25 10.11
C PHE A 179 7.90 7.58 9.39
N ALA A 180 8.34 7.51 8.14
CA ALA A 180 8.31 8.66 7.25
C ALA A 180 8.22 8.24 5.79
N THR A 181 7.53 9.04 4.98
CA THR A 181 7.21 8.66 3.61
C THR A 181 7.27 9.86 2.68
N ASP A 182 7.52 9.60 1.40
CA ASP A 182 7.48 10.64 0.38
C ASP A 182 6.09 11.25 0.28
N VAL A 183 5.09 10.40 0.09
CA VAL A 183 3.70 10.86 0.02
C VAL A 183 2.80 10.02 0.93
N GLY A 184 2.08 10.71 1.82
CA GLY A 184 1.18 10.03 2.75
C GLY A 184 -0.05 9.50 2.03
N GLY A 185 0.12 8.42 1.28
CA GLY A 185 -0.98 7.80 0.55
C GLY A 185 -2.02 7.23 1.52
N ARG A 186 -1.56 6.77 2.68
CA ARG A 186 -2.45 6.30 3.72
C ARG A 186 -2.16 6.99 5.05
N THR A 187 -2.28 8.31 5.06
CA THR A 187 -2.03 9.10 6.27
C THR A 187 -2.96 8.67 7.40
N SER A 188 -4.19 8.35 7.06
CA SER A 188 -5.17 7.89 8.05
C SER A 188 -4.67 6.64 8.77
N HIS A 189 -4.36 5.60 8.00
CA HIS A 189 -3.86 4.36 8.57
C HIS A 189 -2.57 4.58 9.36
N THR A 190 -1.70 5.43 8.82
CA THR A 190 -0.45 5.77 9.49
C THR A 190 -0.71 6.41 10.85
N ALA A 191 -1.63 7.37 10.89
CA ALA A 191 -1.96 8.05 12.12
C ALA A 191 -2.58 7.09 13.13
N ILE A 192 -3.42 6.19 12.65
CA ILE A 192 -4.05 5.19 13.50
C ILE A 192 -3.02 4.26 14.13
N MET A 193 -2.10 3.76 13.31
CA MET A 193 -1.03 2.90 13.79
C MET A 193 -0.08 3.67 14.71
N ALA A 194 0.15 4.94 14.40
CA ALA A 194 0.98 5.79 15.23
C ALA A 194 0.39 5.98 16.62
N ARG A 195 -0.93 6.17 16.67
CA ARG A 195 -1.64 6.30 17.94
C ARG A 195 -1.63 4.97 18.69
N SER A 196 -1.77 3.88 17.96
CA SER A 196 -1.71 2.54 18.55
C SER A 196 -0.35 2.29 19.18
N LEU A 197 0.71 2.68 18.48
CA LEU A 197 2.07 2.43 18.93
C LEU A 197 2.56 3.56 19.83
N GLU A 198 1.87 4.69 19.80
CA GLU A 198 2.33 5.89 20.47
C GLU A 198 3.67 6.36 19.91
N ILE A 199 3.74 6.49 18.59
CA ILE A 199 4.96 6.93 17.93
C ILE A 199 4.70 8.09 17.00
N PRO A 200 5.75 8.84 16.67
CA PRO A 200 5.64 9.95 15.73
C PRO A 200 5.56 9.45 14.30
N ALA A 201 5.12 10.34 13.40
CA ALA A 201 5.13 10.05 11.97
C ALA A 201 5.12 11.31 11.14
N VAL A 202 5.95 11.36 10.11
CA VAL A 202 6.04 12.53 9.24
C VAL A 202 5.85 12.13 7.78
N VAL A 203 4.86 12.74 7.14
CA VAL A 203 4.49 12.37 5.78
C VAL A 203 4.59 13.55 4.84
N GLY A 204 4.68 13.26 3.54
CA GLY A 204 4.71 14.31 2.53
C GLY A 204 6.08 14.98 2.47
N LEU A 205 7.13 14.19 2.62
CA LEU A 205 8.49 14.71 2.64
C LEU A 205 9.06 14.77 1.23
N GLY A 206 8.32 14.23 0.27
CA GLY A 206 8.67 14.38 -1.15
C GLY A 206 9.66 13.31 -1.58
N ASN A 207 10.86 13.36 -1.02
CA ASN A 207 11.93 12.47 -1.42
C ASN A 207 12.75 12.01 -0.22
N VAL A 208 12.05 11.63 0.85
CA VAL A 208 12.72 11.09 2.03
C VAL A 208 13.37 9.75 1.74
N THR A 209 12.89 9.08 0.69
CA THR A 209 13.45 7.80 0.28
C THR A 209 14.84 7.98 -0.33
N SER A 210 15.11 9.18 -0.81
CA SER A 210 16.42 9.51 -1.37
C SER A 210 17.37 10.04 -0.30
N GLN A 211 16.79 10.64 0.75
CA GLN A 211 17.58 11.22 1.82
C GLN A 211 17.82 10.21 2.93
N VAL A 212 16.89 9.27 3.08
CA VAL A 212 17.03 8.21 4.08
C VAL A 212 16.91 6.83 3.44
N LYS A 213 17.99 6.06 3.52
CA LYS A 213 18.03 4.74 2.91
C LYS A 213 18.33 3.66 3.94
N ALA A 214 18.12 2.40 3.56
CA ALA A 214 18.31 1.28 4.47
C ALA A 214 19.74 1.24 4.99
N GLY A 215 19.88 1.22 6.31
CA GLY A 215 21.20 1.15 6.94
C GLY A 215 21.59 2.49 7.54
N ASP A 216 20.92 3.55 7.11
CA ASP A 216 21.20 4.89 7.62
C ASP A 216 20.66 5.06 9.03
N LEU A 217 21.10 6.12 9.70
CA LEU A 217 20.54 6.50 11.00
C LEU A 217 19.55 7.65 10.85
N VAL A 218 18.34 7.46 11.35
CA VAL A 218 17.24 8.39 11.10
C VAL A 218 16.49 8.72 12.39
N ILE A 219 16.15 9.99 12.54
CA ILE A 219 15.27 10.41 13.64
C ILE A 219 13.98 11.02 13.11
N VAL A 220 12.85 10.49 13.57
CA VAL A 220 11.55 11.03 13.21
C VAL A 220 10.99 11.90 14.33
N ASP A 221 11.11 13.21 14.17
CA ASP A 221 10.65 14.15 15.19
C ASP A 221 9.29 14.73 14.84
N GLY A 222 8.23 14.10 15.34
CA GLY A 222 6.87 14.53 15.04
C GLY A 222 6.50 15.78 15.81
N LEU A 223 7.19 16.03 16.92
CA LEU A 223 6.97 17.22 17.72
C LEU A 223 7.31 18.48 16.93
N GLU A 224 8.37 18.41 16.14
CA GLU A 224 8.77 19.53 15.30
C GLU A 224 8.39 19.29 13.84
N GLY A 225 8.07 18.04 13.52
CA GLY A 225 7.59 17.68 12.19
C GLY A 225 8.74 17.59 11.20
N ILE A 226 9.88 17.07 11.66
CA ILE A 226 11.07 16.99 10.84
C ILE A 226 11.71 15.61 10.93
N VAL A 227 12.47 15.24 9.90
CA VAL A 227 13.27 14.03 9.94
C VAL A 227 14.76 14.33 9.75
N ILE A 228 15.59 13.70 10.58
CA ILE A 228 17.01 14.00 10.61
C ILE A 228 17.83 12.86 10.01
N VAL A 229 18.72 13.20 9.08
CA VAL A 229 19.49 12.20 8.36
C VAL A 229 20.89 12.07 8.95
N ASN A 230 21.20 10.88 9.45
CA ASN A 230 22.55 10.58 9.93
C ASN A 230 23.03 11.62 10.94
N PRO A 231 22.30 11.73 12.05
CA PRO A 231 22.68 12.65 13.12
C PRO A 231 23.93 12.16 13.84
N ASP A 232 24.68 13.10 14.41
CA ASP A 232 25.86 12.75 15.21
C ASP A 232 25.50 12.51 16.67
N GLU A 233 26.51 12.27 17.49
CA GLU A 233 26.29 11.89 18.88
C GLU A 233 25.44 12.94 19.60
N LYS A 234 25.89 14.19 19.54
CA LYS A 234 25.19 15.28 20.22
C LYS A 234 23.76 15.41 19.72
N THR A 235 23.58 15.43 18.41
CA THR A 235 22.27 15.60 17.80
C THR A 235 21.28 14.56 18.34
N VAL A 236 21.71 13.31 18.36
CA VAL A 236 20.88 12.22 18.88
C VAL A 236 20.52 12.46 20.34
N GLU A 237 21.52 12.83 21.14
CA GLU A 237 21.32 13.05 22.57
C GLU A 237 20.38 14.23 22.82
N ASP A 238 20.48 15.23 21.96
CA ASP A 238 19.61 16.40 22.07
C ASP A 238 18.15 16.03 21.87
N TYR A 239 17.90 15.16 20.91
CA TYR A 239 16.54 14.70 20.62
C TYR A 239 16.07 13.69 21.66
N LYS A 240 17.01 12.95 22.22
CA LYS A 240 16.72 12.08 23.35
C LYS A 240 16.28 12.88 24.57
N SER A 241 16.95 14.00 24.81
CA SER A 241 16.55 14.91 25.88
C SER A 241 15.16 15.48 25.64
N LYS A 242 14.91 15.92 24.40
CA LYS A 242 13.60 16.42 24.01
C LYS A 242 12.53 15.34 24.19
N LYS A 243 12.86 14.13 23.78
CA LYS A 243 11.94 13.00 23.90
C LYS A 243 11.54 12.78 25.36
N GLU A 244 12.53 12.77 26.24
CA GLU A 244 12.28 12.61 27.67
C GLU A 244 11.41 13.73 28.21
N SER A 245 11.76 14.97 27.85
CA SER A 245 11.05 16.14 28.36
C SER A 245 9.58 16.13 27.94
N TYR A 246 9.31 15.50 26.80
CA TYR A 246 7.93 15.36 26.32
C TYR A 246 7.21 14.24 27.06
N GLU A 247 7.81 13.06 27.06
CA GLU A 247 7.14 11.87 27.56
C GLU A 247 7.13 11.83 29.08
N LYS A 248 8.26 12.19 29.68
CA LYS A 248 8.41 12.13 31.13
C LYS A 248 8.00 13.45 31.78
#